data_5CQ5
# 
_entry.id   5CQ5 
# 
_audit_conform.dict_name       mmcif_pdbx.dic 
_audit_conform.dict_version    5.391 
_audit_conform.dict_location   http://mmcif.pdb.org/dictionaries/ascii/mmcif_pdbx.dic 
# 
loop_
_database_2.database_id 
_database_2.database_code 
_database_2.pdbx_database_accession 
_database_2.pdbx_DOI 
PDB   5CQ5         pdb_00005cq5 10.2210/pdb5cq5/pdb 
WWPDB D_1000212022 ?            ?                   
# 
loop_
_pdbx_audit_revision_history.ordinal 
_pdbx_audit_revision_history.data_content_type 
_pdbx_audit_revision_history.major_revision 
_pdbx_audit_revision_history.minor_revision 
_pdbx_audit_revision_history.revision_date 
1 'Structure model' 1 0 2015-09-09 
2 'Structure model' 1 1 2024-05-08 
# 
_pdbx_audit_revision_details.ordinal             1 
_pdbx_audit_revision_details.revision_ordinal    1 
_pdbx_audit_revision_details.data_content_type   'Structure model' 
_pdbx_audit_revision_details.provider            repository 
_pdbx_audit_revision_details.type                'Initial release' 
_pdbx_audit_revision_details.description         ? 
_pdbx_audit_revision_details.details             ? 
# 
loop_
_pdbx_audit_revision_group.ordinal 
_pdbx_audit_revision_group.revision_ordinal 
_pdbx_audit_revision_group.data_content_type 
_pdbx_audit_revision_group.group 
1 2 'Structure model' 'Data collection'     
2 2 'Structure model' 'Database references' 
# 
loop_
_pdbx_audit_revision_category.ordinal 
_pdbx_audit_revision_category.revision_ordinal 
_pdbx_audit_revision_category.data_content_type 
_pdbx_audit_revision_category.category 
1 2 'Structure model' chem_comp_atom              
2 2 'Structure model' chem_comp_bond              
3 2 'Structure model' database_2                  
4 2 'Structure model' diffrn_radiation_wavelength 
# 
loop_
_pdbx_audit_revision_item.ordinal 
_pdbx_audit_revision_item.revision_ordinal 
_pdbx_audit_revision_item.data_content_type 
_pdbx_audit_revision_item.item 
1 2 'Structure model' '_database_2.pdbx_DOI'                
2 2 'Structure model' '_database_2.pdbx_database_accession' 
# 
_pdbx_database_status.status_code                     REL 
_pdbx_database_status.status_code_sf                  REL 
_pdbx_database_status.status_code_mr                  ? 
_pdbx_database_status.entry_id                        5CQ5 
_pdbx_database_status.recvd_initial_deposition_date   2015-07-21 
_pdbx_database_status.SG_entry                        Y 
_pdbx_database_status.deposit_site                    RCSB 
_pdbx_database_status.process_site                    PDBE 
_pdbx_database_status.status_code_cs                  ? 
_pdbx_database_status.methods_development_category    ? 
_pdbx_database_status.pdb_format_compatible           Y 
_pdbx_database_status.status_code_nmr_data            ? 
# 
loop_
_audit_author.name 
_audit_author.pdbx_ordinal 
'Bradley, A.'                          1  
'Pearce, N.'                           2  
'Krojer, T.'                           3  
'Ng, J.'                               4  
'Talon, R.'                            5  
'Vollmar, M.'                          6  
'Jose, B.'                             7  
'von Delft, F.'                        8  
'Bountra, C.'                          9  
'Arrowsmith, C.H.'                     10 
'Edwards, A.'                          11 
'Knapp, S.'                            12 
'Structural Genomics Consortium (SGC)' 13 
# 
_citation.abstract                  ? 
_citation.abstract_id_CAS           ? 
_citation.book_id_ISBN              ? 
_citation.book_publisher            ? 
_citation.book_publisher_city       ? 
_citation.book_title                ? 
_citation.coordinate_linkage        ? 
_citation.country                   ? 
_citation.database_id_Medline       ? 
_citation.details                   ? 
_citation.id                        primary 
_citation.journal_abbrev            'To be published' 
_citation.journal_id_ASTM           ? 
_citation.journal_id_CSD            0353 
_citation.journal_id_ISSN           ? 
_citation.journal_full              ? 
_citation.journal_issue             ? 
_citation.journal_volume            ? 
_citation.language                  ? 
_citation.page_first                ? 
_citation.page_last                 ? 
_citation.title                     
;Crystal structure of the second bromodomain of bromodomain adjancent to zinc finger domain protein 2B (BAZ2B) in complex with 2,3-Ethylenedioxybenzoic Acid (SGC - Diamond I04-1 fragment screening)
;
_citation.year                      ? 
_citation.database_id_CSD           ? 
_citation.pdbx_database_id_DOI      ? 
_citation.pdbx_database_id_PubMed   ? 
_citation.unpublished_flag          ? 
# 
loop_
_citation_author.citation_id 
_citation_author.name 
_citation_author.ordinal 
_citation_author.identifier_ORCID 
primary 'Bradley, A.'                          1  ? 
primary 'Pearce, N.'                           2  ? 
primary 'Krojer, T.'                           3  ? 
primary 'Ng, J.'                               4  ? 
primary 'Talon, R.'                            5  ? 
primary 'Vollmar, M.'                          6  ? 
primary 'Jose, B.'                             7  ? 
primary 'von Delft, F.'                        8  ? 
primary 'Bountra, C.'                          9  ? 
primary 'Arrowsmith, C.H.'                     10 ? 
primary 'Edwards, A.'                          11 ? 
primary 'Knapp, S.'                            12 ? 
primary 'Structural Genomics Consortium (SGC)' 13 ? 
# 
loop_
_entity.id 
_entity.type 
_entity.src_method 
_entity.pdbx_description 
_entity.formula_weight 
_entity.pdbx_number_of_molecules 
_entity.pdbx_ec 
_entity.pdbx_mutation 
_entity.pdbx_fragment 
_entity.details 
1 polymer     man 'Bromodomain adjacent to zinc finger domain protein 2B' 14057.129 1   ? ? Bromodomain ? 
2 non-polymer syn 1,2-ETHANEDIOL                                          62.068    2   ? ? ?           ? 
3 non-polymer syn '2,3-dihydro-1,4-benzodioxine-5-carboxylic acid'        180.157   2   ? ? ?           ? 
4 water       nat water                                                   18.015    177 ? ? ?           ? 
# 
_entity_name_com.entity_id   1 
_entity_name_com.name        hWALp4 
# 
_entity_poly.entity_id                      1 
_entity_poly.type                           'polypeptide(L)' 
_entity_poly.nstd_linkage                   no 
_entity_poly.nstd_monomer                   no 
_entity_poly.pdbx_seq_one_letter_code       
;YFQSMSVKKPKRDDSKDLALCSMILTEMETHEDAWPFLLPVNLKLVPGYKKVIKKPMDFSTIREKLSSGQYPNLETFALD
VRLVFDNCETFNEDDSDIGRAGHNMRKYFEKKWTDTFKVS
;
_entity_poly.pdbx_seq_one_letter_code_can   
;YFQSMSVKKPKRDDSKDLALCSMILTEMETHEDAWPFLLPVNLKLVPGYKKVIKKPMDFSTIREKLSSGQYPNLETFALD
VRLVFDNCETFNEDDSDIGRAGHNMRKYFEKKWTDTFKVS
;
_entity_poly.pdbx_strand_id                 A 
_entity_poly.pdbx_target_identifier         ? 
# 
loop_
_pdbx_entity_nonpoly.entity_id 
_pdbx_entity_nonpoly.name 
_pdbx_entity_nonpoly.comp_id 
2 1,2-ETHANEDIOL                                   EDO 
3 '2,3-dihydro-1,4-benzodioxine-5-carboxylic acid' 53E 
4 water                                            HOH 
# 
loop_
_entity_poly_seq.entity_id 
_entity_poly_seq.num 
_entity_poly_seq.mon_id 
_entity_poly_seq.hetero 
1 1   TYR n 
1 2   PHE n 
1 3   GLN n 
1 4   SER n 
1 5   MET n 
1 6   SER n 
1 7   VAL n 
1 8   LYS n 
1 9   LYS n 
1 10  PRO n 
1 11  LYS n 
1 12  ARG n 
1 13  ASP n 
1 14  ASP n 
1 15  SER n 
1 16  LYS n 
1 17  ASP n 
1 18  LEU n 
1 19  ALA n 
1 20  LEU n 
1 21  CYS n 
1 22  SER n 
1 23  MET n 
1 24  ILE n 
1 25  LEU n 
1 26  THR n 
1 27  GLU n 
1 28  MET n 
1 29  GLU n 
1 30  THR n 
1 31  HIS n 
1 32  GLU n 
1 33  ASP n 
1 34  ALA n 
1 35  TRP n 
1 36  PRO n 
1 37  PHE n 
1 38  LEU n 
1 39  LEU n 
1 40  PRO n 
1 41  VAL n 
1 42  ASN n 
1 43  LEU n 
1 44  LYS n 
1 45  LEU n 
1 46  VAL n 
1 47  PRO n 
1 48  GLY n 
1 49  TYR n 
1 50  LYS n 
1 51  LYS n 
1 52  VAL n 
1 53  ILE n 
1 54  LYS n 
1 55  LYS n 
1 56  PRO n 
1 57  MET n 
1 58  ASP n 
1 59  PHE n 
1 60  SER n 
1 61  THR n 
1 62  ILE n 
1 63  ARG n 
1 64  GLU n 
1 65  LYS n 
1 66  LEU n 
1 67  SER n 
1 68  SER n 
1 69  GLY n 
1 70  GLN n 
1 71  TYR n 
1 72  PRO n 
1 73  ASN n 
1 74  LEU n 
1 75  GLU n 
1 76  THR n 
1 77  PHE n 
1 78  ALA n 
1 79  LEU n 
1 80  ASP n 
1 81  VAL n 
1 82  ARG n 
1 83  LEU n 
1 84  VAL n 
1 85  PHE n 
1 86  ASP n 
1 87  ASN n 
1 88  CYS n 
1 89  GLU n 
1 90  THR n 
1 91  PHE n 
1 92  ASN n 
1 93  GLU n 
1 94  ASP n 
1 95  ASP n 
1 96  SER n 
1 97  ASP n 
1 98  ILE n 
1 99  GLY n 
1 100 ARG n 
1 101 ALA n 
1 102 GLY n 
1 103 HIS n 
1 104 ASN n 
1 105 MET n 
1 106 ARG n 
1 107 LYS n 
1 108 TYR n 
1 109 PHE n 
1 110 GLU n 
1 111 LYS n 
1 112 LYS n 
1 113 TRP n 
1 114 THR n 
1 115 ASP n 
1 116 THR n 
1 117 PHE n 
1 118 LYS n 
1 119 VAL n 
1 120 SER n 
# 
_entity_src_gen.entity_id                          1 
_entity_src_gen.pdbx_src_id                        1 
_entity_src_gen.pdbx_alt_source_flag               sample 
_entity_src_gen.pdbx_seq_type                      'Biological sequence' 
_entity_src_gen.pdbx_beg_seq_num                   1 
_entity_src_gen.pdbx_end_seq_num                   120 
_entity_src_gen.gene_src_common_name               Human 
_entity_src_gen.gene_src_genus                     ? 
_entity_src_gen.pdbx_gene_src_gene                 'BAZ2B, KIAA1476' 
_entity_src_gen.gene_src_species                   ? 
_entity_src_gen.gene_src_strain                    ? 
_entity_src_gen.gene_src_tissue                    ? 
_entity_src_gen.gene_src_tissue_fraction           ? 
_entity_src_gen.gene_src_details                   ? 
_entity_src_gen.pdbx_gene_src_fragment             ? 
_entity_src_gen.pdbx_gene_src_scientific_name      'Homo sapiens' 
_entity_src_gen.pdbx_gene_src_ncbi_taxonomy_id     9606 
_entity_src_gen.pdbx_gene_src_variant              ? 
_entity_src_gen.pdbx_gene_src_cell_line            ? 
_entity_src_gen.pdbx_gene_src_atcc                 ? 
_entity_src_gen.pdbx_gene_src_organ                ? 
_entity_src_gen.pdbx_gene_src_organelle            ? 
_entity_src_gen.pdbx_gene_src_cell                 ? 
_entity_src_gen.pdbx_gene_src_cellular_location    ? 
_entity_src_gen.host_org_common_name               ? 
_entity_src_gen.pdbx_host_org_scientific_name      'Escherichia coli' 
_entity_src_gen.pdbx_host_org_ncbi_taxonomy_id     562 
_entity_src_gen.host_org_genus                     ? 
_entity_src_gen.pdbx_host_org_gene                 ? 
_entity_src_gen.pdbx_host_org_organ                ? 
_entity_src_gen.host_org_species                   ? 
_entity_src_gen.pdbx_host_org_tissue               ? 
_entity_src_gen.pdbx_host_org_tissue_fraction      ? 
_entity_src_gen.pdbx_host_org_strain               ? 
_entity_src_gen.pdbx_host_org_variant              ? 
_entity_src_gen.pdbx_host_org_cell_line            ? 
_entity_src_gen.pdbx_host_org_atcc                 ? 
_entity_src_gen.pdbx_host_org_culture_collection   ? 
_entity_src_gen.pdbx_host_org_cell                 ? 
_entity_src_gen.pdbx_host_org_organelle            ? 
_entity_src_gen.pdbx_host_org_cellular_location    ? 
_entity_src_gen.pdbx_host_org_vector_type          ? 
_entity_src_gen.pdbx_host_org_vector               ? 
_entity_src_gen.host_org_details                   ? 
_entity_src_gen.expression_system_id               ? 
_entity_src_gen.plasmid_name                       pNIC28 
_entity_src_gen.plasmid_details                    ? 
_entity_src_gen.pdbx_description                   ? 
# 
loop_
_chem_comp.id 
_chem_comp.type 
_chem_comp.mon_nstd_flag 
_chem_comp.name 
_chem_comp.pdbx_synonyms 
_chem_comp.formula 
_chem_comp.formula_weight 
53E non-polymer         . '2,3-dihydro-1,4-benzodioxine-5-carboxylic acid' ?                 'C9 H8 O4'       180.157 
ALA 'L-peptide linking' y ALANINE                                          ?                 'C3 H7 N O2'     89.093  
ARG 'L-peptide linking' y ARGININE                                         ?                 'C6 H15 N4 O2 1' 175.209 
ASN 'L-peptide linking' y ASPARAGINE                                       ?                 'C4 H8 N2 O3'    132.118 
ASP 'L-peptide linking' y 'ASPARTIC ACID'                                  ?                 'C4 H7 N O4'     133.103 
CYS 'L-peptide linking' y CYSTEINE                                         ?                 'C3 H7 N O2 S'   121.158 
EDO non-polymer         . 1,2-ETHANEDIOL                                   'ETHYLENE GLYCOL' 'C2 H6 O2'       62.068  
GLN 'L-peptide linking' y GLUTAMINE                                        ?                 'C5 H10 N2 O3'   146.144 
GLU 'L-peptide linking' y 'GLUTAMIC ACID'                                  ?                 'C5 H9 N O4'     147.129 
GLY 'peptide linking'   y GLYCINE                                          ?                 'C2 H5 N O2'     75.067  
HIS 'L-peptide linking' y HISTIDINE                                        ?                 'C6 H10 N3 O2 1' 156.162 
HOH non-polymer         . WATER                                            ?                 'H2 O'           18.015  
ILE 'L-peptide linking' y ISOLEUCINE                                       ?                 'C6 H13 N O2'    131.173 
LEU 'L-peptide linking' y LEUCINE                                          ?                 'C6 H13 N O2'    131.173 
LYS 'L-peptide linking' y LYSINE                                           ?                 'C6 H15 N2 O2 1' 147.195 
MET 'L-peptide linking' y METHIONINE                                       ?                 'C5 H11 N O2 S'  149.211 
PHE 'L-peptide linking' y PHENYLALANINE                                    ?                 'C9 H11 N O2'    165.189 
PRO 'L-peptide linking' y PROLINE                                          ?                 'C5 H9 N O2'     115.130 
SER 'L-peptide linking' y SERINE                                           ?                 'C3 H7 N O3'     105.093 
THR 'L-peptide linking' y THREONINE                                        ?                 'C4 H9 N O3'     119.119 
TRP 'L-peptide linking' y TRYPTOPHAN                                       ?                 'C11 H12 N2 O2'  204.225 
TYR 'L-peptide linking' y TYROSINE                                         ?                 'C9 H11 N O3'    181.189 
VAL 'L-peptide linking' y VALINE                                           ?                 'C5 H11 N O2'    117.146 
# 
loop_
_pdbx_poly_seq_scheme.asym_id 
_pdbx_poly_seq_scheme.entity_id 
_pdbx_poly_seq_scheme.seq_id 
_pdbx_poly_seq_scheme.mon_id 
_pdbx_poly_seq_scheme.ndb_seq_num 
_pdbx_poly_seq_scheme.pdb_seq_num 
_pdbx_poly_seq_scheme.auth_seq_num 
_pdbx_poly_seq_scheme.pdb_mon_id 
_pdbx_poly_seq_scheme.auth_mon_id 
_pdbx_poly_seq_scheme.pdb_strand_id 
_pdbx_poly_seq_scheme.pdb_ins_code 
_pdbx_poly_seq_scheme.hetero 
A 1 1   TYR 1   1853 ?    ?   ?   A . n 
A 1 2   PHE 2   1854 ?    ?   ?   A . n 
A 1 3   GLN 3   1855 ?    ?   ?   A . n 
A 1 4   SER 4   1856 1856 SER SER A . n 
A 1 5   MET 5   1857 1857 MET MET A . n 
A 1 6   SER 6   1858 1858 SER SER A . n 
A 1 7   VAL 7   1859 1859 VAL VAL A . n 
A 1 8   LYS 8   1860 1860 LYS LYS A . n 
A 1 9   LYS 9   1861 1861 LYS LYS A . n 
A 1 10  PRO 10  1862 1862 PRO PRO A . n 
A 1 11  LYS 11  1863 1863 LYS LYS A . n 
A 1 12  ARG 12  1864 1864 ARG ARG A . n 
A 1 13  ASP 13  1865 1865 ASP ASP A . n 
A 1 14  ASP 14  1866 1866 ASP ASP A . n 
A 1 15  SER 15  1867 1867 SER SER A . n 
A 1 16  LYS 16  1868 1868 LYS LYS A . n 
A 1 17  ASP 17  1869 1869 ASP ASP A . n 
A 1 18  LEU 18  1870 1870 LEU LEU A . n 
A 1 19  ALA 19  1871 1871 ALA ALA A . n 
A 1 20  LEU 20  1872 1872 LEU LEU A . n 
A 1 21  CYS 21  1873 1873 CYS CYS A . n 
A 1 22  SER 22  1874 1874 SER SER A . n 
A 1 23  MET 23  1875 1875 MET MET A . n 
A 1 24  ILE 24  1876 1876 ILE ILE A . n 
A 1 25  LEU 25  1877 1877 LEU LEU A . n 
A 1 26  THR 26  1878 1878 THR THR A . n 
A 1 27  GLU 27  1879 1879 GLU GLU A . n 
A 1 28  MET 28  1880 1880 MET MET A . n 
A 1 29  GLU 29  1881 1881 GLU GLU A . n 
A 1 30  THR 30  1882 1882 THR THR A . n 
A 1 31  HIS 31  1883 1883 HIS HIS A . n 
A 1 32  GLU 32  1884 1884 GLU GLU A . n 
A 1 33  ASP 33  1885 1885 ASP ASP A . n 
A 1 34  ALA 34  1886 1886 ALA ALA A . n 
A 1 35  TRP 35  1887 1887 TRP TRP A . n 
A 1 36  PRO 36  1888 1888 PRO PRO A . n 
A 1 37  PHE 37  1889 1889 PHE PHE A . n 
A 1 38  LEU 38  1890 1890 LEU LEU A . n 
A 1 39  LEU 39  1891 1891 LEU LEU A . n 
A 1 40  PRO 40  1892 1892 PRO PRO A . n 
A 1 41  VAL 41  1893 1893 VAL VAL A . n 
A 1 42  ASN 42  1894 1894 ASN ASN A . n 
A 1 43  LEU 43  1895 1895 LEU LEU A . n 
A 1 44  LYS 44  1896 1896 LYS LYS A . n 
A 1 45  LEU 45  1897 1897 LEU LEU A . n 
A 1 46  VAL 46  1898 1898 VAL VAL A . n 
A 1 47  PRO 47  1899 1899 PRO PRO A . n 
A 1 48  GLY 48  1900 1900 GLY GLY A . n 
A 1 49  TYR 49  1901 1901 TYR TYR A . n 
A 1 50  LYS 50  1902 1902 LYS LYS A . n 
A 1 51  LYS 51  1903 1903 LYS LYS A . n 
A 1 52  VAL 52  1904 1904 VAL VAL A . n 
A 1 53  ILE 53  1905 1905 ILE ILE A . n 
A 1 54  LYS 54  1906 1906 LYS LYS A . n 
A 1 55  LYS 55  1907 1907 LYS LYS A . n 
A 1 56  PRO 56  1908 1908 PRO PRO A . n 
A 1 57  MET 57  1909 1909 MET MET A . n 
A 1 58  ASP 58  1910 1910 ASP ASP A . n 
A 1 59  PHE 59  1911 1911 PHE PHE A . n 
A 1 60  SER 60  1912 1912 SER SER A . n 
A 1 61  THR 61  1913 1913 THR THR A . n 
A 1 62  ILE 62  1914 1914 ILE ILE A . n 
A 1 63  ARG 63  1915 1915 ARG ARG A . n 
A 1 64  GLU 64  1916 1916 GLU GLU A . n 
A 1 65  LYS 65  1917 1917 LYS LYS A . n 
A 1 66  LEU 66  1918 1918 LEU LEU A . n 
A 1 67  SER 67  1919 1919 SER SER A . n 
A 1 68  SER 68  1920 1920 SER SER A . n 
A 1 69  GLY 69  1921 1921 GLY GLY A . n 
A 1 70  GLN 70  1922 1922 GLN GLN A . n 
A 1 71  TYR 71  1923 1923 TYR TYR A . n 
A 1 72  PRO 72  1924 1924 PRO PRO A . n 
A 1 73  ASN 73  1925 1925 ASN ASN A . n 
A 1 74  LEU 74  1926 1926 LEU LEU A . n 
A 1 75  GLU 75  1927 1927 GLU GLU A . n 
A 1 76  THR 76  1928 1928 THR THR A . n 
A 1 77  PHE 77  1929 1929 PHE PHE A . n 
A 1 78  ALA 78  1930 1930 ALA ALA A . n 
A 1 79  LEU 79  1931 1931 LEU LEU A . n 
A 1 80  ASP 80  1932 1932 ASP ASP A . n 
A 1 81  VAL 81  1933 1933 VAL VAL A . n 
A 1 82  ARG 82  1934 1934 ARG ARG A . n 
A 1 83  LEU 83  1935 1935 LEU LEU A . n 
A 1 84  VAL 84  1936 1936 VAL VAL A . n 
A 1 85  PHE 85  1937 1937 PHE PHE A . n 
A 1 86  ASP 86  1938 1938 ASP ASP A . n 
A 1 87  ASN 87  1939 1939 ASN ASN A . n 
A 1 88  CYS 88  1940 1940 CYS CYS A . n 
A 1 89  GLU 89  1941 1941 GLU GLU A . n 
A 1 90  THR 90  1942 1942 THR THR A . n 
A 1 91  PHE 91  1943 1943 PHE PHE A . n 
A 1 92  ASN 92  1944 1944 ASN ASN A . n 
A 1 93  GLU 93  1945 1945 GLU GLU A . n 
A 1 94  ASP 94  1946 1946 ASP ASP A . n 
A 1 95  ASP 95  1947 1947 ASP ASP A . n 
A 1 96  SER 96  1948 1948 SER SER A . n 
A 1 97  ASP 97  1949 1949 ASP ASP A . n 
A 1 98  ILE 98  1950 1950 ILE ILE A . n 
A 1 99  GLY 99  1951 1951 GLY GLY A . n 
A 1 100 ARG 100 1952 1952 ARG ARG A . n 
A 1 101 ALA 101 1953 1953 ALA ALA A . n 
A 1 102 GLY 102 1954 1954 GLY GLY A . n 
A 1 103 HIS 103 1955 1955 HIS HIS A . n 
A 1 104 ASN 104 1956 1956 ASN ASN A . n 
A 1 105 MET 105 1957 1957 MET MET A . n 
A 1 106 ARG 106 1958 1958 ARG ARG A . n 
A 1 107 LYS 107 1959 1959 LYS LYS A . n 
A 1 108 TYR 108 1960 1960 TYR TYR A . n 
A 1 109 PHE 109 1961 1961 PHE PHE A . n 
A 1 110 GLU 110 1962 1962 GLU GLU A . n 
A 1 111 LYS 111 1963 1963 LYS LYS A . n 
A 1 112 LYS 112 1964 1964 LYS LYS A . n 
A 1 113 TRP 113 1965 1965 TRP TRP A . n 
A 1 114 THR 114 1966 1966 THR THR A . n 
A 1 115 ASP 115 1967 1967 ASP ASP A . n 
A 1 116 THR 116 1968 1968 THR THR A . n 
A 1 117 PHE 117 1969 1969 PHE PHE A . n 
A 1 118 LYS 118 1970 ?    ?   ?   A . n 
A 1 119 VAL 119 1971 ?    ?   ?   A . n 
A 1 120 SER 120 1972 ?    ?   ?   A . n 
# 
loop_
_pdbx_nonpoly_scheme.asym_id 
_pdbx_nonpoly_scheme.entity_id 
_pdbx_nonpoly_scheme.mon_id 
_pdbx_nonpoly_scheme.ndb_seq_num 
_pdbx_nonpoly_scheme.pdb_seq_num 
_pdbx_nonpoly_scheme.auth_seq_num 
_pdbx_nonpoly_scheme.pdb_mon_id 
_pdbx_nonpoly_scheme.auth_mon_id 
_pdbx_nonpoly_scheme.pdb_strand_id 
_pdbx_nonpoly_scheme.pdb_ins_code 
B 2 EDO 1   2001 1   EDO EDO A . 
C 2 EDO 1   2002 2   EDO EDO A . 
D 3 53E 1   2003 1   53E LIG A . 
E 3 53E 1   2004 2   53E LIG A . 
F 4 HOH 1   2101 37  HOH HOH A . 
F 4 HOH 2   2102 140 HOH HOH A . 
F 4 HOH 3   2103 99  HOH HOH A . 
F 4 HOH 4   2104 38  HOH HOH A . 
F 4 HOH 5   2105 155 HOH HOH A . 
F 4 HOH 6   2106 125 HOH HOH A . 
F 4 HOH 7   2107 98  HOH HOH A . 
F 4 HOH 8   2108 173 HOH HOH A . 
F 4 HOH 9   2109 6   HOH HOH A . 
F 4 HOH 10  2110 120 HOH HOH A . 
F 4 HOH 11  2111 7   HOH HOH A . 
F 4 HOH 12  2112 69  HOH HOH A . 
F 4 HOH 13  2113 77  HOH HOH A . 
F 4 HOH 14  2114 138 HOH HOH A . 
F 4 HOH 15  2115 63  HOH HOH A . 
F 4 HOH 16  2116 73  HOH HOH A . 
F 4 HOH 17  2117 41  HOH HOH A . 
F 4 HOH 18  2118 46  HOH HOH A . 
F 4 HOH 19  2119 87  HOH HOH A . 
F 4 HOH 20  2120 49  HOH HOH A . 
F 4 HOH 21  2121 102 HOH HOH A . 
F 4 HOH 22  2122 2   HOH HOH A . 
F 4 HOH 23  2123 60  HOH HOH A . 
F 4 HOH 24  2124 9   HOH HOH A . 
F 4 HOH 25  2125 48  HOH HOH A . 
F 4 HOH 26  2126 62  HOH HOH A . 
F 4 HOH 27  2127 71  HOH HOH A . 
F 4 HOH 28  2128 14  HOH HOH A . 
F 4 HOH 29  2129 97  HOH HOH A . 
F 4 HOH 30  2130 40  HOH HOH A . 
F 4 HOH 31  2131 24  HOH HOH A . 
F 4 HOH 32  2132 35  HOH HOH A . 
F 4 HOH 33  2133 53  HOH HOH A . 
F 4 HOH 34  2134 27  HOH HOH A . 
F 4 HOH 35  2135 33  HOH HOH A . 
F 4 HOH 36  2136 74  HOH HOH A . 
F 4 HOH 37  2137 47  HOH HOH A . 
F 4 HOH 38  2138 79  HOH HOH A . 
F 4 HOH 39  2139 5   HOH HOH A . 
F 4 HOH 40  2140 39  HOH HOH A . 
F 4 HOH 41  2141 10  HOH HOH A . 
F 4 HOH 42  2142 26  HOH HOH A . 
F 4 HOH 43  2143 15  HOH HOH A . 
F 4 HOH 44  2144 22  HOH HOH A . 
F 4 HOH 45  2145 31  HOH HOH A . 
F 4 HOH 46  2146 92  HOH HOH A . 
F 4 HOH 47  2147 42  HOH HOH A . 
F 4 HOH 48  2148 51  HOH HOH A . 
F 4 HOH 49  2149 96  HOH HOH A . 
F 4 HOH 50  2150 17  HOH HOH A . 
F 4 HOH 51  2151 161 HOH HOH A . 
F 4 HOH 52  2152 16  HOH HOH A . 
F 4 HOH 53  2153 66  HOH HOH A . 
F 4 HOH 54  2154 95  HOH HOH A . 
F 4 HOH 55  2155 75  HOH HOH A . 
F 4 HOH 56  2156 21  HOH HOH A . 
F 4 HOH 57  2157 83  HOH HOH A . 
F 4 HOH 58  2158 89  HOH HOH A . 
F 4 HOH 59  2159 20  HOH HOH A . 
F 4 HOH 60  2160 115 HOH HOH A . 
F 4 HOH 61  2161 18  HOH HOH A . 
F 4 HOH 62  2162 1   HOH HOH A . 
F 4 HOH 63  2163 76  HOH HOH A . 
F 4 HOH 64  2164 36  HOH HOH A . 
F 4 HOH 65  2165 19  HOH HOH A . 
F 4 HOH 66  2166 52  HOH HOH A . 
F 4 HOH 67  2167 28  HOH HOH A . 
F 4 HOH 68  2168 126 HOH HOH A . 
F 4 HOH 69  2169 94  HOH HOH A . 
F 4 HOH 70  2170 4   HOH HOH A . 
F 4 HOH 71  2171 142 HOH HOH A . 
F 4 HOH 72  2172 57  HOH HOH A . 
F 4 HOH 73  2173 130 HOH HOH A . 
F 4 HOH 74  2174 116 HOH HOH A . 
F 4 HOH 75  2175 12  HOH HOH A . 
F 4 HOH 76  2176 101 HOH HOH A . 
F 4 HOH 77  2177 135 HOH HOH A . 
F 4 HOH 78  2178 78  HOH HOH A . 
F 4 HOH 79  2179 104 HOH HOH A . 
F 4 HOH 80  2180 54  HOH HOH A . 
F 4 HOH 81  2181 25  HOH HOH A . 
F 4 HOH 82  2182 29  HOH HOH A . 
F 4 HOH 83  2183 170 HOH HOH A . 
F 4 HOH 84  2184 8   HOH HOH A . 
F 4 HOH 85  2185 166 HOH HOH A . 
F 4 HOH 86  2186 81  HOH HOH A . 
F 4 HOH 87  2187 113 HOH HOH A . 
F 4 HOH 88  2188 58  HOH HOH A . 
F 4 HOH 89  2189 64  HOH HOH A . 
F 4 HOH 90  2190 13  HOH HOH A . 
F 4 HOH 91  2191 91  HOH HOH A . 
F 4 HOH 92  2192 34  HOH HOH A . 
F 4 HOH 93  2193 84  HOH HOH A . 
F 4 HOH 94  2194 30  HOH HOH A . 
F 4 HOH 95  2195 65  HOH HOH A . 
F 4 HOH 96  2196 3   HOH HOH A . 
F 4 HOH 97  2197 106 HOH HOH A . 
F 4 HOH 98  2198 159 HOH HOH A . 
F 4 HOH 99  2199 153 HOH HOH A . 
F 4 HOH 100 2200 11  HOH HOH A . 
F 4 HOH 101 2201 55  HOH HOH A . 
F 4 HOH 102 2202 175 HOH HOH A . 
F 4 HOH 103 2203 82  HOH HOH A . 
F 4 HOH 104 2204 174 HOH HOH A . 
F 4 HOH 105 2205 86  HOH HOH A . 
F 4 HOH 106 2206 23  HOH HOH A . 
F 4 HOH 107 2207 114 HOH HOH A . 
F 4 HOH 108 2208 122 HOH HOH A . 
F 4 HOH 109 2209 172 HOH HOH A . 
F 4 HOH 110 2210 144 HOH HOH A . 
F 4 HOH 111 2211 105 HOH HOH A . 
F 4 HOH 112 2212 100 HOH HOH A . 
F 4 HOH 113 2213 141 HOH HOH A . 
F 4 HOH 114 2214 156 HOH HOH A . 
F 4 HOH 115 2215 111 HOH HOH A . 
F 4 HOH 116 2216 70  HOH HOH A . 
F 4 HOH 117 2217 123 HOH HOH A . 
F 4 HOH 118 2218 110 HOH HOH A . 
F 4 HOH 119 2219 137 HOH HOH A . 
F 4 HOH 120 2220 178 HOH HOH A . 
F 4 HOH 121 2221 139 HOH HOH A . 
F 4 HOH 122 2222 151 HOH HOH A . 
F 4 HOH 123 2223 103 HOH HOH A . 
F 4 HOH 124 2224 165 HOH HOH A . 
F 4 HOH 125 2225 143 HOH HOH A . 
F 4 HOH 126 2226 118 HOH HOH A . 
F 4 HOH 127 2227 61  HOH HOH A . 
F 4 HOH 128 2228 164 HOH HOH A . 
F 4 HOH 129 2229 109 HOH HOH A . 
F 4 HOH 130 2230 147 HOH HOH A . 
F 4 HOH 131 2231 134 HOH HOH A . 
F 4 HOH 132 2232 32  HOH HOH A . 
F 4 HOH 133 2233 85  HOH HOH A . 
F 4 HOH 134 2234 50  HOH HOH A . 
F 4 HOH 135 2235 45  HOH HOH A . 
F 4 HOH 136 2236 149 HOH HOH A . 
F 4 HOH 137 2237 117 HOH HOH A . 
F 4 HOH 138 2238 169 HOH HOH A . 
F 4 HOH 139 2239 59  HOH HOH A . 
F 4 HOH 140 2240 88  HOH HOH A . 
F 4 HOH 141 2241 157 HOH HOH A . 
F 4 HOH 142 2242 67  HOH HOH A . 
F 4 HOH 143 2243 158 HOH HOH A . 
F 4 HOH 144 2244 124 HOH HOH A . 
F 4 HOH 145 2245 72  HOH HOH A . 
F 4 HOH 146 2246 145 HOH HOH A . 
F 4 HOH 147 2247 133 HOH HOH A . 
F 4 HOH 148 2248 146 HOH HOH A . 
F 4 HOH 149 2249 148 HOH HOH A . 
F 4 HOH 150 2250 176 HOH HOH A . 
F 4 HOH 151 2251 162 HOH HOH A . 
F 4 HOH 152 2252 136 HOH HOH A . 
F 4 HOH 153 2253 154 HOH HOH A . 
F 4 HOH 154 2254 112 HOH HOH A . 
F 4 HOH 155 2255 132 HOH HOH A . 
F 4 HOH 156 2256 108 HOH HOH A . 
F 4 HOH 157 2257 90  HOH HOH A . 
F 4 HOH 158 2258 127 HOH HOH A . 
F 4 HOH 159 2259 80  HOH HOH A . 
F 4 HOH 160 2260 93  HOH HOH A . 
F 4 HOH 161 2261 152 HOH HOH A . 
F 4 HOH 162 2262 56  HOH HOH A . 
F 4 HOH 163 2263 131 HOH HOH A . 
F 4 HOH 164 2264 107 HOH HOH A . 
F 4 HOH 165 2265 43  HOH HOH A . 
F 4 HOH 166 2266 163 HOH HOH A . 
F 4 HOH 167 2267 177 HOH HOH A . 
F 4 HOH 168 2268 150 HOH HOH A . 
F 4 HOH 169 2269 171 HOH HOH A . 
F 4 HOH 170 2270 167 HOH HOH A . 
F 4 HOH 171 2271 68  HOH HOH A . 
F 4 HOH 172 2272 121 HOH HOH A . 
F 4 HOH 173 2273 128 HOH HOH A . 
F 4 HOH 174 2274 119 HOH HOH A . 
F 4 HOH 175 2275 160 HOH HOH A . 
F 4 HOH 176 2276 168 HOH HOH A . 
F 4 HOH 177 2277 129 HOH HOH A . 
# 
loop_
_pdbx_unobs_or_zero_occ_atoms.id 
_pdbx_unobs_or_zero_occ_atoms.PDB_model_num 
_pdbx_unobs_or_zero_occ_atoms.polymer_flag 
_pdbx_unobs_or_zero_occ_atoms.occupancy_flag 
_pdbx_unobs_or_zero_occ_atoms.auth_asym_id 
_pdbx_unobs_or_zero_occ_atoms.auth_comp_id 
_pdbx_unobs_or_zero_occ_atoms.auth_seq_id 
_pdbx_unobs_or_zero_occ_atoms.PDB_ins_code 
_pdbx_unobs_or_zero_occ_atoms.auth_atom_id 
_pdbx_unobs_or_zero_occ_atoms.label_alt_id 
_pdbx_unobs_or_zero_occ_atoms.label_asym_id 
_pdbx_unobs_or_zero_occ_atoms.label_comp_id 
_pdbx_unobs_or_zero_occ_atoms.label_seq_id 
_pdbx_unobs_or_zero_occ_atoms.label_atom_id 
1 1 Y 1 A LYS 1863 ? CG ? A LYS 11 CG 
2 1 Y 1 A LYS 1863 ? CD ? A LYS 11 CD 
3 1 Y 1 A LYS 1863 ? CE ? A LYS 11 CE 
4 1 Y 1 A LYS 1863 ? NZ ? A LYS 11 NZ 
5 1 Y 1 A LYS 1868 ? CE ? A LYS 16 CE 
6 1 Y 1 A LYS 1868 ? NZ ? A LYS 16 NZ 
# 
loop_
_software.citation_id 
_software.classification 
_software.compiler_name 
_software.compiler_version 
_software.contact_author 
_software.contact_author_email 
_software.date 
_software.description 
_software.dependencies 
_software.hardware 
_software.language 
_software.location 
_software.mods 
_software.name 
_software.os 
_software.os_version 
_software.type 
_software.version 
_software.pdbx_ordinal 
? 'data scaling'    ? ? ? ? ? ? ? ? ? ? ? Aimless     ? ? ? 0.1.29 1 
? refinement        ? ? ? ? ? ? ? ? ? ? ? PHENIX      ? ? ? .      2 
? 'data extraction' ? ? ? ? ? ? ? ? ? ? ? PDB_EXTRACT ? ? ? 3.15   3 
# 
_cell.angle_alpha                  90.000 
_cell.angle_alpha_esd              ? 
_cell.angle_beta                   90.000 
_cell.angle_beta_esd               ? 
_cell.angle_gamma                  90.000 
_cell.angle_gamma_esd              ? 
_cell.entry_id                     5CQ5 
_cell.details                      ? 
_cell.formula_units_Z              ? 
_cell.length_a                     82.254 
_cell.length_a_esd                 ? 
_cell.length_b                     96.600 
_cell.length_b_esd                 ? 
_cell.length_c                     58.007 
_cell.length_c_esd                 ? 
_cell.volume                       ? 
_cell.volume_esd                   ? 
_cell.Z_PDB                        8 
_cell.reciprocal_angle_alpha       ? 
_cell.reciprocal_angle_beta        ? 
_cell.reciprocal_angle_gamma       ? 
_cell.reciprocal_angle_alpha_esd   ? 
_cell.reciprocal_angle_beta_esd    ? 
_cell.reciprocal_angle_gamma_esd   ? 
_cell.reciprocal_length_a          ? 
_cell.reciprocal_length_b          ? 
_cell.reciprocal_length_c          ? 
_cell.reciprocal_length_a_esd      ? 
_cell.reciprocal_length_b_esd      ? 
_cell.reciprocal_length_c_esd      ? 
_cell.pdbx_unique_axis             ? 
# 
_symmetry.entry_id                         5CQ5 
_symmetry.cell_setting                     ? 
_symmetry.Int_Tables_number                20 
_symmetry.space_group_name_Hall            ? 
_symmetry.space_group_name_H-M             'C 2 2 21' 
_symmetry.pdbx_full_space_group_name_H-M   ? 
# 
_exptl.absorpt_coefficient_mu     ? 
_exptl.absorpt_correction_T_max   ? 
_exptl.absorpt_correction_T_min   ? 
_exptl.absorpt_correction_type    ? 
_exptl.absorpt_process_details    ? 
_exptl.entry_id                   5CQ5 
_exptl.crystals_number            1 
_exptl.details                    ? 
_exptl.method                     'X-RAY DIFFRACTION' 
_exptl.method_details             ? 
# 
_exptl_crystal.colour                      ? 
_exptl_crystal.density_diffrn              ? 
_exptl_crystal.density_Matthews            4.10 
_exptl_crystal.density_method              ? 
_exptl_crystal.density_percent_sol         69.99 
_exptl_crystal.description                 ? 
_exptl_crystal.F_000                       ? 
_exptl_crystal.id                          1 
_exptl_crystal.preparation                 ? 
_exptl_crystal.size_max                    ? 
_exptl_crystal.size_mid                    ? 
_exptl_crystal.size_min                    ? 
_exptl_crystal.size_rad                    ? 
_exptl_crystal.colour_lustre               ? 
_exptl_crystal.colour_modifier             ? 
_exptl_crystal.colour_primary              ? 
_exptl_crystal.density_meas                ? 
_exptl_crystal.density_meas_esd            ? 
_exptl_crystal.density_meas_gt             ? 
_exptl_crystal.density_meas_lt             ? 
_exptl_crystal.density_meas_temp           ? 
_exptl_crystal.density_meas_temp_esd       ? 
_exptl_crystal.density_meas_temp_gt        ? 
_exptl_crystal.density_meas_temp_lt        ? 
_exptl_crystal.pdbx_crystal_image_url      ? 
_exptl_crystal.pdbx_crystal_image_format   ? 
_exptl_crystal.pdbx_mosaicity              ? 
_exptl_crystal.pdbx_mosaicity_esd          ? 
# 
_exptl_crystal_grow.apparatus       ? 
_exptl_crystal_grow.atmosphere      ? 
_exptl_crystal_grow.crystal_id      1 
_exptl_crystal_grow.details         ? 
_exptl_crystal_grow.method          'VAPOR DIFFUSION, SITTING DROP' 
_exptl_crystal_grow.method_ref      ? 
_exptl_crystal_grow.pH              6.3 
_exptl_crystal_grow.pressure        ? 
_exptl_crystal_grow.pressure_esd    ? 
_exptl_crystal_grow.seeding         ? 
_exptl_crystal_grow.seeding_ref     ? 
_exptl_crystal_grow.temp            277 
_exptl_crystal_grow.temp_details    ? 
_exptl_crystal_grow.temp_esd        ? 
_exptl_crystal_grow.time            ? 
_exptl_crystal_grow.pdbx_details    '25% PEG600 , 0.1M MES pH 6.3' 
_exptl_crystal_grow.pdbx_pH_range   ? 
# 
_diffrn.ambient_environment    ? 
_diffrn.ambient_temp           100 
_diffrn.ambient_temp_details   ? 
_diffrn.ambient_temp_esd       ? 
_diffrn.crystal_id             1 
_diffrn.crystal_support        ? 
_diffrn.crystal_treatment      ? 
_diffrn.details                ? 
_diffrn.id                     1 
_diffrn.ambient_pressure       ? 
_diffrn.ambient_pressure_esd   ? 
_diffrn.ambient_pressure_gt    ? 
_diffrn.ambient_pressure_lt    ? 
_diffrn.ambient_temp_gt        ? 
_diffrn.ambient_temp_lt        ? 
# 
_diffrn_detector.details                      ? 
_diffrn_detector.detector                     PIXEL 
_diffrn_detector.diffrn_id                    1 
_diffrn_detector.type                         'PSI PILATUS 6M' 
_diffrn_detector.area_resol_mean              ? 
_diffrn_detector.dtime                        ? 
_diffrn_detector.pdbx_frames_total            ? 
_diffrn_detector.pdbx_collection_time_total   ? 
_diffrn_detector.pdbx_collection_date         2013-06-28 
# 
_diffrn_radiation.collimation                      ? 
_diffrn_radiation.diffrn_id                        1 
_diffrn_radiation.filter_edge                      ? 
_diffrn_radiation.inhomogeneity                    ? 
_diffrn_radiation.monochromator                    ? 
_diffrn_radiation.polarisn_norm                    ? 
_diffrn_radiation.polarisn_ratio                   ? 
_diffrn_radiation.probe                            ? 
_diffrn_radiation.type                             ? 
_diffrn_radiation.xray_symbol                      ? 
_diffrn_radiation.wavelength_id                    1 
_diffrn_radiation.pdbx_monochromatic_or_laue_m_l   M 
_diffrn_radiation.pdbx_wavelength_list             ? 
_diffrn_radiation.pdbx_wavelength                  ? 
_diffrn_radiation.pdbx_diffrn_protocol             'SINGLE WAVELENGTH' 
_diffrn_radiation.pdbx_analyzer                    ? 
_diffrn_radiation.pdbx_scattering_type             x-ray 
# 
_diffrn_radiation_wavelength.id           1 
_diffrn_radiation_wavelength.wavelength   0.987 
_diffrn_radiation_wavelength.wt           1.0 
# 
_diffrn_source.current                     ? 
_diffrn_source.details                     ? 
_diffrn_source.diffrn_id                   1 
_diffrn_source.power                       ? 
_diffrn_source.size                        ? 
_diffrn_source.source                      SYNCHROTRON 
_diffrn_source.target                      ? 
_diffrn_source.type                        'DIAMOND BEAMLINE I04-1' 
_diffrn_source.voltage                     ? 
_diffrn_source.take-off_angle              ? 
_diffrn_source.pdbx_wavelength_list        0.987 
_diffrn_source.pdbx_wavelength             ? 
_diffrn_source.pdbx_synchrotron_beamline   I04-1 
_diffrn_source.pdbx_synchrotron_site       Diamond 
# 
_reflns.B_iso_Wilson_estimate            ? 
_reflns.entry_id                         5CQ5 
_reflns.data_reduction_details           ? 
_reflns.data_reduction_method            ? 
_reflns.d_resolution_high                1.960 
_reflns.d_resolution_low                 29.000 
_reflns.details                          ? 
_reflns.limit_h_max                      ? 
_reflns.limit_h_min                      ? 
_reflns.limit_k_max                      ? 
_reflns.limit_k_min                      ? 
_reflns.limit_l_max                      ? 
_reflns.limit_l_min                      ? 
_reflns.number_all                       ? 
_reflns.number_obs                       16625 
_reflns.observed_criterion               ? 
_reflns.observed_criterion_F_max         ? 
_reflns.observed_criterion_F_min         ? 
_reflns.observed_criterion_I_max         ? 
_reflns.observed_criterion_I_min         ? 
_reflns.observed_criterion_sigma_F       ? 
_reflns.observed_criterion_sigma_I       ? 
_reflns.percent_possible_obs             98.200 
_reflns.R_free_details                   ? 
_reflns.Rmerge_F_all                     ? 
_reflns.Rmerge_F_obs                     ? 
_reflns.Friedel_coverage                 ? 
_reflns.number_gt                        ? 
_reflns.threshold_expression             ? 
_reflns.pdbx_redundancy                  5.100 
_reflns.pdbx_Rmerge_I_obs                0.062 
_reflns.pdbx_Rmerge_I_all                ? 
_reflns.pdbx_Rsym_value                  ? 
_reflns.pdbx_netI_over_av_sigmaI         ? 
_reflns.pdbx_netI_over_sigmaI            18.800 
_reflns.pdbx_res_netI_over_av_sigmaI_2   ? 
_reflns.pdbx_res_netI_over_sigmaI_2      ? 
_reflns.pdbx_chi_squared                 ? 
_reflns.pdbx_scaling_rejects             1 
_reflns.pdbx_d_res_high_opt              ? 
_reflns.pdbx_d_res_low_opt               ? 
_reflns.pdbx_d_res_opt_method            ? 
_reflns.phase_calculation_details        ? 
_reflns.pdbx_Rrim_I_all                  ? 
_reflns.pdbx_Rpim_I_all                  0.029 
_reflns.pdbx_d_opt                       ? 
_reflns.pdbx_number_measured_all         84050 
_reflns.pdbx_diffrn_id                   1 
_reflns.pdbx_ordinal                     1 
_reflns.pdbx_CC_half                     0.999 
_reflns.pdbx_R_split                     ? 
# 
loop_
_reflns_shell.d_res_high 
_reflns_shell.d_res_low 
_reflns_shell.meanI_over_sigI_all 
_reflns_shell.meanI_over_sigI_obs 
_reflns_shell.number_measured_all 
_reflns_shell.number_measured_obs 
_reflns_shell.number_possible 
_reflns_shell.number_unique_all 
_reflns_shell.number_unique_obs 
_reflns_shell.percent_possible_all 
_reflns_shell.percent_possible_obs 
_reflns_shell.Rmerge_F_all 
_reflns_shell.Rmerge_F_obs 
_reflns_shell.Rmerge_I_all 
_reflns_shell.Rmerge_I_obs 
_reflns_shell.meanI_over_sigI_gt 
_reflns_shell.meanI_over_uI_all 
_reflns_shell.meanI_over_uI_gt 
_reflns_shell.number_measured_gt 
_reflns_shell.number_unique_gt 
_reflns_shell.percent_possible_gt 
_reflns_shell.Rmerge_F_gt 
_reflns_shell.Rmerge_I_gt 
_reflns_shell.pdbx_redundancy 
_reflns_shell.pdbx_Rsym_value 
_reflns_shell.pdbx_chi_squared 
_reflns_shell.pdbx_netI_over_sigmaI_all 
_reflns_shell.pdbx_netI_over_sigmaI_obs 
_reflns_shell.pdbx_Rrim_I_all 
_reflns_shell.pdbx_Rpim_I_all 
_reflns_shell.pdbx_rejects 
_reflns_shell.pdbx_ordinal 
_reflns_shell.pdbx_diffrn_id 
_reflns_shell.pdbx_CC_half 
_reflns_shell.pdbx_R_split 
1.960 2.010  ? 1.300  2505 ? ? 1056 ? 85.200 ? ? ? ? 0.666 ? ? ? ? ? ? ? ? 2.400 ? ? ? ? ? 0.469 0 1 1 0.541 ? 
8.770 29.000 ? 90.500 1366 ? ? 221  ? 97.600 ? ? ? ? 0.016 ? ? ? ? ? ? ? ? 6.200 ? ? ? ? ? 0.007 0 2 1 1.000 ? 
# 
_refine.aniso_B[1][1]                            ? 
_refine.aniso_B[1][2]                            ? 
_refine.aniso_B[1][3]                            ? 
_refine.aniso_B[2][2]                            ? 
_refine.aniso_B[2][3]                            ? 
_refine.aniso_B[3][3]                            ? 
_refine.B_iso_max                                75.830 
_refine.B_iso_mean                               33.1714 
_refine.B_iso_min                                17.000 
_refine.correlation_coeff_Fo_to_Fc               ? 
_refine.correlation_coeff_Fo_to_Fc_free          ? 
_refine.details                                  ? 
_refine.diff_density_max                         ? 
_refine.diff_density_max_esd                     ? 
_refine.diff_density_min                         ? 
_refine.diff_density_min_esd                     ? 
_refine.diff_density_rms                         ? 
_refine.diff_density_rms_esd                     ? 
_refine.entry_id                                 5CQ5 
_refine.pdbx_refine_id                           'X-RAY DIFFRACTION' 
_refine.ls_abs_structure_details                 ? 
_refine.ls_abs_structure_Flack                   ? 
_refine.ls_abs_structure_Flack_esd               ? 
_refine.ls_abs_structure_Rogers                  ? 
_refine.ls_abs_structure_Rogers_esd              ? 
_refine.ls_d_res_high                            1.9610 
_refine.ls_d_res_low                             19.6420 
_refine.ls_extinction_coef                       ? 
_refine.ls_extinction_coef_esd                   ? 
_refine.ls_extinction_expression                 ? 
_refine.ls_extinction_method                     ? 
_refine.ls_goodness_of_fit_all                   ? 
_refine.ls_goodness_of_fit_all_esd               ? 
_refine.ls_goodness_of_fit_obs                   ? 
_refine.ls_goodness_of_fit_obs_esd               ? 
_refine.ls_hydrogen_treatment                    ? 
_refine.ls_matrix_type                           ? 
_refine.ls_number_constraints                    ? 
_refine.ls_number_parameters                     ? 
_refine.ls_number_reflns_all                     ? 
_refine.ls_number_reflns_obs                     16598 
_refine.ls_number_reflns_R_free                  755 
_refine.ls_number_reflns_R_work                  ? 
_refine.ls_number_restraints                     ? 
_refine.ls_percent_reflns_obs                    98.0300 
_refine.ls_percent_reflns_R_free                 4.5500 
_refine.ls_R_factor_all                          ? 
_refine.ls_R_factor_obs                          0.1875 
_refine.ls_R_factor_R_free                       0.2180 
_refine.ls_R_factor_R_free_error                 ? 
_refine.ls_R_factor_R_free_error_details         ? 
_refine.ls_R_factor_R_work                       0.1860 
_refine.ls_R_Fsqd_factor_obs                     ? 
_refine.ls_R_I_factor_obs                        ? 
_refine.ls_redundancy_reflns_all                 ? 
_refine.ls_redundancy_reflns_obs                 ? 
_refine.ls_restrained_S_all                      ? 
_refine.ls_restrained_S_obs                      ? 
_refine.ls_shift_over_esd_max                    ? 
_refine.ls_shift_over_esd_mean                   ? 
_refine.ls_structure_factor_coef                 ? 
_refine.ls_weighting_details                     ? 
_refine.ls_weighting_scheme                      ? 
_refine.ls_wR_factor_all                         ? 
_refine.ls_wR_factor_obs                         ? 
_refine.ls_wR_factor_R_free                      ? 
_refine.ls_wR_factor_R_work                      ? 
_refine.occupancy_max                            ? 
_refine.occupancy_min                            ? 
_refine.solvent_model_details                    'FLAT BULK SOLVENT MODEL' 
_refine.solvent_model_param_bsol                 ? 
_refine.solvent_model_param_ksol                 ? 
_refine.ls_R_factor_gt                           ? 
_refine.ls_goodness_of_fit_gt                    ? 
_refine.ls_goodness_of_fit_ref                   ? 
_refine.ls_shift_over_su_max                     ? 
_refine.ls_shift_over_su_max_lt                  ? 
_refine.ls_shift_over_su_mean                    ? 
_refine.ls_shift_over_su_mean_lt                 ? 
_refine.pdbx_ls_sigma_I                          ? 
_refine.pdbx_ls_sigma_F                          1.910 
_refine.pdbx_ls_sigma_Fsqd                       ? 
_refine.pdbx_data_cutoff_high_absF               ? 
_refine.pdbx_data_cutoff_high_rms_absF           ? 
_refine.pdbx_data_cutoff_low_absF                ? 
_refine.pdbx_isotropic_thermal_model             ? 
_refine.pdbx_ls_cross_valid_method               'FREE R-VALUE' 
_refine.pdbx_method_to_determine_struct          'MOLECULAR REPLACEMENT' 
_refine.pdbx_starting_model                      ? 
_refine.pdbx_stereochemistry_target_values       ML 
_refine.pdbx_R_Free_selection_details            ? 
_refine.pdbx_stereochem_target_val_spec_case     ? 
_refine.pdbx_overall_ESU_R                       ? 
_refine.pdbx_overall_ESU_R_Free                  ? 
_refine.pdbx_solvent_vdw_probe_radii             1.1100 
_refine.pdbx_solvent_ion_probe_radii             ? 
_refine.pdbx_solvent_shrinkage_radii             0.9000 
_refine.pdbx_real_space_R                        ? 
_refine.pdbx_density_correlation                 ? 
_refine.pdbx_pd_number_of_powder_patterns        ? 
_refine.pdbx_pd_number_of_points                 ? 
_refine.pdbx_pd_meas_number_of_points            ? 
_refine.pdbx_pd_proc_ls_prof_R_factor            ? 
_refine.pdbx_pd_proc_ls_prof_wR_factor           ? 
_refine.pdbx_pd_Marquardt_correlation_coeff      ? 
_refine.pdbx_pd_Fsqrd_R_factor                   ? 
_refine.pdbx_pd_ls_matrix_band_width             ? 
_refine.pdbx_overall_phase_error                 24.0700 
_refine.pdbx_overall_SU_R_free_Cruickshank_DPI   ? 
_refine.pdbx_overall_SU_R_free_Blow_DPI          ? 
_refine.pdbx_overall_SU_R_Blow_DPI               ? 
_refine.pdbx_TLS_residual_ADP_flag               ? 
_refine.pdbx_diffrn_id                           1 
_refine.overall_SU_B                             ? 
_refine.overall_SU_ML                            0.2300 
_refine.overall_SU_R_Cruickshank_DPI             ? 
_refine.overall_SU_R_free                        ? 
_refine.overall_FOM_free_R_set                   ? 
_refine.overall_FOM_work_R_set                   ? 
_refine.pdbx_average_fsc_overall                 ? 
_refine.pdbx_average_fsc_work                    ? 
_refine.pdbx_average_fsc_free                    ? 
# 
_refine_hist.cycle_id                         final 
_refine_hist.pdbx_refine_id                   'X-RAY DIFFRACTION' 
_refine_hist.d_res_high                       1.9610 
_refine_hist.d_res_low                        19.6420 
_refine_hist.pdbx_number_atoms_ligand         34 
_refine_hist.number_atoms_solvent             177 
_refine_hist.number_atoms_total               1136 
_refine_hist.pdbx_number_residues_total       114 
_refine_hist.pdbx_B_iso_mean_ligand           45.81 
_refine_hist.pdbx_B_iso_mean_solvent          40.86 
_refine_hist.pdbx_number_atoms_protein        925 
_refine_hist.pdbx_number_atoms_nucleic_acid   0 
# 
_struct.entry_id                     5CQ5 
_struct.title                        
;Crystal structure of the bromodomain of bromodomain adjacent to zinc finger domain protein 2B (BAZ2B) in complex with 2,3-Ethylenedioxybenzoic Acid (SGC - Diamond I04-1 fragment screening)
;
_struct.pdbx_model_details           ? 
_struct.pdbx_formula_weight          ? 
_struct.pdbx_formula_weight_method   ? 
_struct.pdbx_model_type_details      ? 
_struct.pdbx_CASP_flag               ? 
# 
_struct_keywords.entry_id        5CQ5 
_struct_keywords.text            'Structural Genomics, Structural Genomics Consortium, SGC, transcription' 
_struct_keywords.pdbx_keywords   TRANSCRIPTION 
# 
loop_
_struct_asym.id 
_struct_asym.pdbx_blank_PDB_chainid_flag 
_struct_asym.pdbx_modified 
_struct_asym.entity_id 
_struct_asym.details 
A N N 1 ? 
B N N 2 ? 
C N N 2 ? 
D N N 3 ? 
E N N 3 ? 
F N N 4 ? 
# 
_struct_ref.id                         1 
_struct_ref.db_name                    UNP 
_struct_ref.db_code                    BAZ2B_HUMAN 
_struct_ref.pdbx_db_accession          Q9UIF8 
_struct_ref.pdbx_db_isoform            Q9UIF8-2 
_struct_ref.entity_id                  1 
_struct_ref.pdbx_seq_one_letter_code   
;SVKKPKRDDSKDLALCSMILTEMETHEDAWPFLLPVNLKLVPGYKKVIKKPMDFSTIREKLSSGQYPNLETFALDVRLVF
DNCETFNEDDSDIGRAGHNMRKYFEKKWTDTFKVS
;
_struct_ref.pdbx_align_begin           1954 
# 
_struct_ref_seq.align_id                      1 
_struct_ref_seq.ref_id                        1 
_struct_ref_seq.pdbx_PDB_id_code              5CQ5 
_struct_ref_seq.pdbx_strand_id                A 
_struct_ref_seq.seq_align_beg                 6 
_struct_ref_seq.pdbx_seq_align_beg_ins_code   ? 
_struct_ref_seq.seq_align_end                 120 
_struct_ref_seq.pdbx_seq_align_end_ins_code   ? 
_struct_ref_seq.pdbx_db_accession             Q9UIF8 
_struct_ref_seq.db_align_beg                  1954 
_struct_ref_seq.pdbx_db_align_beg_ins_code    ? 
_struct_ref_seq.db_align_end                  2068 
_struct_ref_seq.pdbx_db_align_end_ins_code    ? 
_struct_ref_seq.pdbx_auth_seq_align_beg       1858 
_struct_ref_seq.pdbx_auth_seq_align_end       1972 
# 
loop_
_struct_ref_seq_dif.align_id 
_struct_ref_seq_dif.pdbx_pdb_id_code 
_struct_ref_seq_dif.mon_id 
_struct_ref_seq_dif.pdbx_pdb_strand_id 
_struct_ref_seq_dif.seq_num 
_struct_ref_seq_dif.pdbx_pdb_ins_code 
_struct_ref_seq_dif.pdbx_seq_db_name 
_struct_ref_seq_dif.pdbx_seq_db_accession_code 
_struct_ref_seq_dif.db_mon_id 
_struct_ref_seq_dif.pdbx_seq_db_seq_num 
_struct_ref_seq_dif.details 
_struct_ref_seq_dif.pdbx_auth_seq_num 
_struct_ref_seq_dif.pdbx_ordinal 
1 5CQ5 TYR A 1 ? UNP Q9UIF8 ? ? 'expression tag' 1853 1 
1 5CQ5 PHE A 2 ? UNP Q9UIF8 ? ? 'expression tag' 1854 2 
1 5CQ5 GLN A 3 ? UNP Q9UIF8 ? ? 'expression tag' 1855 3 
1 5CQ5 SER A 4 ? UNP Q9UIF8 ? ? 'expression tag' 1856 4 
1 5CQ5 MET A 5 ? UNP Q9UIF8 ? ? 'expression tag' 1857 5 
# 
_pdbx_struct_assembly.id                   1 
_pdbx_struct_assembly.details              software_defined_assembly 
_pdbx_struct_assembly.method_details       PISA 
_pdbx_struct_assembly.oligomeric_details   monomeric 
_pdbx_struct_assembly.oligomeric_count     1 
# 
loop_
_pdbx_struct_assembly_prop.biol_id 
_pdbx_struct_assembly_prop.type 
_pdbx_struct_assembly_prop.value 
_pdbx_struct_assembly_prop.details 
1 'ABSA (A^2)' 450  ? 
1 MORE         5    ? 
1 'SSA (A^2)'  7860 ? 
# 
_pdbx_struct_assembly_gen.assembly_id       1 
_pdbx_struct_assembly_gen.oper_expression   1 
_pdbx_struct_assembly_gen.asym_id_list      A,B,C,D,E,F 
# 
_pdbx_struct_oper_list.id                   1 
_pdbx_struct_oper_list.type                 'identity operation' 
_pdbx_struct_oper_list.name                 1_555 
_pdbx_struct_oper_list.symmetry_operation   x,y,z 
_pdbx_struct_oper_list.matrix[1][1]         1.0000000000 
_pdbx_struct_oper_list.matrix[1][2]         0.0000000000 
_pdbx_struct_oper_list.matrix[1][3]         0.0000000000 
_pdbx_struct_oper_list.vector[1]            0.0000000000 
_pdbx_struct_oper_list.matrix[2][1]         0.0000000000 
_pdbx_struct_oper_list.matrix[2][2]         1.0000000000 
_pdbx_struct_oper_list.matrix[2][3]         0.0000000000 
_pdbx_struct_oper_list.vector[2]            0.0000000000 
_pdbx_struct_oper_list.matrix[3][1]         0.0000000000 
_pdbx_struct_oper_list.matrix[3][2]         0.0000000000 
_pdbx_struct_oper_list.matrix[3][3]         1.0000000000 
_pdbx_struct_oper_list.vector[3]            0.0000000000 
# 
loop_
_struct_conf.conf_type_id 
_struct_conf.id 
_struct_conf.pdbx_PDB_helix_id 
_struct_conf.beg_label_comp_id 
_struct_conf.beg_label_asym_id 
_struct_conf.beg_label_seq_id 
_struct_conf.pdbx_beg_PDB_ins_code 
_struct_conf.end_label_comp_id 
_struct_conf.end_label_asym_id 
_struct_conf.end_label_seq_id 
_struct_conf.pdbx_end_PDB_ins_code 
_struct_conf.beg_auth_comp_id 
_struct_conf.beg_auth_asym_id 
_struct_conf.beg_auth_seq_id 
_struct_conf.end_auth_comp_id 
_struct_conf.end_auth_asym_id 
_struct_conf.end_auth_seq_id 
_struct_conf.pdbx_PDB_helix_class 
_struct_conf.details 
_struct_conf.pdbx_PDB_helix_length 
HELX_P HELX_P1 AA1 LYS A 16 ? HIS A 31  ? LYS A 1868 HIS A 1883 1 ? 16 
HELX_P HELX_P2 AA2 ALA A 34 ? LEU A 38  ? ALA A 1886 LEU A 1890 5 ? 5  
HELX_P HELX_P3 AA3 GLY A 48 ? ILE A 53  ? GLY A 1900 ILE A 1905 1 ? 6  
HELX_P HELX_P4 AA4 ASP A 58 ? SER A 68  ? ASP A 1910 SER A 1920 1 ? 11 
HELX_P HELX_P5 AA5 ASN A 73 ? ASN A 92  ? ASN A 1925 ASN A 1944 1 ? 20 
HELX_P HELX_P6 AA6 SER A 96 ? PHE A 117 ? SER A 1948 PHE A 1969 1 ? 22 
# 
_struct_conf_type.id          HELX_P 
_struct_conf_type.criteria    ? 
_struct_conf_type.reference   ? 
# 
loop_
_struct_site.id 
_struct_site.pdbx_evidence_code 
_struct_site.pdbx_auth_asym_id 
_struct_site.pdbx_auth_comp_id 
_struct_site.pdbx_auth_seq_id 
_struct_site.pdbx_auth_ins_code 
_struct_site.pdbx_num_residues 
_struct_site.details 
AC1 Software A EDO 2001 ? 5 'binding site for residue EDO A 2001' 
AC2 Software A EDO 2002 ? 3 'binding site for residue EDO A 2002' 
AC3 Software A 53E 2003 ? 6 'binding site for residue 53E A 2003' 
AC4 Software A 53E 2004 ? 5 'binding site for residue 53E A 2004' 
# 
loop_
_struct_site_gen.id 
_struct_site_gen.site_id 
_struct_site_gen.pdbx_num_res 
_struct_site_gen.label_comp_id 
_struct_site_gen.label_asym_id 
_struct_site_gen.label_seq_id 
_struct_site_gen.pdbx_auth_ins_code 
_struct_site_gen.auth_comp_id 
_struct_site_gen.auth_asym_id 
_struct_site_gen.auth_seq_id 
_struct_site_gen.label_atom_id 
_struct_site_gen.label_alt_id 
_struct_site_gen.symmetry 
_struct_site_gen.details 
1  AC1 5 MET A 23  ? MET A 1875 . ? 1_555 ? 
2  AC1 5 GLU A 27  ? GLU A 1879 . ? 1_555 ? 
3  AC1 5 LYS A 112 ? LYS A 1964 . ? 1_555 ? 
4  AC1 5 THR A 116 ? THR A 1968 . ? 1_555 ? 
5  AC1 5 HOH F .   ? HOH A 2103 . ? 1_555 ? 
6  AC2 3 ASN A 92  ? ASN A 1944 . ? 1_555 ? 
7  AC2 3 HOH F .   ? HOH A 2102 . ? 1_555 ? 
8  AC2 3 HOH F .   ? HOH A 2140 . ? 1_555 ? 
9  AC3 6 LYS A 50  ? LYS A 1902 . ? 4_566 ? 
10 AC3 6 LYS A 51  ? LYS A 1903 . ? 4_566 ? 
11 AC3 6 LYS A 54  ? LYS A 1906 . ? 4_566 ? 
12 AC3 6 GLU A 93  ? GLU A 1945 . ? 1_555 ? 
13 AC3 6 ASP A 94  ? ASP A 1946 . ? 1_555 ? 
14 AC3 6 HOH F .   ? HOH A 2168 . ? 1_555 ? 
15 AC4 5 LEU A 74  ? LEU A 1926 . ? 1_555 ? 
16 AC4 5 GLU A 75  ? GLU A 1927 . ? 1_555 ? 
17 AC4 5 ARG A 82  ? ARG A 1934 . ? 1_555 ? 
18 AC4 5 TRP A 113 ? TRP A 1965 . ? 1_555 ? 
19 AC4 5 PHE A 117 ? PHE A 1969 . ? 1_555 ? 
# 
loop_
_pdbx_validate_close_contact.id 
_pdbx_validate_close_contact.PDB_model_num 
_pdbx_validate_close_contact.auth_atom_id_1 
_pdbx_validate_close_contact.auth_asym_id_1 
_pdbx_validate_close_contact.auth_comp_id_1 
_pdbx_validate_close_contact.auth_seq_id_1 
_pdbx_validate_close_contact.PDB_ins_code_1 
_pdbx_validate_close_contact.label_alt_id_1 
_pdbx_validate_close_contact.auth_atom_id_2 
_pdbx_validate_close_contact.auth_asym_id_2 
_pdbx_validate_close_contact.auth_comp_id_2 
_pdbx_validate_close_contact.auth_seq_id_2 
_pdbx_validate_close_contact.PDB_ins_code_2 
_pdbx_validate_close_contact.label_alt_id_2 
_pdbx_validate_close_contact.dist 
1 1 O A HOH 2222 ? ? O A HOH 2236 ? ? 2.14 
2 1 O A HOH 2188 ? ? O A HOH 2264 ? ? 2.14 
# 
_pdbx_SG_project.id                    1 
_pdbx_SG_project.project_name          ? 
_pdbx_SG_project.full_name_of_center   'Structural Genomics Consortium' 
_pdbx_SG_project.initial_of_center     SGC 
# 
_phasing.method   MR 
# 
loop_
_pdbx_distant_solvent_atoms.id 
_pdbx_distant_solvent_atoms.PDB_model_num 
_pdbx_distant_solvent_atoms.auth_atom_id 
_pdbx_distant_solvent_atoms.label_alt_id 
_pdbx_distant_solvent_atoms.auth_asym_id 
_pdbx_distant_solvent_atoms.auth_comp_id 
_pdbx_distant_solvent_atoms.auth_seq_id 
_pdbx_distant_solvent_atoms.PDB_ins_code 
_pdbx_distant_solvent_atoms.neighbor_macromolecule_distance 
_pdbx_distant_solvent_atoms.neighbor_ligand_distance 
1 1 O ? A HOH 2273 ? 5.89 .    
2 1 O ? A HOH 2274 ? 6.08 .    
3 1 O ? A HOH 2275 ? .    6.08 
4 1 O ? A HOH 2276 ? 6.12 .    
5 1 O ? A HOH 2277 ? 6.67 .    
# 
loop_
_pdbx_unobs_or_zero_occ_residues.id 
_pdbx_unobs_or_zero_occ_residues.PDB_model_num 
_pdbx_unobs_or_zero_occ_residues.polymer_flag 
_pdbx_unobs_or_zero_occ_residues.occupancy_flag 
_pdbx_unobs_or_zero_occ_residues.auth_asym_id 
_pdbx_unobs_or_zero_occ_residues.auth_comp_id 
_pdbx_unobs_or_zero_occ_residues.auth_seq_id 
_pdbx_unobs_or_zero_occ_residues.PDB_ins_code 
_pdbx_unobs_or_zero_occ_residues.label_asym_id 
_pdbx_unobs_or_zero_occ_residues.label_comp_id 
_pdbx_unobs_or_zero_occ_residues.label_seq_id 
1 1 Y 1 A TYR 1853 ? A TYR 1   
2 1 Y 1 A PHE 1854 ? A PHE 2   
3 1 Y 1 A GLN 1855 ? A GLN 3   
4 1 Y 1 A LYS 1970 ? A LYS 118 
5 1 Y 1 A VAL 1971 ? A VAL 119 
6 1 Y 1 A SER 1972 ? A SER 120 
# 
loop_
_chem_comp_atom.comp_id 
_chem_comp_atom.atom_id 
_chem_comp_atom.type_symbol 
_chem_comp_atom.pdbx_aromatic_flag 
_chem_comp_atom.pdbx_stereo_config 
_chem_comp_atom.pdbx_ordinal 
53E C01  C N N 1   
53E C02  C N N 2   
53E O03  O N N 3   
53E C04  C Y N 4   
53E C05  C Y N 5   
53E C06  C Y N 6   
53E C07  C Y N 7   
53E C08  C Y N 8   
53E C09  C Y N 9   
53E O10  O N N 10  
53E C11  C N N 11  
53E O12  O N N 12  
53E O13  O N N 13  
53E H1   H N N 14  
53E H2   H N N 15  
53E H3   H N N 16  
53E H4   H N N 17  
53E H5   H N N 18  
53E H6   H N N 19  
53E H7   H N N 20  
53E H8   H N N 21  
ALA N    N N N 22  
ALA CA   C N S 23  
ALA C    C N N 24  
ALA O    O N N 25  
ALA CB   C N N 26  
ALA OXT  O N N 27  
ALA H    H N N 28  
ALA H2   H N N 29  
ALA HA   H N N 30  
ALA HB1  H N N 31  
ALA HB2  H N N 32  
ALA HB3  H N N 33  
ALA HXT  H N N 34  
ARG N    N N N 35  
ARG CA   C N S 36  
ARG C    C N N 37  
ARG O    O N N 38  
ARG CB   C N N 39  
ARG CG   C N N 40  
ARG CD   C N N 41  
ARG NE   N N N 42  
ARG CZ   C N N 43  
ARG NH1  N N N 44  
ARG NH2  N N N 45  
ARG OXT  O N N 46  
ARG H    H N N 47  
ARG H2   H N N 48  
ARG HA   H N N 49  
ARG HB2  H N N 50  
ARG HB3  H N N 51  
ARG HG2  H N N 52  
ARG HG3  H N N 53  
ARG HD2  H N N 54  
ARG HD3  H N N 55  
ARG HE   H N N 56  
ARG HH11 H N N 57  
ARG HH12 H N N 58  
ARG HH21 H N N 59  
ARG HH22 H N N 60  
ARG HXT  H N N 61  
ASN N    N N N 62  
ASN CA   C N S 63  
ASN C    C N N 64  
ASN O    O N N 65  
ASN CB   C N N 66  
ASN CG   C N N 67  
ASN OD1  O N N 68  
ASN ND2  N N N 69  
ASN OXT  O N N 70  
ASN H    H N N 71  
ASN H2   H N N 72  
ASN HA   H N N 73  
ASN HB2  H N N 74  
ASN HB3  H N N 75  
ASN HD21 H N N 76  
ASN HD22 H N N 77  
ASN HXT  H N N 78  
ASP N    N N N 79  
ASP CA   C N S 80  
ASP C    C N N 81  
ASP O    O N N 82  
ASP CB   C N N 83  
ASP CG   C N N 84  
ASP OD1  O N N 85  
ASP OD2  O N N 86  
ASP OXT  O N N 87  
ASP H    H N N 88  
ASP H2   H N N 89  
ASP HA   H N N 90  
ASP HB2  H N N 91  
ASP HB3  H N N 92  
ASP HD2  H N N 93  
ASP HXT  H N N 94  
CYS N    N N N 95  
CYS CA   C N R 96  
CYS C    C N N 97  
CYS O    O N N 98  
CYS CB   C N N 99  
CYS SG   S N N 100 
CYS OXT  O N N 101 
CYS H    H N N 102 
CYS H2   H N N 103 
CYS HA   H N N 104 
CYS HB2  H N N 105 
CYS HB3  H N N 106 
CYS HG   H N N 107 
CYS HXT  H N N 108 
EDO C1   C N N 109 
EDO O1   O N N 110 
EDO C2   C N N 111 
EDO O2   O N N 112 
EDO H11  H N N 113 
EDO H12  H N N 114 
EDO HO1  H N N 115 
EDO H21  H N N 116 
EDO H22  H N N 117 
EDO HO2  H N N 118 
GLN N    N N N 119 
GLN CA   C N S 120 
GLN C    C N N 121 
GLN O    O N N 122 
GLN CB   C N N 123 
GLN CG   C N N 124 
GLN CD   C N N 125 
GLN OE1  O N N 126 
GLN NE2  N N N 127 
GLN OXT  O N N 128 
GLN H    H N N 129 
GLN H2   H N N 130 
GLN HA   H N N 131 
GLN HB2  H N N 132 
GLN HB3  H N N 133 
GLN HG2  H N N 134 
GLN HG3  H N N 135 
GLN HE21 H N N 136 
GLN HE22 H N N 137 
GLN HXT  H N N 138 
GLU N    N N N 139 
GLU CA   C N S 140 
GLU C    C N N 141 
GLU O    O N N 142 
GLU CB   C N N 143 
GLU CG   C N N 144 
GLU CD   C N N 145 
GLU OE1  O N N 146 
GLU OE2  O N N 147 
GLU OXT  O N N 148 
GLU H    H N N 149 
GLU H2   H N N 150 
GLU HA   H N N 151 
GLU HB2  H N N 152 
GLU HB3  H N N 153 
GLU HG2  H N N 154 
GLU HG3  H N N 155 
GLU HE2  H N N 156 
GLU HXT  H N N 157 
GLY N    N N N 158 
GLY CA   C N N 159 
GLY C    C N N 160 
GLY O    O N N 161 
GLY OXT  O N N 162 
GLY H    H N N 163 
GLY H2   H N N 164 
GLY HA2  H N N 165 
GLY HA3  H N N 166 
GLY HXT  H N N 167 
HIS N    N N N 168 
HIS CA   C N S 169 
HIS C    C N N 170 
HIS O    O N N 171 
HIS CB   C N N 172 
HIS CG   C Y N 173 
HIS ND1  N Y N 174 
HIS CD2  C Y N 175 
HIS CE1  C Y N 176 
HIS NE2  N Y N 177 
HIS OXT  O N N 178 
HIS H    H N N 179 
HIS H2   H N N 180 
HIS HA   H N N 181 
HIS HB2  H N N 182 
HIS HB3  H N N 183 
HIS HD1  H N N 184 
HIS HD2  H N N 185 
HIS HE1  H N N 186 
HIS HE2  H N N 187 
HIS HXT  H N N 188 
HOH O    O N N 189 
HOH H1   H N N 190 
HOH H2   H N N 191 
ILE N    N N N 192 
ILE CA   C N S 193 
ILE C    C N N 194 
ILE O    O N N 195 
ILE CB   C N S 196 
ILE CG1  C N N 197 
ILE CG2  C N N 198 
ILE CD1  C N N 199 
ILE OXT  O N N 200 
ILE H    H N N 201 
ILE H2   H N N 202 
ILE HA   H N N 203 
ILE HB   H N N 204 
ILE HG12 H N N 205 
ILE HG13 H N N 206 
ILE HG21 H N N 207 
ILE HG22 H N N 208 
ILE HG23 H N N 209 
ILE HD11 H N N 210 
ILE HD12 H N N 211 
ILE HD13 H N N 212 
ILE HXT  H N N 213 
LEU N    N N N 214 
LEU CA   C N S 215 
LEU C    C N N 216 
LEU O    O N N 217 
LEU CB   C N N 218 
LEU CG   C N N 219 
LEU CD1  C N N 220 
LEU CD2  C N N 221 
LEU OXT  O N N 222 
LEU H    H N N 223 
LEU H2   H N N 224 
LEU HA   H N N 225 
LEU HB2  H N N 226 
LEU HB3  H N N 227 
LEU HG   H N N 228 
LEU HD11 H N N 229 
LEU HD12 H N N 230 
LEU HD13 H N N 231 
LEU HD21 H N N 232 
LEU HD22 H N N 233 
LEU HD23 H N N 234 
LEU HXT  H N N 235 
LYS N    N N N 236 
LYS CA   C N S 237 
LYS C    C N N 238 
LYS O    O N N 239 
LYS CB   C N N 240 
LYS CG   C N N 241 
LYS CD   C N N 242 
LYS CE   C N N 243 
LYS NZ   N N N 244 
LYS OXT  O N N 245 
LYS H    H N N 246 
LYS H2   H N N 247 
LYS HA   H N N 248 
LYS HB2  H N N 249 
LYS HB3  H N N 250 
LYS HG2  H N N 251 
LYS HG3  H N N 252 
LYS HD2  H N N 253 
LYS HD3  H N N 254 
LYS HE2  H N N 255 
LYS HE3  H N N 256 
LYS HZ1  H N N 257 
LYS HZ2  H N N 258 
LYS HZ3  H N N 259 
LYS HXT  H N N 260 
MET N    N N N 261 
MET CA   C N S 262 
MET C    C N N 263 
MET O    O N N 264 
MET CB   C N N 265 
MET CG   C N N 266 
MET SD   S N N 267 
MET CE   C N N 268 
MET OXT  O N N 269 
MET H    H N N 270 
MET H2   H N N 271 
MET HA   H N N 272 
MET HB2  H N N 273 
MET HB3  H N N 274 
MET HG2  H N N 275 
MET HG3  H N N 276 
MET HE1  H N N 277 
MET HE2  H N N 278 
MET HE3  H N N 279 
MET HXT  H N N 280 
PHE N    N N N 281 
PHE CA   C N S 282 
PHE C    C N N 283 
PHE O    O N N 284 
PHE CB   C N N 285 
PHE CG   C Y N 286 
PHE CD1  C Y N 287 
PHE CD2  C Y N 288 
PHE CE1  C Y N 289 
PHE CE2  C Y N 290 
PHE CZ   C Y N 291 
PHE OXT  O N N 292 
PHE H    H N N 293 
PHE H2   H N N 294 
PHE HA   H N N 295 
PHE HB2  H N N 296 
PHE HB3  H N N 297 
PHE HD1  H N N 298 
PHE HD2  H N N 299 
PHE HE1  H N N 300 
PHE HE2  H N N 301 
PHE HZ   H N N 302 
PHE HXT  H N N 303 
PRO N    N N N 304 
PRO CA   C N S 305 
PRO C    C N N 306 
PRO O    O N N 307 
PRO CB   C N N 308 
PRO CG   C N N 309 
PRO CD   C N N 310 
PRO OXT  O N N 311 
PRO H    H N N 312 
PRO HA   H N N 313 
PRO HB2  H N N 314 
PRO HB3  H N N 315 
PRO HG2  H N N 316 
PRO HG3  H N N 317 
PRO HD2  H N N 318 
PRO HD3  H N N 319 
PRO HXT  H N N 320 
SER N    N N N 321 
SER CA   C N S 322 
SER C    C N N 323 
SER O    O N N 324 
SER CB   C N N 325 
SER OG   O N N 326 
SER OXT  O N N 327 
SER H    H N N 328 
SER H2   H N N 329 
SER HA   H N N 330 
SER HB2  H N N 331 
SER HB3  H N N 332 
SER HG   H N N 333 
SER HXT  H N N 334 
THR N    N N N 335 
THR CA   C N S 336 
THR C    C N N 337 
THR O    O N N 338 
THR CB   C N R 339 
THR OG1  O N N 340 
THR CG2  C N N 341 
THR OXT  O N N 342 
THR H    H N N 343 
THR H2   H N N 344 
THR HA   H N N 345 
THR HB   H N N 346 
THR HG1  H N N 347 
THR HG21 H N N 348 
THR HG22 H N N 349 
THR HG23 H N N 350 
THR HXT  H N N 351 
TRP N    N N N 352 
TRP CA   C N S 353 
TRP C    C N N 354 
TRP O    O N N 355 
TRP CB   C N N 356 
TRP CG   C Y N 357 
TRP CD1  C Y N 358 
TRP CD2  C Y N 359 
TRP NE1  N Y N 360 
TRP CE2  C Y N 361 
TRP CE3  C Y N 362 
TRP CZ2  C Y N 363 
TRP CZ3  C Y N 364 
TRP CH2  C Y N 365 
TRP OXT  O N N 366 
TRP H    H N N 367 
TRP H2   H N N 368 
TRP HA   H N N 369 
TRP HB2  H N N 370 
TRP HB3  H N N 371 
TRP HD1  H N N 372 
TRP HE1  H N N 373 
TRP HE3  H N N 374 
TRP HZ2  H N N 375 
TRP HZ3  H N N 376 
TRP HH2  H N N 377 
TRP HXT  H N N 378 
TYR N    N N N 379 
TYR CA   C N S 380 
TYR C    C N N 381 
TYR O    O N N 382 
TYR CB   C N N 383 
TYR CG   C Y N 384 
TYR CD1  C Y N 385 
TYR CD2  C Y N 386 
TYR CE1  C Y N 387 
TYR CE2  C Y N 388 
TYR CZ   C Y N 389 
TYR OH   O N N 390 
TYR OXT  O N N 391 
TYR H    H N N 392 
TYR H2   H N N 393 
TYR HA   H N N 394 
TYR HB2  H N N 395 
TYR HB3  H N N 396 
TYR HD1  H N N 397 
TYR HD2  H N N 398 
TYR HE1  H N N 399 
TYR HE2  H N N 400 
TYR HH   H N N 401 
TYR HXT  H N N 402 
VAL N    N N N 403 
VAL CA   C N S 404 
VAL C    C N N 405 
VAL O    O N N 406 
VAL CB   C N N 407 
VAL CG1  C N N 408 
VAL CG2  C N N 409 
VAL OXT  O N N 410 
VAL H    H N N 411 
VAL H2   H N N 412 
VAL HA   H N N 413 
VAL HB   H N N 414 
VAL HG11 H N N 415 
VAL HG12 H N N 416 
VAL HG13 H N N 417 
VAL HG21 H N N 418 
VAL HG22 H N N 419 
VAL HG23 H N N 420 
VAL HXT  H N N 421 
# 
loop_
_chem_comp_bond.comp_id 
_chem_comp_bond.atom_id_1 
_chem_comp_bond.atom_id_2 
_chem_comp_bond.value_order 
_chem_comp_bond.pdbx_aromatic_flag 
_chem_comp_bond.pdbx_stereo_config 
_chem_comp_bond.pdbx_ordinal 
53E C01 O10  sing N N 1   
53E C01 C02  sing N N 2   
53E C08 C07  doub Y N 3   
53E C08 C09  sing Y N 4   
53E O10 C09  sing N N 5   
53E C07 C06  sing Y N 6   
53E C09 C04  doub Y N 7   
53E C06 C05  doub Y N 8   
53E C04 C05  sing Y N 9   
53E C04 O03  sing N N 10  
53E O13 C11  doub N N 11  
53E C02 O03  sing N N 12  
53E C05 C11  sing N N 13  
53E C11 O12  sing N N 14  
53E C01 H1   sing N N 15  
53E C01 H2   sing N N 16  
53E C02 H3   sing N N 17  
53E C02 H4   sing N N 18  
53E C06 H5   sing N N 19  
53E C07 H6   sing N N 20  
53E C08 H7   sing N N 21  
53E O12 H8   sing N N 22  
ALA N   CA   sing N N 23  
ALA N   H    sing N N 24  
ALA N   H2   sing N N 25  
ALA CA  C    sing N N 26  
ALA CA  CB   sing N N 27  
ALA CA  HA   sing N N 28  
ALA C   O    doub N N 29  
ALA C   OXT  sing N N 30  
ALA CB  HB1  sing N N 31  
ALA CB  HB2  sing N N 32  
ALA CB  HB3  sing N N 33  
ALA OXT HXT  sing N N 34  
ARG N   CA   sing N N 35  
ARG N   H    sing N N 36  
ARG N   H2   sing N N 37  
ARG CA  C    sing N N 38  
ARG CA  CB   sing N N 39  
ARG CA  HA   sing N N 40  
ARG C   O    doub N N 41  
ARG C   OXT  sing N N 42  
ARG CB  CG   sing N N 43  
ARG CB  HB2  sing N N 44  
ARG CB  HB3  sing N N 45  
ARG CG  CD   sing N N 46  
ARG CG  HG2  sing N N 47  
ARG CG  HG3  sing N N 48  
ARG CD  NE   sing N N 49  
ARG CD  HD2  sing N N 50  
ARG CD  HD3  sing N N 51  
ARG NE  CZ   sing N N 52  
ARG NE  HE   sing N N 53  
ARG CZ  NH1  sing N N 54  
ARG CZ  NH2  doub N N 55  
ARG NH1 HH11 sing N N 56  
ARG NH1 HH12 sing N N 57  
ARG NH2 HH21 sing N N 58  
ARG NH2 HH22 sing N N 59  
ARG OXT HXT  sing N N 60  
ASN N   CA   sing N N 61  
ASN N   H    sing N N 62  
ASN N   H2   sing N N 63  
ASN CA  C    sing N N 64  
ASN CA  CB   sing N N 65  
ASN CA  HA   sing N N 66  
ASN C   O    doub N N 67  
ASN C   OXT  sing N N 68  
ASN CB  CG   sing N N 69  
ASN CB  HB2  sing N N 70  
ASN CB  HB3  sing N N 71  
ASN CG  OD1  doub N N 72  
ASN CG  ND2  sing N N 73  
ASN ND2 HD21 sing N N 74  
ASN ND2 HD22 sing N N 75  
ASN OXT HXT  sing N N 76  
ASP N   CA   sing N N 77  
ASP N   H    sing N N 78  
ASP N   H2   sing N N 79  
ASP CA  C    sing N N 80  
ASP CA  CB   sing N N 81  
ASP CA  HA   sing N N 82  
ASP C   O    doub N N 83  
ASP C   OXT  sing N N 84  
ASP CB  CG   sing N N 85  
ASP CB  HB2  sing N N 86  
ASP CB  HB3  sing N N 87  
ASP CG  OD1  doub N N 88  
ASP CG  OD2  sing N N 89  
ASP OD2 HD2  sing N N 90  
ASP OXT HXT  sing N N 91  
CYS N   CA   sing N N 92  
CYS N   H    sing N N 93  
CYS N   H2   sing N N 94  
CYS CA  C    sing N N 95  
CYS CA  CB   sing N N 96  
CYS CA  HA   sing N N 97  
CYS C   O    doub N N 98  
CYS C   OXT  sing N N 99  
CYS CB  SG   sing N N 100 
CYS CB  HB2  sing N N 101 
CYS CB  HB3  sing N N 102 
CYS SG  HG   sing N N 103 
CYS OXT HXT  sing N N 104 
EDO C1  O1   sing N N 105 
EDO C1  C2   sing N N 106 
EDO C1  H11  sing N N 107 
EDO C1  H12  sing N N 108 
EDO O1  HO1  sing N N 109 
EDO C2  O2   sing N N 110 
EDO C2  H21  sing N N 111 
EDO C2  H22  sing N N 112 
EDO O2  HO2  sing N N 113 
GLN N   CA   sing N N 114 
GLN N   H    sing N N 115 
GLN N   H2   sing N N 116 
GLN CA  C    sing N N 117 
GLN CA  CB   sing N N 118 
GLN CA  HA   sing N N 119 
GLN C   O    doub N N 120 
GLN C   OXT  sing N N 121 
GLN CB  CG   sing N N 122 
GLN CB  HB2  sing N N 123 
GLN CB  HB3  sing N N 124 
GLN CG  CD   sing N N 125 
GLN CG  HG2  sing N N 126 
GLN CG  HG3  sing N N 127 
GLN CD  OE1  doub N N 128 
GLN CD  NE2  sing N N 129 
GLN NE2 HE21 sing N N 130 
GLN NE2 HE22 sing N N 131 
GLN OXT HXT  sing N N 132 
GLU N   CA   sing N N 133 
GLU N   H    sing N N 134 
GLU N   H2   sing N N 135 
GLU CA  C    sing N N 136 
GLU CA  CB   sing N N 137 
GLU CA  HA   sing N N 138 
GLU C   O    doub N N 139 
GLU C   OXT  sing N N 140 
GLU CB  CG   sing N N 141 
GLU CB  HB2  sing N N 142 
GLU CB  HB3  sing N N 143 
GLU CG  CD   sing N N 144 
GLU CG  HG2  sing N N 145 
GLU CG  HG3  sing N N 146 
GLU CD  OE1  doub N N 147 
GLU CD  OE2  sing N N 148 
GLU OE2 HE2  sing N N 149 
GLU OXT HXT  sing N N 150 
GLY N   CA   sing N N 151 
GLY N   H    sing N N 152 
GLY N   H2   sing N N 153 
GLY CA  C    sing N N 154 
GLY CA  HA2  sing N N 155 
GLY CA  HA3  sing N N 156 
GLY C   O    doub N N 157 
GLY C   OXT  sing N N 158 
GLY OXT HXT  sing N N 159 
HIS N   CA   sing N N 160 
HIS N   H    sing N N 161 
HIS N   H2   sing N N 162 
HIS CA  C    sing N N 163 
HIS CA  CB   sing N N 164 
HIS CA  HA   sing N N 165 
HIS C   O    doub N N 166 
HIS C   OXT  sing N N 167 
HIS CB  CG   sing N N 168 
HIS CB  HB2  sing N N 169 
HIS CB  HB3  sing N N 170 
HIS CG  ND1  sing Y N 171 
HIS CG  CD2  doub Y N 172 
HIS ND1 CE1  doub Y N 173 
HIS ND1 HD1  sing N N 174 
HIS CD2 NE2  sing Y N 175 
HIS CD2 HD2  sing N N 176 
HIS CE1 NE2  sing Y N 177 
HIS CE1 HE1  sing N N 178 
HIS NE2 HE2  sing N N 179 
HIS OXT HXT  sing N N 180 
HOH O   H1   sing N N 181 
HOH O   H2   sing N N 182 
ILE N   CA   sing N N 183 
ILE N   H    sing N N 184 
ILE N   H2   sing N N 185 
ILE CA  C    sing N N 186 
ILE CA  CB   sing N N 187 
ILE CA  HA   sing N N 188 
ILE C   O    doub N N 189 
ILE C   OXT  sing N N 190 
ILE CB  CG1  sing N N 191 
ILE CB  CG2  sing N N 192 
ILE CB  HB   sing N N 193 
ILE CG1 CD1  sing N N 194 
ILE CG1 HG12 sing N N 195 
ILE CG1 HG13 sing N N 196 
ILE CG2 HG21 sing N N 197 
ILE CG2 HG22 sing N N 198 
ILE CG2 HG23 sing N N 199 
ILE CD1 HD11 sing N N 200 
ILE CD1 HD12 sing N N 201 
ILE CD1 HD13 sing N N 202 
ILE OXT HXT  sing N N 203 
LEU N   CA   sing N N 204 
LEU N   H    sing N N 205 
LEU N   H2   sing N N 206 
LEU CA  C    sing N N 207 
LEU CA  CB   sing N N 208 
LEU CA  HA   sing N N 209 
LEU C   O    doub N N 210 
LEU C   OXT  sing N N 211 
LEU CB  CG   sing N N 212 
LEU CB  HB2  sing N N 213 
LEU CB  HB3  sing N N 214 
LEU CG  CD1  sing N N 215 
LEU CG  CD2  sing N N 216 
LEU CG  HG   sing N N 217 
LEU CD1 HD11 sing N N 218 
LEU CD1 HD12 sing N N 219 
LEU CD1 HD13 sing N N 220 
LEU CD2 HD21 sing N N 221 
LEU CD2 HD22 sing N N 222 
LEU CD2 HD23 sing N N 223 
LEU OXT HXT  sing N N 224 
LYS N   CA   sing N N 225 
LYS N   H    sing N N 226 
LYS N   H2   sing N N 227 
LYS CA  C    sing N N 228 
LYS CA  CB   sing N N 229 
LYS CA  HA   sing N N 230 
LYS C   O    doub N N 231 
LYS C   OXT  sing N N 232 
LYS CB  CG   sing N N 233 
LYS CB  HB2  sing N N 234 
LYS CB  HB3  sing N N 235 
LYS CG  CD   sing N N 236 
LYS CG  HG2  sing N N 237 
LYS CG  HG3  sing N N 238 
LYS CD  CE   sing N N 239 
LYS CD  HD2  sing N N 240 
LYS CD  HD3  sing N N 241 
LYS CE  NZ   sing N N 242 
LYS CE  HE2  sing N N 243 
LYS CE  HE3  sing N N 244 
LYS NZ  HZ1  sing N N 245 
LYS NZ  HZ2  sing N N 246 
LYS NZ  HZ3  sing N N 247 
LYS OXT HXT  sing N N 248 
MET N   CA   sing N N 249 
MET N   H    sing N N 250 
MET N   H2   sing N N 251 
MET CA  C    sing N N 252 
MET CA  CB   sing N N 253 
MET CA  HA   sing N N 254 
MET C   O    doub N N 255 
MET C   OXT  sing N N 256 
MET CB  CG   sing N N 257 
MET CB  HB2  sing N N 258 
MET CB  HB3  sing N N 259 
MET CG  SD   sing N N 260 
MET CG  HG2  sing N N 261 
MET CG  HG3  sing N N 262 
MET SD  CE   sing N N 263 
MET CE  HE1  sing N N 264 
MET CE  HE2  sing N N 265 
MET CE  HE3  sing N N 266 
MET OXT HXT  sing N N 267 
PHE N   CA   sing N N 268 
PHE N   H    sing N N 269 
PHE N   H2   sing N N 270 
PHE CA  C    sing N N 271 
PHE CA  CB   sing N N 272 
PHE CA  HA   sing N N 273 
PHE C   O    doub N N 274 
PHE C   OXT  sing N N 275 
PHE CB  CG   sing N N 276 
PHE CB  HB2  sing N N 277 
PHE CB  HB3  sing N N 278 
PHE CG  CD1  doub Y N 279 
PHE CG  CD2  sing Y N 280 
PHE CD1 CE1  sing Y N 281 
PHE CD1 HD1  sing N N 282 
PHE CD2 CE2  doub Y N 283 
PHE CD2 HD2  sing N N 284 
PHE CE1 CZ   doub Y N 285 
PHE CE1 HE1  sing N N 286 
PHE CE2 CZ   sing Y N 287 
PHE CE2 HE2  sing N N 288 
PHE CZ  HZ   sing N N 289 
PHE OXT HXT  sing N N 290 
PRO N   CA   sing N N 291 
PRO N   CD   sing N N 292 
PRO N   H    sing N N 293 
PRO CA  C    sing N N 294 
PRO CA  CB   sing N N 295 
PRO CA  HA   sing N N 296 
PRO C   O    doub N N 297 
PRO C   OXT  sing N N 298 
PRO CB  CG   sing N N 299 
PRO CB  HB2  sing N N 300 
PRO CB  HB3  sing N N 301 
PRO CG  CD   sing N N 302 
PRO CG  HG2  sing N N 303 
PRO CG  HG3  sing N N 304 
PRO CD  HD2  sing N N 305 
PRO CD  HD3  sing N N 306 
PRO OXT HXT  sing N N 307 
SER N   CA   sing N N 308 
SER N   H    sing N N 309 
SER N   H2   sing N N 310 
SER CA  C    sing N N 311 
SER CA  CB   sing N N 312 
SER CA  HA   sing N N 313 
SER C   O    doub N N 314 
SER C   OXT  sing N N 315 
SER CB  OG   sing N N 316 
SER CB  HB2  sing N N 317 
SER CB  HB3  sing N N 318 
SER OG  HG   sing N N 319 
SER OXT HXT  sing N N 320 
THR N   CA   sing N N 321 
THR N   H    sing N N 322 
THR N   H2   sing N N 323 
THR CA  C    sing N N 324 
THR CA  CB   sing N N 325 
THR CA  HA   sing N N 326 
THR C   O    doub N N 327 
THR C   OXT  sing N N 328 
THR CB  OG1  sing N N 329 
THR CB  CG2  sing N N 330 
THR CB  HB   sing N N 331 
THR OG1 HG1  sing N N 332 
THR CG2 HG21 sing N N 333 
THR CG2 HG22 sing N N 334 
THR CG2 HG23 sing N N 335 
THR OXT HXT  sing N N 336 
TRP N   CA   sing N N 337 
TRP N   H    sing N N 338 
TRP N   H2   sing N N 339 
TRP CA  C    sing N N 340 
TRP CA  CB   sing N N 341 
TRP CA  HA   sing N N 342 
TRP C   O    doub N N 343 
TRP C   OXT  sing N N 344 
TRP CB  CG   sing N N 345 
TRP CB  HB2  sing N N 346 
TRP CB  HB3  sing N N 347 
TRP CG  CD1  doub Y N 348 
TRP CG  CD2  sing Y N 349 
TRP CD1 NE1  sing Y N 350 
TRP CD1 HD1  sing N N 351 
TRP CD2 CE2  doub Y N 352 
TRP CD2 CE3  sing Y N 353 
TRP NE1 CE2  sing Y N 354 
TRP NE1 HE1  sing N N 355 
TRP CE2 CZ2  sing Y N 356 
TRP CE3 CZ3  doub Y N 357 
TRP CE3 HE3  sing N N 358 
TRP CZ2 CH2  doub Y N 359 
TRP CZ2 HZ2  sing N N 360 
TRP CZ3 CH2  sing Y N 361 
TRP CZ3 HZ3  sing N N 362 
TRP CH2 HH2  sing N N 363 
TRP OXT HXT  sing N N 364 
TYR N   CA   sing N N 365 
TYR N   H    sing N N 366 
TYR N   H2   sing N N 367 
TYR CA  C    sing N N 368 
TYR CA  CB   sing N N 369 
TYR CA  HA   sing N N 370 
TYR C   O    doub N N 371 
TYR C   OXT  sing N N 372 
TYR CB  CG   sing N N 373 
TYR CB  HB2  sing N N 374 
TYR CB  HB3  sing N N 375 
TYR CG  CD1  doub Y N 376 
TYR CG  CD2  sing Y N 377 
TYR CD1 CE1  sing Y N 378 
TYR CD1 HD1  sing N N 379 
TYR CD2 CE2  doub Y N 380 
TYR CD2 HD2  sing N N 381 
TYR CE1 CZ   doub Y N 382 
TYR CE1 HE1  sing N N 383 
TYR CE2 CZ   sing Y N 384 
TYR CE2 HE2  sing N N 385 
TYR CZ  OH   sing N N 386 
TYR OH  HH   sing N N 387 
TYR OXT HXT  sing N N 388 
VAL N   CA   sing N N 389 
VAL N   H    sing N N 390 
VAL N   H2   sing N N 391 
VAL CA  C    sing N N 392 
VAL CA  CB   sing N N 393 
VAL CA  HA   sing N N 394 
VAL C   O    doub N N 395 
VAL C   OXT  sing N N 396 
VAL CB  CG1  sing N N 397 
VAL CB  CG2  sing N N 398 
VAL CB  HB   sing N N 399 
VAL CG1 HG11 sing N N 400 
VAL CG1 HG12 sing N N 401 
VAL CG1 HG13 sing N N 402 
VAL CG2 HG21 sing N N 403 
VAL CG2 HG22 sing N N 404 
VAL CG2 HG23 sing N N 405 
VAL OXT HXT  sing N N 406 
# 
_atom_sites.entry_id                    5CQ5 
_atom_sites.fract_transf_matrix[1][1]   -0.00307136 
_atom_sites.fract_transf_matrix[1][2]   -0.01017395 
_atom_sites.fract_transf_matrix[1][3]   0.00590340 
_atom_sites.fract_transf_matrix[2][1]   -0.00732854 
_atom_sites.fract_transf_matrix[2][2]   0.00519663 
_atom_sites.fract_transf_matrix[2][3]   0.00514309 
_atom_sites.fract_transf_matrix[3][1]   -0.01136991 
_atom_sites.fract_transf_matrix[3][2]   -0.00376247 
_atom_sites.fract_transf_matrix[3][3]   -0.01239968 
_atom_sites.fract_transf_vector[1]      0.281986 
_atom_sites.fract_transf_vector[2]      0.294561 
_atom_sites.fract_transf_vector[3]      0.455460 
# 
loop_
_atom_type.symbol 
C 
N 
O 
S 
# 
loop_
_atom_site.group_PDB 
_atom_site.id 
_atom_site.type_symbol 
_atom_site.label_atom_id 
_atom_site.label_alt_id 
_atom_site.label_comp_id 
_atom_site.label_asym_id 
_atom_site.label_entity_id 
_atom_site.label_seq_id 
_atom_site.pdbx_PDB_ins_code 
_atom_site.Cartn_x 
_atom_site.Cartn_y 
_atom_site.Cartn_z 
_atom_site.occupancy 
_atom_site.B_iso_or_equiv 
_atom_site.pdbx_formal_charge 
_atom_site.auth_seq_id 
_atom_site.auth_comp_id 
_atom_site.auth_asym_id 
_atom_site.auth_atom_id 
_atom_site.pdbx_PDB_model_num 
ATOM   1    N N   . SER A 1 4   ? 4.893   -26.019 15.849  1.00 33.35 ?  1856 SER A N   1 
ATOM   2    C CA  . SER A 1 4   ? 5.105   -25.849 17.283  1.00 34.31 ?  1856 SER A CA  1 
ATOM   3    C C   . SER A 1 4   ? 6.592   -26.033 17.599  1.00 33.34 ?  1856 SER A C   1 
ATOM   4    O O   . SER A 1 4   ? 7.418   -26.049 16.678  1.00 32.87 ?  1856 SER A O   1 
ATOM   5    C CB  . SER A 1 4   ? 4.235   -26.835 18.075  1.00 26.72 ?  1856 SER A CB  1 
ATOM   6    O OG  . SER A 1 4   ? 4.704   -28.155 17.931  1.00 29.25 ?  1856 SER A OG  1 
ATOM   7    N N   . MET A 1 5   ? 6.943   -26.168 18.881  1.00 32.39 ?  1857 MET A N   1 
ATOM   8    C CA  . MET A 1 5   ? 8.355   -26.282 19.280  1.00 32.57 ?  1857 MET A CA  1 
ATOM   9    C C   . MET A 1 5   ? 9.055   -27.432 18.561  1.00 33.97 ?  1857 MET A C   1 
ATOM   10   O O   . MET A 1 5   ? 8.609   -28.570 18.653  1.00 29.96 ?  1857 MET A O   1 
ATOM   11   C CB  . MET A 1 5   ? 8.489   -26.472 20.798  1.00 29.37 ?  1857 MET A CB  1 
ATOM   12   C CG  . MET A 1 5   ? 9.906   -26.260 21.335  1.00 28.63 ?  1857 MET A CG  1 
ATOM   13   S SD  . MET A 1 5   ? 10.146  -26.733 23.077  1.00 31.00 ?  1857 MET A SD  1 
ATOM   14   C CE  . MET A 1 5   ? 8.746   -25.953 23.863  1.00 31.86 ?  1857 MET A CE  1 
ATOM   15   N N   . SER A 1 6   ? 10.137  -27.117 17.838  1.00 31.06 ?  1858 SER A N   1 
ATOM   16   C CA  . SER A 1 6   ? 10.904  -28.099 17.043  1.00 32.81 ?  1858 SER A CA  1 
ATOM   17   C C   . SER A 1 6   ? 10.085  -28.800 15.938  1.00 31.22 ?  1858 SER A C   1 
ATOM   18   O O   . SER A 1 6   ? 10.415  -29.913 15.512  1.00 31.65 ?  1858 SER A O   1 
ATOM   19   C CB  . SER A 1 6   ? 11.531  -29.159 17.956  1.00 32.14 ?  1858 SER A CB  1 
ATOM   20   O OG  . SER A 1 6   ? 12.327  -28.547 18.962  1.00 31.36 ?  1858 SER A OG  1 
ATOM   21   N N   . VAL A 1 7   ? 9.023   -28.145 15.482  1.00 31.47 ?  1859 VAL A N   1 
ATOM   22   C CA  . VAL A 1 7   ? 8.185   -28.675 14.401  1.00 33.87 ?  1859 VAL A CA  1 
ATOM   23   C C   . VAL A 1 7   ? 7.843   -27.556 13.441  1.00 31.36 ?  1859 VAL A C   1 
ATOM   24   O O   . VAL A 1 7   ? 6.926   -26.778 13.697  1.00 34.83 ?  1859 VAL A O   1 
ATOM   25   C CB  . VAL A 1 7   ? 6.873   -29.311 14.929  1.00 31.45 ?  1859 VAL A CB  1 
ATOM   26   C CG1 . VAL A 1 7   ? 5.995   -29.787 13.767  1.00 31.86 ?  1859 VAL A CG1 1 
ATOM   27   C CG2 . VAL A 1 7   ? 7.185   -30.459 15.878  1.00 28.38 ?  1859 VAL A CG2 1 
ATOM   28   N N   . LYS A 1 8   ? 8.584   -27.479 12.339  1.00 34.89 ?  1860 LYS A N   1 
ATOM   29   C CA  . LYS A 1 8   ? 8.445   -26.386 11.385  1.00 39.25 ?  1860 LYS A CA  1 
ATOM   30   C C   . LYS A 1 8   ? 8.077   -26.871 9.992   1.00 38.40 ?  1860 LYS A C   1 
ATOM   31   O O   . LYS A 1 8   ? 8.619   -27.877 9.533   1.00 33.07 ?  1860 LYS A O   1 
ATOM   32   C CB  . LYS A 1 8   ? 9.758   -25.593 11.300  1.00 41.04 ?  1860 LYS A CB  1 
ATOM   33   C CG  . LYS A 1 8   ? 10.113  -24.857 12.570  1.00 46.86 ?  1860 LYS A CG  1 
ATOM   34   C CD  . LYS A 1 8   ? 8.997   -23.905 12.943  1.00 49.01 ?  1860 LYS A CD  1 
ATOM   35   C CE  . LYS A 1 8   ? 9.096   -23.494 14.391  1.00 48.95 ?  1860 LYS A CE  1 
ATOM   36   N NZ  . LYS A 1 8   ? 7.823   -22.851 14.810  1.00 52.99 ?  1860 LYS A NZ  1 
ATOM   37   N N   . LYS A 1 9   ? 7.175   -26.144 9.328   1.00 37.46 ?  1861 LYS A N   1 
ATOM   38   C CA  . LYS A 1 9   ? 6.982   -26.261 7.880   1.00 43.38 ?  1861 LYS A CA  1 
ATOM   39   C C   . LYS A 1 9   ? 8.292   -25.971 7.170   1.00 44.51 ?  1861 LYS A C   1 
ATOM   40   O O   . LYS A 1 9   ? 9.108   -25.196 7.675   1.00 45.44 ?  1861 LYS A O   1 
ATOM   41   C CB  . LYS A 1 9   ? 5.931   -25.275 7.364   1.00 46.25 ?  1861 LYS A CB  1 
ATOM   42   C CG  . LYS A 1 9   ? 4.485   -25.574 7.705   1.00 44.77 ?  1861 LYS A CG  1 
ATOM   43   C CD  . LYS A 1 9   ? 3.565   -24.787 6.761   1.00 44.23 ?  1861 LYS A CD  1 
ATOM   44   C CE  . LYS A 1 9   ? 2.177   -24.630 7.342   1.00 44.45 ?  1861 LYS A CE  1 
ATOM   45   N NZ  . LYS A 1 9   ? 2.279   -24.097 8.736   1.00 53.44 ?  1861 LYS A NZ  1 
ATOM   46   N N   . PRO A 1 10  ? 8.503   -26.590 5.998   1.00 47.52 ?  1862 PRO A N   1 
ATOM   47   C CA  . PRO A 1 10  ? 9.662   -26.271 5.154   1.00 51.53 ?  1862 PRO A CA  1 
ATOM   48   C C   . PRO A 1 10  ? 9.799   -24.759 4.932   1.00 52.38 ?  1862 PRO A C   1 
ATOM   49   O O   . PRO A 1 10  ? 8.791   -24.082 4.687   1.00 48.97 ?  1862 PRO A O   1 
ATOM   50   C CB  . PRO A 1 10  ? 9.350   -27.007 3.852   1.00 49.31 ?  1862 PRO A CB  1 
ATOM   51   C CG  . PRO A 1 10  ? 8.550   -28.186 4.296   1.00 49.89 ?  1862 PRO A CG  1 
ATOM   52   C CD  . PRO A 1 10  ? 7.712   -27.704 5.449   1.00 45.40 ?  1862 PRO A CD  1 
ATOM   53   N N   . LYS A 1 11  ? 11.027  -24.248 5.034   1.00 47.83 ?  1863 LYS A N   1 
ATOM   54   C CA  . LYS A 1 11  ? 11.264  -22.804 5.056   1.00 60.70 ?  1863 LYS A CA  1 
ATOM   55   C C   . LYS A 1 11  ? 11.149  -22.154 3.676   1.00 55.96 ?  1863 LYS A C   1 
ATOM   56   O O   . LYS A 1 11  ? 11.988  -22.392 2.806   1.00 52.88 ?  1863 LYS A O   1 
ATOM   57   C CB  . LYS A 1 11  ? 12.645  -22.503 5.649   1.00 56.10 ?  1863 LYS A CB  1 
ATOM   58   N N   . ARG A 1 12  ? 10.108  -21.345 3.486   1.00 48.82 ?  1864 ARG A N   1 
ATOM   59   C CA  . ARG A 1 12  ? 9.982   -20.513 2.288   1.00 55.31 ?  1864 ARG A CA  1 
ATOM   60   C C   . ARG A 1 12  ? 11.131  -19.498 2.193   1.00 52.64 ?  1864 ARG A C   1 
ATOM   61   O O   . ARG A 1 12  ? 11.495  -18.867 3.186   1.00 54.68 ?  1864 ARG A O   1 
ATOM   62   C CB  . ARG A 1 12  ? 8.641   -19.784 2.281   1.00 50.91 ?  1864 ARG A CB  1 
ATOM   63   C CG  . ARG A 1 12  ? 8.536   -18.735 1.199   1.00 50.63 ?  1864 ARG A CG  1 
ATOM   64   C CD  . ARG A 1 12  ? 7.275   -17.888 1.313   1.00 46.05 ?  1864 ARG A CD  1 
ATOM   65   N NE  . ARG A 1 12  ? 7.260   -16.876 0.259   1.00 53.10 ?  1864 ARG A NE  1 
ATOM   66   C CZ  . ARG A 1 12  ? 7.841   -15.684 0.360   1.00 47.80 ?  1864 ARG A CZ  1 
ATOM   67   N NH1 . ARG A 1 12  ? 8.448   -15.322 1.487   1.00 40.23 ?  1864 ARG A NH1 1 
ATOM   68   N NH2 . ARG A 1 12  ? 7.797   -14.841 -0.661  1.00 49.05 ?  1864 ARG A NH2 1 
ATOM   69   N N   . ASP A 1 13  ? 11.711  -19.352 1.004   1.00 52.82 ?  1865 ASP A N   1 
ATOM   70   C CA  . ASP A 1 13  ? 12.814  -18.406 0.801   1.00 50.60 ?  1865 ASP A CA  1 
ATOM   71   C C   . ASP A 1 13  ? 12.281  -16.979 0.752   1.00 45.27 ?  1865 ASP A C   1 
ATOM   72   O O   . ASP A 1 13  ? 11.510  -16.624 -0.141  1.00 44.14 ?  1865 ASP A O   1 
ATOM   73   C CB  . ASP A 1 13  ? 13.586  -18.728 -0.485  1.00 48.21 ?  1865 ASP A CB  1 
ATOM   74   C CG  . ASP A 1 13  ? 14.751  -17.778 -0.727  1.00 48.17 ?  1865 ASP A CG  1 
ATOM   75   O OD1 . ASP A 1 13  ? 15.140  -17.038 0.199   1.00 49.12 ?  1865 ASP A OD1 1 
ATOM   76   O OD2 . ASP A 1 13  ? 15.289  -17.778 -1.853  1.00 55.08 ?  1865 ASP A OD2 1 
ATOM   77   N N   . ASP A 1 14  ? 12.695  -16.162 1.715   1.00 45.55 ?  1866 ASP A N   1 
ATOM   78   C CA  . ASP A 1 14  ? 12.167  -14.806 1.825   1.00 45.87 ?  1866 ASP A CA  1 
ATOM   79   C C   . ASP A 1 14  ? 13.224  -13.751 1.515   1.00 41.65 ?  1866 ASP A C   1 
ATOM   80   O O   . ASP A 1 14  ? 12.983  -12.557 1.695   1.00 39.26 ?  1866 ASP A O   1 
ATOM   81   C CB  . ASP A 1 14  ? 11.597  -14.575 3.225   1.00 40.96 ?  1866 ASP A CB  1 
ATOM   82   C CG  . ASP A 1 14  ? 12.637  -14.755 4.313   1.00 42.99 ?  1866 ASP A CG  1 
ATOM   83   O OD1 . ASP A 1 14  ? 13.713  -15.317 4.026   1.00 47.49 ?  1866 ASP A OD1 1 
ATOM   84   O OD2 . ASP A 1 14  ? 12.384  -14.330 5.457   1.00 49.85 ?  1866 ASP A OD2 1 
ATOM   85   N N   . SER A 1 15  ? 14.387  -14.195 1.045   1.00 37.90 ?  1867 SER A N   1 
ATOM   86   C CA  . SER A 1 15  ? 15.543  -13.314 0.859   1.00 41.61 ?  1867 SER A CA  1 
ATOM   87   C C   . SER A 1 15  ? 15.319  -12.214 -0.181  1.00 37.46 ?  1867 SER A C   1 
ATOM   88   O O   . SER A 1 15  ? 15.957  -11.158 -0.117  1.00 35.00 ?  1867 SER A O   1 
ATOM   89   C CB  . SER A 1 15  ? 16.773  -14.136 0.462   1.00 44.24 ?  1867 SER A CB  1 
ATOM   90   O OG  . SER A 1 15  ? 16.561  -14.779 -0.788  1.00 43.90 ?  1867 SER A OG  1 
ATOM   91   N N   . LYS A 1 16  ? 14.420  -12.473 -1.128  1.00 33.54 ?  1868 LYS A N   1 
ATOM   92   C CA  . LYS A 1 16  ? 14.117  -11.540 -2.215  1.00 36.80 ?  1868 LYS A CA  1 
ATOM   93   C C   . LYS A 1 16  ? 12.894  -10.655 -1.956  1.00 34.02 ?  1868 LYS A C   1 
ATOM   94   O O   . LYS A 1 16  ? 12.525  -9.841  -2.803  1.00 34.18 ?  1868 LYS A O   1 
ATOM   95   C CB  . LYS A 1 16  ? 13.884  -12.313 -3.511  1.00 35.85 ?  1868 LYS A CB  1 
ATOM   96   C CG  . LYS A 1 16  ? 15.106  -13.043 -4.039  1.00 38.60 ?  1868 LYS A CG  1 
ATOM   97   C CD  . LYS A 1 16  ? 14.768  -13.757 -5.335  1.00 43.73 ?  1868 LYS A CD  1 
ATOM   98   N N   . ASP A 1 17  ? 12.253  -10.825 -0.807  1.00 30.30 ?  1869 ASP A N   1 
ATOM   99   C CA  . ASP A 1 17  ? 10.980  -10.139 -0.550  1.00 35.67 ?  1869 ASP A CA  1 
ATOM   100  C C   . ASP A 1 17  ? 11.128  -8.627  -0.563  1.00 27.35 ?  1869 ASP A C   1 
ATOM   101  O O   . ASP A 1 17  ? 10.328  -7.934  -1.196  1.00 30.26 ?  1869 ASP A O   1 
ATOM   102  C CB  . ASP A 1 17  ? 10.375  -10.585 0.788   1.00 30.63 ?  1869 ASP A CB  1 
ATOM   103  C CG  . ASP A 1 17  ? 9.780   -11.984 0.722   1.00 37.23 ?  1869 ASP A CG  1 
ATOM   104  O OD1 . ASP A 1 17  ? 9.725   -12.556 -0.390  1.00 35.15 ?  1869 ASP A OD1 1 
ATOM   105  O OD2 . ASP A 1 17  ? 9.362   -12.504 1.780   1.00 36.29 ?  1869 ASP A OD2 1 
ATOM   106  N N   . LEU A 1 18  ? 12.152  -8.125  0.128   1.00 27.87 ?  1870 LEU A N   1 
ATOM   107  C CA  . LEU A 1 18  ? 12.399  -6.684  0.216   1.00 33.76 ?  1870 LEU A CA  1 
ATOM   108  C C   . LEU A 1 18  ? 12.539  -6.069  -1.164  1.00 34.64 ?  1870 LEU A C   1 
ATOM   109  O O   . LEU A 1 18  ? 11.904  -5.058  -1.481  1.00 33.04 ?  1870 LEU A O   1 
ATOM   110  C CB  . LEU A 1 18  ? 13.652  -6.397  1.043   1.00 32.61 ?  1870 LEU A CB  1 
ATOM   111  C CG  . LEU A 1 18  ? 13.949  -4.933  1.392   1.00 34.87 ?  1870 LEU A CG  1 
ATOM   112  C CD1 . LEU A 1 18  ? 12.768  -4.255  2.098   1.00 30.88 ?  1870 LEU A CD1 1 
ATOM   113  C CD2 . LEU A 1 18  ? 15.206  -4.827  2.245   1.00 34.76 ?  1870 LEU A CD2 1 
ATOM   114  N N   . ALA A 1 19  ? 13.373  -6.692  -1.985  1.00 34.23 ?  1871 ALA A N   1 
ATOM   115  C CA  . ALA A 1 19  ? 13.611  -6.227  -3.338  1.00 28.97 ?  1871 ALA A CA  1 
ATOM   116  C C   . ALA A 1 19  ? 12.351  -6.263  -4.201  1.00 29.38 ?  1871 ALA A C   1 
ATOM   117  O O   . ALA A 1 19  ? 12.099  -5.345  -4.985  1.00 34.60 ?  1871 ALA A O   1 
ATOM   118  C CB  . ALA A 1 19  ? 14.708  -7.061  -3.983  1.00 36.36 ?  1871 ALA A CB  1 
ATOM   119  N N   . LEU A 1 20  ? 11.582  -7.339  -4.092  1.00 31.09 ?  1872 LEU A N   1 
ATOM   120  C CA  . LEU A 1 20  ? 10.364  -7.492  -4.891  1.00 31.58 ?  1872 LEU A CA  1 
ATOM   121  C C   . LEU A 1 20  ? 9.227   -6.520  -4.498  1.00 29.25 ?  1872 LEU A C   1 
ATOM   122  O O   . LEU A 1 20  ? 8.472   -6.030  -5.356  1.00 27.09 ?  1872 LEU A O   1 
ATOM   123  C CB  . LEU A 1 20  ? 9.864   -8.932  -4.788  1.00 33.03 ?  1872 LEU A CB  1 
ATOM   124  C CG  . LEU A 1 20  ? 10.735  -9.948  -5.529  1.00 34.35 ?  1872 LEU A CG  1 
ATOM   125  C CD1 . LEU A 1 20  ? 10.367  -11.362 -5.134  1.00 37.25 ?  1872 LEU A CD1 1 
ATOM   126  C CD2 . LEU A 1 20  ? 10.567  -9.735  -7.022  1.00 33.44 ?  1872 LEU A CD2 1 
ATOM   127  N N   . CYS A 1 21  ? 9.088   -6.273  -3.202  1.00 26.58 ?  1873 CYS A N   1 
ATOM   128  C CA  . CYS A 1 21  ? 8.121   -5.281  -2.727  1.00 27.48 ?  1873 CYS A CA  1 
ATOM   129  C C   . CYS A 1 21  ? 8.474   -3.893  -3.241  1.00 26.81 ?  1873 CYS A C   1 
ATOM   130  O O   . CYS A 1 21  ? 7.583   -3.145  -3.638  1.00 27.79 ?  1873 CYS A O   1 
ATOM   131  C CB  . CYS A 1 21  ? 8.037   -5.286  -1.204  1.00 21.48 ?  1873 CYS A CB  1 
ATOM   132  S SG  . CYS A 1 21  ? 7.111   -6.736  -0.578  1.00 25.65 ?  1873 CYS A SG  1 
ATOM   133  N N   . SER A 1 22  ? 9.768   -3.570  -3.252  1.00 27.95 ?  1874 SER A N   1 
ATOM   134  C CA  . SER A 1 22  ? 10.238  -2.291  -3.793  1.00 32.63 ?  1874 SER A CA  1 
ATOM   135  C C   . SER A 1 22  ? 9.893   -2.158  -5.272  1.00 32.78 ?  1874 SER A C   1 
ATOM   136  O O   . SER A 1 22  ? 9.519   -1.084  -5.757  1.00 34.01 ?  1874 SER A O   1 
ATOM   137  C CB  . SER A 1 22  ? 11.744  -2.131  -3.603  1.00 34.11 ?  1874 SER A CB  1 
ATOM   138  O OG  . SER A 1 22  ? 12.191  -0.905  -4.182  1.00 33.76 ?  1874 SER A OG  1 
ATOM   139  N N   . MET A 1 23  ? 10.015  -3.264  -5.988  1.00 33.01 ?  1875 MET A N   1 
ATOM   140  C CA  . MET A 1 23  ? 9.663   -3.289  -7.386  1.00 33.51 ?  1875 MET A CA  1 
ATOM   141  C C   . MET A 1 23  ? 8.173   -3.053  -7.599  1.00 30.50 ?  1875 MET A C   1 
ATOM   142  O O   . MET A 1 23  ? 7.782   -2.243  -8.436  1.00 34.66 ?  1875 MET A O   1 
ATOM   143  C CB  . MET A 1 23  ? 10.082  -4.620  -7.994  1.00 38.57 ?  1875 MET A CB  1 
ATOM   144  C CG  . MET A 1 23  ? 9.648   -4.828  -9.427  1.00 45.49 ?  1875 MET A CG  1 
ATOM   145  S SD  . MET A 1 23  ? 10.504  -6.285  -10.057 1.00 75.83 ?  1875 MET A SD  1 
ATOM   146  C CE  . MET A 1 23  ? 12.158  -6.022  -9.391  1.00 46.06 ?  1875 MET A CE  1 
ATOM   147  N N   . ILE A 1 24  ? 7.339   -3.776  -6.861  1.00 27.63 ?  1876 ILE A N   1 
ATOM   148  C CA  . ILE A 1 24  ? 5.891   -3.591  -6.965  1.00 29.20 ?  1876 ILE A CA  1 
ATOM   149  C C   . ILE A 1 24  ? 5.525   -2.133  -6.625  1.00 28.81 ?  1876 ILE A C   1 
ATOM   150  O O   . ILE A 1 24  ? 4.713   -1.513  -7.312  1.00 26.46 ?  1876 ILE A O   1 
ATOM   151  C CB  . ILE A 1 24  ? 5.116   -4.573  -6.039  1.00 30.45 ?  1876 ILE A CB  1 
ATOM   152  C CG1 . ILE A 1 24  ? 5.208   -6.004  -6.586  1.00 29.40 ?  1876 ILE A CG1 1 
ATOM   153  C CG2 . ILE A 1 24  ? 3.651   -4.173  -5.927  1.00 29.49 ?  1876 ILE A CG2 1 
ATOM   154  C CD1 . ILE A 1 24  ? 4.769   -7.075  -5.600  1.00 31.60 ?  1876 ILE A CD1 1 
ATOM   155  N N   . LEU A 1 25  ? 6.157   -1.584  -5.590  1.00 26.38 ?  1877 LEU A N   1 
ATOM   156  C CA  . LEU A 1 25  ? 5.858   -0.218  -5.156  1.00 28.82 ?  1877 LEU A CA  1 
ATOM   157  C C   . LEU A 1 25  ? 6.224   0.775   -6.248  1.00 30.08 ?  1877 LEU A C   1 
ATOM   158  O O   . LEU A 1 25  ? 5.491   1.730   -6.493  1.00 27.41 ?  1877 LEU A O   1 
ATOM   159  C CB  . LEU A 1 25  ? 6.593   0.134   -3.866  1.00 26.40 ?  1877 LEU A CB  1 
ATOM   160  C CG  . LEU A 1 25  ? 6.322   1.530   -3.275  1.00 23.24 ?  1877 LEU A CG  1 
ATOM   161  C CD1 . LEU A 1 25  ? 4.839   1.783   -3.063  1.00 21.39 ?  1877 LEU A CD1 1 
ATOM   162  C CD2 . LEU A 1 25  ? 7.090   1.722   -1.960  1.00 25.42 ?  1877 LEU A CD2 1 
ATOM   163  N N   . THR A 1 26  ? 7.351   0.528   -6.915  1.00 27.98 ?  1878 THR A N   1 
ATOM   164  C CA  . THR A 1 26  ? 7.770   1.376   -8.035  1.00 27.89 ?  1878 THR A CA  1 
ATOM   165  C C   . THR A 1 26  ? 6.748   1.364   -9.172  1.00 30.93 ?  1878 THR A C   1 
ATOM   166  O O   . THR A 1 26  ? 6.429   2.407   -9.747  1.00 29.66 ?  1878 THR A O   1 
ATOM   167  C CB  . THR A 1 26  ? 9.136   0.945   -8.587  1.00 30.39 ?  1878 THR A CB  1 
ATOM   168  O OG1 . THR A 1 26  ? 10.127  1.107   -7.564  1.00 34.94 ?  1878 THR A OG1 1 
ATOM   169  C CG2 . THR A 1 26  ? 9.507   1.799   -9.798  1.00 33.93 ?  1878 THR A CG2 1 
ATOM   170  N N   . GLU A 1 27  ? 6.216   0.190   -9.487  1.00 26.90 ?  1879 GLU A N   1 
ATOM   171  C CA  . GLU A 1 27  ? 5.221   0.091   -10.540 1.00 27.64 ?  1879 GLU A CA  1 
ATOM   172  C C   . GLU A 1 27  ? 3.932   0.803   -10.128 1.00 31.02 ?  1879 GLU A C   1 
ATOM   173  O O   . GLU A 1 27  ? 3.197   1.326   -10.960 1.00 26.38 ?  1879 GLU A O   1 
ATOM   174  C CB  . GLU A 1 27  ? 4.959   -1.377  -10.882 1.00 31.24 ?  1879 GLU A CB  1 
ATOM   175  C CG  . GLU A 1 27  ? 6.169   -2.050  -11.524 1.00 34.14 ?  1879 GLU A CG  1 
ATOM   176  C CD  . GLU A 1 27  ? 6.117   -3.569  -11.495 1.00 46.22 ?  1879 GLU A CD  1 
ATOM   177  O OE1 . GLU A 1 27  ? 5.060   -4.145  -11.165 1.00 42.52 ?  1879 GLU A OE1 1 
ATOM   178  O OE2 . GLU A 1 27  ? 7.158   -4.191  -11.797 1.00 58.47 ?  1879 GLU A OE2 1 
ATOM   179  N N   . MET A 1 28  ? 3.663   0.856   -8.834  1.00 23.65 ?  1880 MET A N   1 
ATOM   180  C CA  . MET A 1 28  ? 2.477   1.583   -8.414  1.00 27.69 ?  1880 MET A CA  1 
ATOM   181  C C   . MET A 1 28  ? 2.715   3.100   -8.450  1.00 26.84 ?  1880 MET A C   1 
ATOM   182  O O   . MET A 1 28  ? 1.859   3.842   -8.925  1.00 28.49 ?  1880 MET A O   1 
ATOM   183  C CB  . MET A 1 28  ? 2.037   1.083   -7.052  1.00 27.10 ?  1880 MET A CB  1 
ATOM   184  C CG  . MET A 1 28  ? 1.393   -0.307  -7.212  1.00 26.50 ?  1880 MET A CG  1 
ATOM   185  S SD  . MET A 1 28  ? 0.264   -0.635  -5.911  1.00 48.09 ?  1880 MET A SD  1 
ATOM   186  C CE  . MET A 1 28  ? 1.372   -0.496  -4.505  1.00 28.97 ?  1880 MET A CE  1 
ATOM   187  N N   . GLU A 1 29  ? 3.898   3.535   -8.019  1.00 27.16 ?  1881 GLU A N   1 
ATOM   188  C CA  . GLU A 1 29  ? 4.287   4.945   -8.083  1.00 27.15 ?  1881 GLU A CA  1 
ATOM   189  C C   . GLU A 1 29  ? 4.273   5.516   -9.498  1.00 27.36 ?  1881 GLU A C   1 
ATOM   190  O O   . GLU A 1 29  ? 4.020   6.709   -9.694  1.00 32.31 ?  1881 GLU A O   1 
ATOM   191  C CB  . GLU A 1 29  ? 5.682   5.133   -7.493  1.00 27.43 ?  1881 GLU A CB  1 
ATOM   192  C CG  . GLU A 1 29  ? 5.758   5.011   -5.983  1.00 31.60 ?  1881 GLU A CG  1 
ATOM   193  C CD  . GLU A 1 29  ? 7.170   4.735   -5.507  1.00 32.83 ?  1881 GLU A CD  1 
ATOM   194  O OE1 . GLU A 1 29  ? 8.010   4.330   -6.337  1.00 40.51 ?  1881 GLU A OE1 1 
ATOM   195  O OE2 . GLU A 1 29  ? 7.447   4.904   -4.305  1.00 35.49 ?  1881 GLU A OE2 1 
ATOM   196  N N   . THR A 1 30  ? 4.563   4.681   -10.488 1.00 27.06 ?  1882 THR A N   1 
ATOM   197  C CA  . THR A 1 30  ? 4.660   5.165   -11.862 1.00 29.09 ?  1882 THR A CA  1 
ATOM   198  C C   . THR A 1 30  ? 3.348   4.988   -12.643 1.00 32.24 ?  1882 THR A C   1 
ATOM   199  O O   . THR A 1 30  ? 3.229   5.465   -13.765 1.00 35.02 ?  1882 THR A O   1 
ATOM   200  C CB  . THR A 1 30  ? 5.824   4.469   -12.631 1.00 26.90 ?  1882 THR A CB  1 
ATOM   201  O OG1 . THR A 1 30  ? 5.648   3.051   -12.599 1.00 32.11 ?  1882 THR A OG1 1 
ATOM   202  C CG2 . THR A 1 30  ? 7.153   4.801   -12.002 1.00 30.22 ?  1882 THR A CG2 1 
ATOM   203  N N   . HIS A 1 31  ? 2.364   4.304   -12.060 1.00 29.06 ?  1883 HIS A N   1 
ATOM   204  C CA  . HIS A 1 31  ? 1.032   4.194   -12.676 1.00 28.48 ?  1883 HIS A CA  1 
ATOM   205  C C   . HIS A 1 31  ? 0.402   5.587   -12.851 1.00 32.65 ?  1883 HIS A C   1 
ATOM   206  O O   . HIS A 1 31  ? 0.521   6.450   -11.975 1.00 30.97 ?  1883 HIS A O   1 
ATOM   207  C CB  . HIS A 1 31  ? 0.141   3.302   -11.808 1.00 30.87 ?  1883 HIS A CB  1 
ATOM   208  C CG  . HIS A 1 31  ? -1.128  2.843   -12.464 1.00 30.06 ?  1883 HIS A CG  1 
ATOM   209  N ND1 . HIS A 1 31  ? -2.060  3.711   -12.994 1.00 30.69 ?  1883 HIS A ND1 1 
ATOM   210  C CD2 . HIS A 1 31  ? -1.651  1.600   -12.611 1.00 24.77 ?  1883 HIS A CD2 1 
ATOM   211  C CE1 . HIS A 1 31  ? -3.087  3.023   -13.463 1.00 28.09 ?  1883 HIS A CE1 1 
ATOM   212  N NE2 . HIS A 1 31  ? -2.865  1.740   -13.240 1.00 30.66 ?  1883 HIS A NE2 1 
ATOM   213  N N   . GLU A 1 32  ? -0.276  5.823   -13.966 1.00 32.06 ?  1884 GLU A N   1 
ATOM   214  C CA  . GLU A 1 32  ? -0.801  7.168   -14.212 1.00 34.04 ?  1884 GLU A CA  1 
ATOM   215  C C   . GLU A 1 32  ? -1.946  7.556   -13.264 1.00 30.88 ?  1884 GLU A C   1 
ATOM   216  O O   . GLU A 1 32  ? -2.242  8.749   -13.100 1.00 31.86 ?  1884 GLU A O   1 
ATOM   217  C CB  . GLU A 1 32  ? -1.247  7.316   -15.677 1.00 34.52 ?  1884 GLU A CB  1 
ATOM   218  C CG  . GLU A 1 32  ? -2.558  6.634   -16.056 1.00 34.02 ?  1884 GLU A CG  1 
ATOM   219  C CD  . GLU A 1 32  ? -3.120  7.164   -17.386 1.00 50.44 ?  1884 GLU A CD  1 
ATOM   220  O OE1 . GLU A 1 32  ? -3.428  8.377   -17.465 1.00 50.96 ?  1884 GLU A OE1 1 
ATOM   221  O OE2 . GLU A 1 32  ? -3.255  6.372   -18.351 1.00 46.93 ?  1884 GLU A OE2 1 
ATOM   222  N N   . ASP A 1 33  ? -2.577  6.571   -12.632 1.00 28.07 ?  1885 ASP A N   1 
ATOM   223  C CA  . ASP A 1 33  ? -3.632  6.860   -11.665 1.00 25.57 ?  1885 ASP A CA  1 
ATOM   224  C C   . ASP A 1 33  ? -3.105  6.883   -10.215 1.00 24.59 ?  1885 ASP A C   1 
ATOM   225  O O   . ASP A 1 33  ? -3.889  6.855   -9.272  1.00 22.70 ?  1885 ASP A O   1 
ATOM   226  C CB  . ASP A 1 33  ? -4.771  5.843   -11.775 1.00 27.68 ?  1885 ASP A CB  1 
ATOM   227  C CG  . ASP A 1 33  ? -5.525  5.926   -13.112 1.00 31.92 ?  1885 ASP A CG  1 
ATOM   228  O OD1 . ASP A 1 33  ? -5.355  6.913   -13.862 1.00 32.57 ?  1885 ASP A OD1 1 
ATOM   229  O OD2 . ASP A 1 33  ? -6.298  4.991   -13.406 1.00 32.99 ?  1885 ASP A OD2 1 
ATOM   230  N N   . ALA A 1 34  ? -1.791  6.969   -10.043 1.00 25.53 ?  1886 ALA A N   1 
ATOM   231  C CA  . ALA A 1 34  ? -1.179  6.998   -8.710  1.00 24.25 ?  1886 ALA A CA  1 
ATOM   232  C C   . ALA A 1 34  ? -1.278  8.359   -8.004  1.00 27.48 ?  1886 ALA A C   1 
ATOM   233  O O   . ALA A 1 34  ? -1.033  8.454   -6.792  1.00 24.19 ?  1886 ALA A O   1 
ATOM   234  C CB  . ALA A 1 34  ? 0.283   6.588   -8.811  1.00 21.91 ?  1886 ALA A CB  1 
ATOM   235  N N   . TRP A 1 35  ? -1.628  9.408   -8.752  1.00 24.28 ?  1887 TRP A N   1 
ATOM   236  C CA  . TRP A 1 35  ? -1.496  10.772  -8.255  1.00 26.19 ?  1887 TRP A CA  1 
ATOM   237  C C   . TRP A 1 35  ? -2.264  11.086  -6.953  1.00 22.35 ?  1887 TRP A C   1 
ATOM   238  O O   . TRP A 1 35  ? -1.774  11.888  -6.152  1.00 27.69 ?  1887 TRP A O   1 
ATOM   239  C CB  . TRP A 1 35  ? -1.890  11.791  -9.352  1.00 29.49 ?  1887 TRP A CB  1 
ATOM   240  C CG  . TRP A 1 35  ? -3.247  11.599  -9.951  1.00 29.17 ?  1887 TRP A CG  1 
ATOM   241  C CD1 . TRP A 1 35  ? -3.558  10.846  -11.050 1.00 24.69 ?  1887 TRP A CD1 1 
ATOM   242  C CD2 . TRP A 1 35  ? -4.483  12.172  -9.493  1.00 27.39 ?  1887 TRP A CD2 1 
ATOM   243  N NE1 . TRP A 1 35  ? -4.910  10.897  -11.290 1.00 23.33 ?  1887 TRP A NE1 1 
ATOM   244  C CE2 . TRP A 1 35  ? -5.501  11.703  -10.350 1.00 28.20 ?  1887 TRP A CE2 1 
ATOM   245  C CE3 . TRP A 1 35  ? -4.829  13.016  -8.432  1.00 31.10 ?  1887 TRP A CE3 1 
ATOM   246  C CZ2 . TRP A 1 35  ? -6.844  12.064  -10.186 1.00 30.79 ?  1887 TRP A CZ2 1 
ATOM   247  C CZ3 . TRP A 1 35  ? -6.166  13.373  -8.268  1.00 28.11 ?  1887 TRP A CZ3 1 
ATOM   248  C CH2 . TRP A 1 35  ? -7.153  12.898  -9.141  1.00 30.91 ?  1887 TRP A CH2 1 
ATOM   249  N N   . PRO A 1 36  ? -3.439  10.462  -6.709  1.00 20.82 ?  1888 PRO A N   1 
ATOM   250  C CA  . PRO A 1 36  ? -4.042  10.817  -5.417  1.00 21.48 ?  1888 PRO A CA  1 
ATOM   251  C C   . PRO A 1 36  ? -3.336  10.171  -4.224  1.00 22.99 ?  1888 PRO A C   1 
ATOM   252  O O   . PRO A 1 36  ? -3.699  10.452  -3.079  1.00 19.89 ?  1888 PRO A O   1 
ATOM   253  C CB  . PRO A 1 36  ? -5.480  10.269  -5.525  1.00 22.35 ?  1888 PRO A CB  1 
ATOM   254  C CG  . PRO A 1 36  ? -5.684  9.944   -6.993  1.00 24.99 ?  1888 PRO A CG  1 
ATOM   255  C CD  . PRO A 1 36  ? -4.328  9.588   -7.500  1.00 21.70 ?  1888 PRO A CD  1 
ATOM   256  N N   . PHE A 1 37  ? -2.356  9.315   -4.494  1.00 19.48 ?  1889 PHE A N   1 
ATOM   257  C CA  . PHE A 1 37  ? -1.779  8.466   -3.449  1.00 18.12 ?  1889 PHE A CA  1 
ATOM   258  C C   . PHE A 1 37  ? -0.272  8.655   -3.255  1.00 21.34 ?  1889 PHE A C   1 
ATOM   259  O O   . PHE A 1 37  ? 0.333   7.988   -2.414  1.00 23.65 ?  1889 PHE A O   1 
ATOM   260  C CB  . PHE A 1 37  ? -2.085  6.997   -3.764  1.00 20.57 ?  1889 PHE A CB  1 
ATOM   261  C CG  . PHE A 1 37  ? -3.497  6.767   -4.151  1.00 22.90 ?  1889 PHE A CG  1 
ATOM   262  C CD1 . PHE A 1 37  ? -4.517  6.989   -3.234  1.00 22.02 ?  1889 PHE A CD1 1 
ATOM   263  C CD2 . PHE A 1 37  ? -3.826  6.350   -5.434  1.00 22.05 ?  1889 PHE A CD2 1 
ATOM   264  C CE1 . PHE A 1 37  ? -5.849  6.810   -3.595  1.00 18.42 ?  1889 PHE A CE1 1 
ATOM   265  C CE2 . PHE A 1 37  ? -5.148  6.158   -5.797  1.00 21.85 ?  1889 PHE A CE2 1 
ATOM   266  C CZ  . PHE A 1 37  ? -6.165  6.384   -4.873  1.00 23.28 ?  1889 PHE A CZ  1 
ATOM   267  N N   . LEU A 1 38  ? 0.331   9.562   -4.023  1.00 23.76 ?  1890 LEU A N   1 
ATOM   268  C CA  . LEU A 1 38  ? 1.789   9.709   -4.024  1.00 22.49 ?  1890 LEU A CA  1 
ATOM   269  C C   . LEU A 1 38  ? 2.322   10.325  -2.727  1.00 25.64 ?  1890 LEU A C   1 
ATOM   270  O O   . LEU A 1 38  ? 3.385   9.932   -2.241  1.00 25.27 ?  1890 LEU A O   1 
ATOM   271  C CB  . LEU A 1 38  ? 2.240   10.549  -5.229  1.00 24.98 ?  1890 LEU A CB  1 
ATOM   272  C CG  . LEU A 1 38  ? 2.042   9.875   -6.594  1.00 27.63 ?  1890 LEU A CG  1 
ATOM   273  C CD1 . LEU A 1 38  ? 2.423   10.818  -7.745  1.00 27.81 ?  1890 LEU A CD1 1 
ATOM   274  C CD2 . LEU A 1 38  ? 2.839   8.557   -6.677  1.00 24.59 ?  1890 LEU A CD2 1 
ATOM   275  N N   . LEU A 1 39  ? 1.575   11.280  -2.174  1.00 24.21 ?  1891 LEU A N   1 
ATOM   276  C CA  . LEU A 1 39  ? 1.992   12.021  -0.994  1.00 25.16 ?  1891 LEU A CA  1 
ATOM   277  C C   . LEU A 1 39  ? 0.926   11.960  0.092   1.00 25.78 ?  1891 LEU A C   1 
ATOM   278  O O   . LEU A 1 39  ? -0.226  11.659  -0.201  1.00 22.68 ?  1891 LEU A O   1 
ATOM   279  C CB  . LEU A 1 39  ? 2.283   13.480  -1.366  1.00 29.02 ?  1891 LEU A CB  1 
ATOM   280  C CG  . LEU A 1 39  ? 3.414   13.716  -2.371  1.00 28.83 ?  1891 LEU A CG  1 
ATOM   281  C CD1 . LEU A 1 39  ? 3.517   15.199  -2.745  1.00 30.76 ?  1891 LEU A CD1 1 
ATOM   282  C CD2 . LEU A 1 39  ? 4.729   13.216  -1.794  1.00 29.91 ?  1891 LEU A CD2 1 
ATOM   283  N N   . PRO A 1 40  ? 1.308   12.246  1.353   1.00 25.17 ?  1892 PRO A N   1 
ATOM   284  C CA  . PRO A 1 40  ? 0.302   12.343  2.411   1.00 26.62 ?  1892 PRO A CA  1 
ATOM   285  C C   . PRO A 1 40  ? -0.787  13.362  2.084   1.00 26.91 ?  1892 PRO A C   1 
ATOM   286  O O   . PRO A 1 40  ? -0.489  14.439  1.560   1.00 26.90 ?  1892 PRO A O   1 
ATOM   287  C CB  . PRO A 1 40  ? 1.107   12.806  3.631   1.00 25.10 ?  1892 PRO A CB  1 
ATOM   288  C CG  . PRO A 1 40  ? 2.495   12.448  3.347   1.00 24.62 ?  1892 PRO A CG  1 
ATOM   289  C CD  . PRO A 1 40  ? 2.665   12.513  1.861   1.00 25.35 ?  1892 PRO A CD  1 
ATOM   290  N N   . VAL A 1 41  ? -2.034  13.004  2.363   1.00 23.87 ?  1893 VAL A N   1 
ATOM   291  C CA  . VAL A 1 41  ? -3.121  13.976  2.350   1.00 26.79 ?  1893 VAL A CA  1 
ATOM   292  C C   . VAL A 1 41  ? -2.776  15.118  3.300   1.00 31.84 ?  1893 VAL A C   1 
ATOM   293  O O   . VAL A 1 41  ? -2.351  14.878  4.439   1.00 30.05 ?  1893 VAL A O   1 
ATOM   294  C CB  . VAL A 1 41  ? -4.452  13.336  2.775   1.00 27.50 ?  1893 VAL A CB  1 
ATOM   295  C CG1 . VAL A 1 41  ? -5.546  14.372  2.840   1.00 28.42 ?  1893 VAL A CG1 1 
ATOM   296  C CG2 . VAL A 1 41  ? -4.830  12.211  1.811   1.00 26.30 ?  1893 VAL A CG2 1 
ATOM   297  N N   . ASN A 1 42  ? -2.933  16.355  2.833   1.00 32.41 ?  1894 ASN A N   1 
ATOM   298  C CA  . ASN A 1 42  ? -2.646  17.520  3.670   1.00 37.39 ?  1894 ASN A CA  1 
ATOM   299  C C   . ASN A 1 42  ? -3.742  17.743  4.707   1.00 36.14 ?  1894 ASN A C   1 
ATOM   300  O O   . ASN A 1 42  ? -4.840  18.192  4.378   1.00 32.01 ?  1894 ASN A O   1 
ATOM   301  C CB  . ASN A 1 42  ? -2.484  18.781  2.818   1.00 39.21 ?  1894 ASN A CB  1 
ATOM   302  C CG  . ASN A 1 42  ? -1.916  19.950  3.611   1.00 42.19 ?  1894 ASN A CG  1 
ATOM   303  O OD1 . ASN A 1 42  ? -2.162  20.085  4.819   1.00 40.74 ?  1894 ASN A OD1 1 
ATOM   304  N ND2 . ASN A 1 42  ? -1.139  20.795  2.941   1.00 39.10 ?  1894 ASN A ND2 1 
ATOM   305  N N   . LEU A 1 43  ? -3.424  17.450  5.962   1.00 30.47 ?  1895 LEU A N   1 
ATOM   306  C CA  . LEU A 1 43  ? -4.426  17.404  7.010   1.00 31.86 ?  1895 LEU A CA  1 
ATOM   307  C C   . LEU A 1 43  ? -4.894  18.786  7.424   1.00 40.01 ?  1895 LEU A C   1 
ATOM   308  O O   . LEU A 1 43  ? -5.896  18.922  8.127   1.00 41.71 ?  1895 LEU A O   1 
ATOM   309  C CB  . LEU A 1 43  ? -3.888  16.648  8.222   1.00 32.18 ?  1895 LEU A CB  1 
ATOM   310  C CG  . LEU A 1 43  ? -3.602  15.170  7.979   1.00 33.88 ?  1895 LEU A CG  1 
ATOM   311  C CD1 . LEU A 1 43  ? -3.145  14.519  9.274   1.00 35.93 ?  1895 LEU A CD1 1 
ATOM   312  C CD2 . LEU A 1 43  ? -4.830  14.454  7.405   1.00 28.16 ?  1895 LEU A CD2 1 
ATOM   313  N N   . LYS A 1 44  ? -4.175  19.810  6.974   1.00 41.50 ?  1896 LYS A N   1 
ATOM   314  C CA  . LYS A 1 44  ? -4.553  21.181  7.271   1.00 45.31 ?  1896 LYS A CA  1 
ATOM   315  C C   . LYS A 1 44  ? -5.465  21.746  6.186   1.00 43.22 ?  1896 LYS A C   1 
ATOM   316  O O   . LYS A 1 44  ? -6.305  22.595  6.475   1.00 47.87 ?  1896 LYS A O   1 
ATOM   317  C CB  . LYS A 1 44  ? -3.304  22.063  7.452   1.00 40.71 ?  1896 LYS A CB  1 
ATOM   318  C CG  . LYS A 1 44  ? -2.580  21.778  8.765   1.00 46.04 ?  1896 LYS A CG  1 
ATOM   319  C CD  . LYS A 1 44  ? -1.510  22.810  9.117   1.00 58.11 ?  1896 LYS A CD  1 
ATOM   320  C CE  . LYS A 1 44  ? -0.162  22.499  8.468   1.00 65.07 ?  1896 LYS A CE  1 
ATOM   321  N NZ  . LYS A 1 44  ? 0.918   23.417  8.958   1.00 60.94 ?  1896 LYS A NZ  1 
ATOM   322  N N   . LEU A 1 45  ? -5.327  21.266  4.950   1.00 36.52 ?  1897 LEU A N   1 
ATOM   323  C CA  . LEU A 1 45  ? -6.106  21.820  3.839   1.00 39.51 ?  1897 LEU A CA  1 
ATOM   324  C C   . LEU A 1 45  ? -7.267  20.940  3.385   1.00 39.03 ?  1897 LEU A C   1 
ATOM   325  O O   . LEU A 1 45  ? -8.018  21.321  2.496   1.00 43.56 ?  1897 LEU A O   1 
ATOM   326  C CB  . LEU A 1 45  ? -5.200  22.094  2.640   1.00 35.32 ?  1897 LEU A CB  1 
ATOM   327  C CG  . LEU A 1 45  ? -3.993  23.003  2.886   1.00 48.95 ?  1897 LEU A CG  1 
ATOM   328  C CD1 . LEU A 1 45  ? -3.120  23.024  1.643   1.00 42.20 ?  1897 LEU A CD1 1 
ATOM   329  C CD2 . LEU A 1 45  ? -4.415  24.422  3.277   1.00 41.39 ?  1897 LEU A CD2 1 
ATOM   330  N N   . VAL A 1 46  ? -7.415  19.759  3.972   1.00 37.07 ?  1898 VAL A N   1 
ATOM   331  C CA  . VAL A 1 46  ? -8.524  18.888  3.602   1.00 29.43 ?  1898 VAL A CA  1 
ATOM   332  C C   . VAL A 1 46  ? -9.412  18.651  4.819   1.00 40.32 ?  1898 VAL A C   1 
ATOM   333  O O   . VAL A 1 46  ? -9.153  17.747  5.629   1.00 33.94 ?  1898 VAL A O   1 
ATOM   334  C CB  . VAL A 1 46  ? -8.034  17.544  3.029   1.00 36.09 ?  1898 VAL A CB  1 
ATOM   335  C CG1 . VAL A 1 46  ? -9.224  16.667  2.603   1.00 33.26 ?  1898 VAL A CG1 1 
ATOM   336  C CG2 . VAL A 1 46  ? -7.080  17.783  1.853   1.00 33.61 ?  1898 VAL A CG2 1 
ATOM   337  N N   . PRO A 1 47  ? -10.452 19.490  4.966   1.00 42.26 ?  1899 PRO A N   1 
ATOM   338  C CA  . PRO A 1 47  ? -11.412 19.394  6.072   1.00 40.86 ?  1899 PRO A CA  1 
ATOM   339  C C   . PRO A 1 47  ? -11.995 17.993  6.220   1.00 33.25 ?  1899 PRO A C   1 
ATOM   340  O O   . PRO A 1 47  ? -12.355 17.351  5.233   1.00 33.09 ?  1899 PRO A O   1 
ATOM   341  C CB  . PRO A 1 47  ? -12.502 20.402  5.676   1.00 45.61 ?  1899 PRO A CB  1 
ATOM   342  C CG  . PRO A 1 47  ? -11.778 21.414  4.846   1.00 41.87 ?  1899 PRO A CG  1 
ATOM   343  C CD  . PRO A 1 47  ? -10.749 20.629  4.075   1.00 37.18 ?  1899 PRO A CD  1 
ATOM   344  N N   . GLY A 1 48  ? -12.063 17.521  7.456   1.00 32.38 ?  1900 GLY A N   1 
ATOM   345  C CA  . GLY A 1 48  ? -12.625 16.211  7.723   1.00 28.19 ?  1900 GLY A CA  1 
ATOM   346  C C   . GLY A 1 48  ? -11.627 15.069  7.796   1.00 30.43 ?  1900 GLY A C   1 
ATOM   347  O O   . GLY A 1 48  ? -11.842 14.118  8.543   1.00 28.91 ?  1900 GLY A O   1 
ATOM   348  N N   . TYR A 1 49  ? -10.536 15.150  7.036   1.00 27.74 ?  1901 TYR A N   1 
ATOM   349  C CA  . TYR A 1 49  ? -9.702  13.964  6.814   1.00 30.97 ?  1901 TYR A CA  1 
ATOM   350  C C   . TYR A 1 49  ? -9.017  13.473  8.089   1.00 26.11 ?  1901 TYR A C   1 
ATOM   351  O O   . TYR A 1 49  ? -8.983  12.258  8.363   1.00 28.60 ?  1901 TYR A O   1 
ATOM   352  C CB  . TYR A 1 49  ? -8.642  14.224  5.727   1.00 25.31 ?  1901 TYR A CB  1 
ATOM   353  C CG  . TYR A 1 49  ? -8.159  12.942  5.060   1.00 26.12 ?  1901 TYR A CG  1 
ATOM   354  C CD1 . TYR A 1 49  ? -8.828  12.408  3.954   1.00 24.01 ?  1901 TYR A CD1 1 
ATOM   355  C CD2 . TYR A 1 49  ? -7.061  12.250  5.556   1.00 26.94 ?  1901 TYR A CD2 1 
ATOM   356  C CE1 . TYR A 1 49  ? -8.388  11.226  3.341   1.00 28.23 ?  1901 TYR A CE1 1 
ATOM   357  C CE2 . TYR A 1 49  ? -6.611  11.068  4.958   1.00 28.47 ?  1901 TYR A CE2 1 
ATOM   358  C CZ  . TYR A 1 49  ? -7.276  10.556  3.857   1.00 32.06 ?  1901 TYR A CZ  1 
ATOM   359  O OH  . TYR A 1 49  ? -6.817  9.381   3.277   1.00 30.32 ?  1901 TYR A OH  1 
ATOM   360  N N   . LYS A 1 50  ? -8.493  14.410  8.871   1.00 26.11 ?  1902 LYS A N   1 
ATOM   361  C CA  . LYS A 1 50  ? -7.777  14.055  10.093  1.00 30.42 ?  1902 LYS A CA  1 
ATOM   362  C C   . LYS A 1 50  ? -8.676  13.315  11.089  1.00 31.01 ?  1902 LYS A C   1 
ATOM   363  O O   . LYS A 1 50  ? -8.271  12.312  11.688  1.00 30.11 ?  1902 LYS A O   1 
ATOM   364  C CB  . LYS A 1 50  ? -7.188  15.307  10.738  1.00 32.68 ?  1902 LYS A CB  1 
ATOM   365  C CG  . LYS A 1 50  ? -6.134  15.020  11.799  1.00 38.30 ?  1902 LYS A CG  1 
ATOM   366  C CD  . LYS A 1 50  ? -5.486  16.318  12.266  1.00 43.40 ?  1902 LYS A CD  1 
ATOM   367  C CE  . LYS A 1 50  ? -4.283  16.072  13.172  1.00 52.43 ?  1902 LYS A CE  1 
ATOM   368  N NZ  . LYS A 1 50  ? -4.666  15.517  14.497  1.00 52.24 ?  1902 LYS A NZ  1 
ATOM   369  N N   . LYS A 1 51  ? -9.902  13.801  11.249  1.00 29.30 ?  1903 LYS A N   1 
ATOM   370  C CA  . LYS A 1 51  ? -10.836 13.214  12.207  1.00 28.77 ?  1903 LYS A CA  1 
ATOM   371  C C   . LYS A 1 51  ? -11.368 11.867  11.727  1.00 27.88 ?  1903 LYS A C   1 
ATOM   372  O O   . LYS A 1 51  ? -11.508 10.930  12.509  1.00 29.46 ?  1903 LYS A O   1 
ATOM   373  C CB  . LYS A 1 51  ? -12.007 14.179  12.465  1.00 32.25 ?  1903 LYS A CB  1 
ATOM   374  C CG  . LYS A 1 51  ? -13.016 13.707  13.518  1.00 27.45 ?  1903 LYS A CG  1 
ATOM   375  C CD  . LYS A 1 51  ? -12.348 13.416  14.856  1.00 32.51 ?  1903 LYS A CD  1 
ATOM   376  C CE  . LYS A 1 51  ? -13.364 12.957  15.910  1.00 32.53 ?  1903 LYS A CE  1 
ATOM   377  N NZ  . LYS A 1 51  ? -14.125 14.101  16.483  1.00 30.87 ?  1903 LYS A NZ  1 
ATOM   378  N N   . VAL A 1 52  ? -11.668 11.777  10.436  1.00 30.22 ?  1904 VAL A N   1 
ATOM   379  C CA  . VAL A 1 52  ? -12.293 10.576  9.883   1.00 28.40 ?  1904 VAL A CA  1 
ATOM   380  C C   . VAL A 1 52  ? -11.298 9.434   9.665   1.00 31.03 ?  1904 VAL A C   1 
ATOM   381  O O   . VAL A 1 52  ? -11.576 8.283   9.989   1.00 27.97 ?  1904 VAL A O   1 
ATOM   382  C CB  . VAL A 1 52  ? -12.990 10.884  8.535   1.00 28.10 ?  1904 VAL A CB  1 
ATOM   383  C CG1 . VAL A 1 52  ? -13.503 9.593   7.882   1.00 23.27 ?  1904 VAL A CG1 1 
ATOM   384  C CG2 . VAL A 1 52  ? -14.129 11.898  8.732   1.00 25.25 ?  1904 VAL A CG2 1 
ATOM   385  N N   . ILE A 1 53  ? -10.139 9.747   9.108   1.00 24.25 ?  1905 ILE A N   1 
ATOM   386  C CA  . ILE A 1 53  ? -9.195  8.697   8.718   1.00 28.17 ?  1905 ILE A CA  1 
ATOM   387  C C   . ILE A 1 53  ? -8.173  8.460   9.828   1.00 27.25 ?  1905 ILE A C   1 
ATOM   388  O O   . ILE A 1 53  ? -7.226  9.225   9.989   1.00 29.71 ?  1905 ILE A O   1 
ATOM   389  C CB  . ILE A 1 53  ? -8.489  9.055   7.383   1.00 28.22 ?  1905 ILE A CB  1 
ATOM   390  C CG1 . ILE A 1 53  ? -9.532  9.301   6.295   1.00 20.81 ?  1905 ILE A CG1 1 
ATOM   391  C CG2 . ILE A 1 53  ? -7.532  7.944   6.950   1.00 25.74 ?  1905 ILE A CG2 1 
ATOM   392  C CD1 . ILE A 1 53  ? -10.308 8.036   5.886   1.00 22.87 ?  1905 ILE A CD1 1 
ATOM   393  N N   . LYS A 1 54  ? -8.375  7.400   10.603  1.00 26.23 ?  1906 LYS A N   1 
ATOM   394  C CA  . LYS A 1 54  ? -7.572  7.182   11.805  1.00 32.50 ?  1906 LYS A CA  1 
ATOM   395  C C   . LYS A 1 54  ? -6.114  6.864   11.504  1.00 33.38 ?  1906 LYS A C   1 
ATOM   396  O O   . LYS A 1 54  ? -5.229  7.216   12.281  1.00 30.61 ?  1906 LYS A O   1 
ATOM   397  C CB  . LYS A 1 54  ? -8.167  6.057   12.655  1.00 34.02 ?  1906 LYS A CB  1 
ATOM   398  C CG  . LYS A 1 54  ? -9.635  6.247   12.986  1.00 44.92 ?  1906 LYS A CG  1 
ATOM   399  C CD  . LYS A 1 54  ? -9.877  7.576   13.673  1.00 40.50 ?  1906 LYS A CD  1 
ATOM   400  C CE  . LYS A 1 54  ? -11.368 7.864   13.784  1.00 43.63 ?  1906 LYS A CE  1 
ATOM   401  N NZ  . LYS A 1 54  ? -11.594 9.145   14.498  1.00 46.33 ?  1906 LYS A NZ  1 
ATOM   402  N N   . LYS A 1 55  ? -5.867  6.195   10.384  1.00 25.72 ?  1907 LYS A N   1 
ATOM   403  C CA  . LYS A 1 55  ? -4.514  5.815   10.019  1.00 27.28 ?  1907 LYS A CA  1 
ATOM   404  C C   . LYS A 1 55  ? -4.207  6.190   8.580   1.00 24.47 ?  1907 LYS A C   1 
ATOM   405  O O   . LYS A 1 55  ? -4.383  5.378   7.678   1.00 23.66 ?  1907 LYS A O   1 
ATOM   406  C CB  . LYS A 1 55  ? -4.308  4.316   10.218  1.00 31.06 ?  1907 LYS A CB  1 
ATOM   407  C CG  . LYS A 1 55  ? -4.511  3.831   11.651  1.00 37.02 ?  1907 LYS A CG  1 
ATOM   408  C CD  . LYS A 1 55  ? -4.452  2.313   11.707  1.00 48.63 ?  1907 LYS A CD  1 
ATOM   409  C CE  . LYS A 1 55  ? -4.657  1.780   13.118  1.00 63.02 ?  1907 LYS A CE  1 
ATOM   410  N NZ  . LYS A 1 55  ? -4.546  0.290   13.144  1.00 64.44 ?  1907 LYS A NZ  1 
ATOM   411  N N   . PRO A 1 56  ? -3.776  7.435   8.356   1.00 25.40 ?  1908 PRO A N   1 
ATOM   412  C CA  . PRO A 1 56  ? -3.426  7.839   6.990   1.00 24.81 ?  1908 PRO A CA  1 
ATOM   413  C C   . PRO A 1 56  ? -2.229  7.050   6.448   1.00 27.04 ?  1908 PRO A C   1 
ATOM   414  O O   . PRO A 1 56  ? -1.360  6.614   7.214   1.00 21.56 ?  1908 PRO A O   1 
ATOM   415  C CB  . PRO A 1 56  ? -3.091  9.326   7.139   1.00 22.70 ?  1908 PRO A CB  1 
ATOM   416  C CG  . PRO A 1 56  ? -3.847  9.758   8.365   1.00 28.62 ?  1908 PRO A CG  1 
ATOM   417  C CD  . PRO A 1 56  ? -3.788  8.573   9.290   1.00 26.79 ?  1908 PRO A CD  1 
ATOM   418  N N   . MET A 1 57  ? -2.204  6.849   5.135   1.00 23.94 ?  1909 MET A N   1 
ATOM   419  C CA  . MET A 1 57  ? -1.108  6.137   4.490   1.00 20.86 ?  1909 MET A CA  1 
ATOM   420  C C   . MET A 1 57  ? -1.066  6.536   3.027   1.00 21.79 ?  1909 MET A C   1 
ATOM   421  O O   . MET A 1 57  ? -2.106  6.833   2.428   1.00 23.13 ?  1909 MET A O   1 
ATOM   422  C CB  . MET A 1 57  ? -1.265  4.611   4.655   1.00 17.34 ?  1909 MET A CB  1 
ATOM   423  C CG  . MET A 1 57  ? -0.056  3.807   4.199   1.00 20.55 ?  1909 MET A CG  1 
ATOM   424  S SD  . MET A 1 57  ? 1.496   4.330   4.986   1.00 25.24 ?  1909 MET A SD  1 
ATOM   425  C CE  . MET A 1 57  ? 1.045   4.128   6.717   1.00 21.70 ?  1909 MET A CE  1 
ATOM   426  N N   . ASP A 1 58  ? 0.144   6.577   2.469   1.00 20.65 ?  1910 ASP A N   1 
ATOM   427  C CA  . ASP A 1 58  ? 0.368   6.966   1.078   1.00 21.30 ?  1910 ASP A CA  1 
ATOM   428  C C   . ASP A 1 58  ? 1.644   6.287   0.589   1.00 19.98 ?  1910 ASP A C   1 
ATOM   429  O O   . ASP A 1 58  ? 2.387   5.726   1.397   1.00 22.09 ?  1910 ASP A O   1 
ATOM   430  C CB  . ASP A 1 58  ? 0.487   8.486   0.944   1.00 21.52 ?  1910 ASP A CB  1 
ATOM   431  C CG  . ASP A 1 58  ? 1.758   9.012   1.575   1.00 23.56 ?  1910 ASP A CG  1 
ATOM   432  O OD1 . ASP A 1 58  ? 1.797   9.151   2.825   1.00 23.45 ?  1910 ASP A OD1 1 
ATOM   433  O OD2 . ASP A 1 58  ? 2.717   9.279   0.821   1.00 27.34 ?  1910 ASP A OD2 1 
ATOM   434  N N   . PHE A 1 59  ? 1.918   6.346   -0.713  1.00 17.77 ?  1911 PHE A N   1 
ATOM   435  C CA  . PHE A 1 59  ? 3.029   5.580   -1.282  1.00 17.94 ?  1911 PHE A CA  1 
ATOM   436  C C   . PHE A 1 59  ? 4.395   6.077   -0.799  1.00 21.22 ?  1911 PHE A C   1 
ATOM   437  O O   . PHE A 1 59  ? 5.319   5.280   -0.630  1.00 21.97 ?  1911 PHE A O   1 
ATOM   438  C CB  . PHE A 1 59  ? 2.986   5.621   -2.817  1.00 17.61 ?  1911 PHE A CB  1 
ATOM   439  C CG  . PHE A 1 59  ? 1.792   4.900   -3.433  1.00 23.76 ?  1911 PHE A CG  1 
ATOM   440  C CD1 . PHE A 1 59  ? 0.989   4.048   -2.680  1.00 20.81 ?  1911 PHE A CD1 1 
ATOM   441  C CD2 . PHE A 1 59  ? 1.483   5.073   -4.774  1.00 22.00 ?  1911 PHE A CD2 1 
ATOM   442  C CE1 . PHE A 1 59  ? -0.110  3.385   -3.270  1.00 18.77 ?  1911 PHE A CE1 1 
ATOM   443  C CE2 . PHE A 1 59  ? 0.395   4.414   -5.363  1.00 20.52 ?  1911 PHE A CE2 1 
ATOM   444  C CZ  . PHE A 1 59  ? -0.402  3.576   -4.603  1.00 24.54 ?  1911 PHE A CZ  1 
ATOM   445  N N   . SER A 1 60  ? 4.539   7.386   -0.592  1.00 23.03 ?  1912 SER A N   1 
ATOM   446  C CA  . SER A 1 60  ? 5.829   7.930   -0.159  1.00 24.23 ?  1912 SER A CA  1 
ATOM   447  C C   . SER A 1 60  ? 6.152   7.493   1.276   1.00 25.54 ?  1912 SER A C   1 
ATOM   448  O O   . SER A 1 60  ? 7.306   7.212   1.595   1.00 26.01 ?  1912 SER A O   1 
ATOM   449  C CB  . SER A 1 60  ? 5.858   9.465   -0.279  1.00 27.29 ?  1912 SER A CB  1 
ATOM   450  O OG  . SER A 1 60  ? 5.097   10.090  0.740   1.00 24.29 ?  1912 SER A OG  1 
ATOM   451  N N   . THR A 1 61  ? 5.132   7.397   2.120   1.00 20.52 ?  1913 THR A N   1 
ATOM   452  C CA  . THR A 1 61  ? 5.328   6.925   3.489   1.00 23.10 ?  1913 THR A CA  1 
ATOM   453  C C   . THR A 1 61  ? 5.684   5.441   3.500   1.00 25.89 ?  1913 THR A C   1 
ATOM   454  O O   . THR A 1 61  ? 6.551   4.997   4.265   1.00 29.33 ?  1913 THR A O   1 
ATOM   455  C CB  . THR A 1 61  ? 4.086   7.186   4.355   1.00 24.04 ?  1913 THR A CB  1 
ATOM   456  O OG1 . THR A 1 61  ? 3.859   8.598   4.422   1.00 24.00 ?  1913 THR A OG1 1 
ATOM   457  C CG2 . THR A 1 61  ? 4.277   6.650   5.799   1.00 22.71 ?  1913 THR A CG2 1 
ATOM   458  N N   . ILE A 1 62  ? 5.030   4.679   2.634   1.00 24.48 ?  1914 ILE A N   1 
ATOM   459  C CA  . ILE A 1 62  ? 5.351   3.266   2.467   1.00 22.10 ?  1914 ILE A CA  1 
ATOM   460  C C   . ILE A 1 62  ? 6.792   3.106   1.986   1.00 26.09 ?  1914 ILE A C   1 
ATOM   461  O O   . ILE A 1 62  ? 7.522   2.247   2.485   1.00 24.80 ?  1914 ILE A O   1 
ATOM   462  C CB  . ILE A 1 62  ? 4.386   2.594   1.470   1.00 22.23 ?  1914 ILE A CB  1 
ATOM   463  C CG1 . ILE A 1 62  ? 2.958   2.601   2.033   1.00 19.28 ?  1914 ILE A CG1 1 
ATOM   464  C CG2 . ILE A 1 62  ? 4.856   1.167   1.102   1.00 20.15 ?  1914 ILE A CG2 1 
ATOM   465  C CD1 . ILE A 1 62  ? 1.899   2.135   1.011   1.00 18.44 ?  1914 ILE A CD1 1 
ATOM   466  N N   . ARG A 1 63  ? 7.197   3.927   1.017   1.00 21.77 ?  1915 ARG A N   1 
ATOM   467  C CA  . ARG A 1 63  ? 8.562   3.884   0.504   1.00 23.98 ?  1915 ARG A CA  1 
ATOM   468  C C   . ARG A 1 63  ? 9.574   4.148   1.626   1.00 28.90 ?  1915 ARG A C   1 
ATOM   469  O O   . ARG A 1 63  ? 10.606  3.480   1.714   1.00 29.07 ?  1915 ARG A O   1 
ATOM   470  C CB  . ARG A 1 63  ? 8.743   4.895   -0.633  1.00 27.50 ?  1915 ARG A CB  1 
ATOM   471  C CG  . ARG A 1 63  ? 10.178  5.045   -1.154  1.00 31.43 ?  1915 ARG A CG  1 
ATOM   472  C CD  . ARG A 1 63  ? 10.678  3.789   -1.854  1.00 26.05 ?  1915 ARG A CD  1 
ATOM   473  N NE  . ARG A 1 63  ? 10.083  3.606   -3.177  1.00 26.32 ?  1915 ARG A NE  1 
ATOM   474  C CZ  . ARG A 1 63  ? 10.183  2.482   -3.886  1.00 28.53 ?  1915 ARG A CZ  1 
ATOM   475  N NH1 . ARG A 1 63  ? 10.843  1.439   -3.397  1.00 26.93 ?  1915 ARG A NH1 1 
ATOM   476  N NH2 . ARG A 1 63  ? 9.611   2.384   -5.076  1.00 31.15 ?  1915 ARG A NH2 1 
ATOM   477  N N   . GLU A 1 64  ? 9.268   5.102   2.499   1.00 27.54 ?  1916 GLU A N   1 
ATOM   478  C CA  . GLU A 1 64  ? 10.176  5.445   3.586   1.00 28.55 ?  1916 GLU A CA  1 
ATOM   479  C C   . GLU A 1 64  ? 10.270  4.296   4.588   1.00 32.91 ?  1916 GLU A C   1 
ATOM   480  O O   . GLU A 1 64  ? 11.361  3.934   5.033   1.00 30.47 ?  1916 GLU A O   1 
ATOM   481  C CB  . GLU A 1 64  ? 9.723   6.728   4.288   1.00 32.04 ?  1916 GLU A CB  1 
ATOM   482  C CG  . GLU A 1 64  ? 10.669  7.213   5.397   1.00 39.98 ?  1916 GLU A CG  1 
ATOM   483  C CD  . GLU A 1 64  ? 12.082  7.539   4.896   1.00 49.97 ?  1916 GLU A CD  1 
ATOM   484  O OE1 . GLU A 1 64  ? 12.224  7.989   3.730   1.00 45.41 ?  1916 GLU A OE1 1 
ATOM   485  O OE2 . GLU A 1 64  ? 13.050  7.351   5.679   1.00 44.66 ?  1916 GLU A OE2 1 
ATOM   486  N N   . LYS A 1 65  ? 9.122   3.721   4.939   1.00 28.82 ?  1917 LYS A N   1 
ATOM   487  C CA  . LYS A 1 65  ? 9.091   2.596   5.864   1.00 25.06 ?  1917 LYS A CA  1 
ATOM   488  C C   . LYS A 1 65  ? 9.846   1.392   5.288   1.00 28.26 ?  1917 LYS A C   1 
ATOM   489  O O   . LYS A 1 65  ? 10.593  0.714   6.007   1.00 27.90 ?  1917 LYS A O   1 
ATOM   490  C CB  . LYS A 1 65  ? 7.645   2.220   6.192   1.00 26.19 ?  1917 LYS A CB  1 
ATOM   491  C CG  . LYS A 1 65  ? 6.930   3.238   7.085   1.00 23.81 ?  1917 LYS A CG  1 
ATOM   492  C CD  . LYS A 1 65  ? 5.467   2.889   7.265   1.00 27.00 ?  1917 LYS A CD  1 
ATOM   493  C CE  . LYS A 1 65  ? 5.299   1.625   8.087   1.00 28.27 ?  1917 LYS A CE  1 
ATOM   494  N NZ  . LYS A 1 65  ? 3.899   1.510   8.606   1.00 24.44 ?  1917 LYS A NZ  1 
ATOM   495  N N   . LEU A 1 66  ? 9.649   1.138   3.996   1.00 25.24 ?  1918 LEU A N   1 
ATOM   496  C CA  . LEU A 1 66  ? 10.274  0.005   3.314   1.00 28.15 ?  1918 LEU A CA  1 
ATOM   497  C C   . LEU A 1 66  ? 11.793  0.153   3.313   1.00 30.13 ?  1918 LEU A C   1 
ATOM   498  O O   . LEU A 1 66  ? 12.520  -0.798  3.588   1.00 31.79 ?  1918 LEU A O   1 
ATOM   499  C CB  . LEU A 1 66  ? 9.762   -0.119  1.868   1.00 23.78 ?  1918 LEU A CB  1 
ATOM   500  C CG  . LEU A 1 66  ? 10.154  -1.393  1.099   1.00 29.36 ?  1918 LEU A CG  1 
ATOM   501  C CD1 . LEU A 1 66  ? 9.566   -2.604  1.793   1.00 25.70 ?  1918 LEU A CD1 1 
ATOM   502  C CD2 . LEU A 1 66  ? 9.713   -1.375  -0.368  1.00 24.36 ?  1918 LEU A CD2 1 
ATOM   503  N N   . SER A 1 67  ? 12.254  1.361   3.000   1.00 30.73 ?  1919 SER A N   1 
ATOM   504  C CA  . SER A 1 67  ? 13.672  1.658   2.864   1.00 27.15 ?  1919 SER A CA  1 
ATOM   505  C C   . SER A 1 67  ? 14.418  1.731   4.199   1.00 25.91 ?  1919 SER A C   1 
ATOM   506  O O   . SER A 1 67  ? 15.641  1.703   4.236   1.00 30.91 ?  1919 SER A O   1 
ATOM   507  C CB  . SER A 1 67  ? 13.852  2.977   2.112   1.00 29.00 ?  1919 SER A CB  1 
ATOM   508  O OG  . SER A 1 67  ? 13.553  2.823   0.739   1.00 35.46 ?  1919 SER A OG  1 
ATOM   509  N N   . SER A 1 68  ? 13.693  1.842   5.295   1.00 25.81 ?  1920 SER A N   1 
ATOM   510  C CA  . SER A 1 68  ? 14.343  1.980   6.582   1.00 28.23 ?  1920 SER A CA  1 
ATOM   511  C C   . SER A 1 68  ? 14.047  0.775   7.482   1.00 26.50 ?  1920 SER A C   1 
ATOM   512  O O   . SER A 1 68  ? 14.183  0.851   8.712   1.00 26.90 ?  1920 SER A O   1 
ATOM   513  C CB  . SER A 1 68  ? 13.907  3.275   7.260   1.00 28.15 ?  1920 SER A CB  1 
ATOM   514  O OG  . SER A 1 68  ? 12.495  3.330   7.382   1.00 29.94 ?  1920 SER A OG  1 
ATOM   515  N N   . GLY A 1 69  ? 13.638  -0.338  6.873   1.00 28.26 ?  1921 GLY A N   1 
ATOM   516  C CA  . GLY A 1 69  ? 13.515  -1.593  7.602   1.00 23.45 ?  1921 GLY A CA  1 
ATOM   517  C C   . GLY A 1 69  ? 12.359  -1.640  8.575   1.00 26.10 ?  1921 GLY A C   1 
ATOM   518  O O   . GLY A 1 69  ? 12.418  -2.325  9.598   1.00 26.81 ?  1921 GLY A O   1 
ATOM   519  N N   . GLN A 1 70  ? 11.284  -0.926  8.261   1.00 25.87 ?  1922 GLN A N   1 
ATOM   520  C CA  . GLN A 1 70  ? 10.151  -0.856  9.175   1.00 27.90 ?  1922 GLN A CA  1 
ATOM   521  C C   . GLN A 1 70  ? 9.012   -1.835  8.863   1.00 27.50 ?  1922 GLN A C   1 
ATOM   522  O O   . GLN A 1 70  ? 8.002   -1.845  9.572   1.00 30.78 ?  1922 GLN A O   1 
ATOM   523  C CB  . GLN A 1 70  ? 9.602   0.568   9.210   1.00 28.52 ?  1922 GLN A CB  1 
ATOM   524  C CG  . GLN A 1 70  ? 10.643  1.608   9.537   1.00 29.66 ?  1922 GLN A CG  1 
ATOM   525  C CD  . GLN A 1 70  ? 10.021  2.917   9.952   1.00 37.50 ?  1922 GLN A CD  1 
ATOM   526  O OE1 . GLN A 1 70  ? 9.017   2.939   10.669  1.00 41.84 ?  1922 GLN A OE1 1 
ATOM   527  N NE2 . GLN A 1 70  ? 10.594  4.019   9.487   1.00 34.82 ?  1922 GLN A NE2 1 
ATOM   528  N N   . TYR A 1 71  ? 9.160   -2.643  7.813   1.00 25.65 ?  1923 TYR A N   1 
ATOM   529  C CA  . TYR A 1 71  ? 8.232   -3.752  7.581   1.00 21.12 ?  1923 TYR A CA  1 
ATOM   530  C C   . TYR A 1 71  ? 8.881   -5.070  8.021   1.00 29.49 ?  1923 TYR A C   1 
ATOM   531  O O   . TYR A 1 71  ? 9.893   -5.495  7.466   1.00 27.87 ?  1923 TYR A O   1 
ATOM   532  C CB  . TYR A 1 71  ? 7.794   -3.834  6.107   1.00 20.91 ?  1923 TYR A CB  1 
ATOM   533  C CG  . TYR A 1 71  ? 6.900   -2.669  5.724   1.00 21.39 ?  1923 TYR A CG  1 
ATOM   534  C CD1 . TYR A 1 71  ? 5.699   -2.447  6.381   1.00 23.42 ?  1923 TYR A CD1 1 
ATOM   535  C CD2 . TYR A 1 71  ? 7.270   -1.785  4.722   1.00 22.36 ?  1923 TYR A CD2 1 
ATOM   536  C CE1 . TYR A 1 71  ? 4.886   -1.358  6.058   1.00 25.26 ?  1923 TYR A CE1 1 
ATOM   537  C CE2 . TYR A 1 71  ? 6.470   -0.706  4.384   1.00 20.94 ?  1923 TYR A CE2 1 
ATOM   538  C CZ  . TYR A 1 71  ? 5.277   -0.498  5.054   1.00 22.85 ?  1923 TYR A CZ  1 
ATOM   539  O OH  . TYR A 1 71  ? 4.498   0.589   4.730   1.00 25.35 ?  1923 TYR A OH  1 
ATOM   540  N N   . PRO A 1 72  ? 8.311   -5.702  9.051   1.00 28.59 ?  1924 PRO A N   1 
ATOM   541  C CA  . PRO A 1 72  ? 8.819   -6.983  9.557   1.00 30.68 ?  1924 PRO A CA  1 
ATOM   542  C C   . PRO A 1 72  ? 8.758   -8.083  8.506   1.00 33.49 ?  1924 PRO A C   1 
ATOM   543  O O   . PRO A 1 72  ? 9.611   -8.969  8.525   1.00 33.61 ?  1924 PRO A O   1 
ATOM   544  C CB  . PRO A 1 72  ? 7.876   -7.301  10.719  1.00 32.03 ?  1924 PRO A CB  1 
ATOM   545  C CG  . PRO A 1 72  ? 7.325   -5.981  11.134  1.00 28.49 ?  1924 PRO A CG  1 
ATOM   546  C CD  . PRO A 1 72  ? 7.230   -5.156  9.887   1.00 27.21 ?  1924 PRO A CD  1 
ATOM   547  N N   . ASN A 1 73  ? 7.778   -8.017  7.598   1.00 29.29 ?  1925 ASN A N   1 
ATOM   548  C CA  . ASN A 1 73  ? 7.552   -9.072  6.610   1.00 31.76 ?  1925 ASN A CA  1 
ATOM   549  C C   . ASN A 1 73  ? 6.657   -8.587  5.462   1.00 32.67 ?  1925 ASN A C   1 
ATOM   550  O O   . ASN A 1 73  ? 6.118   -7.474  5.522   1.00 27.17 ?  1925 ASN A O   1 
ATOM   551  C CB  . ASN A 1 73  ? 6.911   -10.280 7.278   1.00 32.11 ?  1925 ASN A CB  1 
ATOM   552  C CG  . ASN A 1 73  ? 5.657   -9.909  8.023   1.00 32.78 ?  1925 ASN A CG  1 
ATOM   553  O OD1 . ASN A 1 73  ? 4.715   -9.367  7.440   1.00 33.02 ?  1925 ASN A OD1 1 
ATOM   554  N ND2 . ASN A 1 73  ? 5.630   -10.192 9.316   1.00 29.65 ?  1925 ASN A ND2 1 
ATOM   555  N N   A LEU A 1 74  ? 6.530   -9.448  4.447   0.31 32.11 ?  1926 LEU A N   1 
ATOM   556  N N   B LEU A 1 74  ? 6.467   -9.391  4.420   0.69 32.33 ?  1926 LEU A N   1 
ATOM   557  C CA  A LEU A 1 74  ? 5.660   -9.262  3.285   0.31 33.05 ?  1926 LEU A CA  1 
ATOM   558  C CA  B LEU A 1 74  ? 5.704   -8.876  3.282   0.69 33.06 ?  1926 LEU A CA  1 
ATOM   559  C C   A LEU A 1 74  ? 4.289   -8.724  3.642   0.31 31.13 ?  1926 LEU A C   1 
ATOM   560  C C   B LEU A 1 74  ? 4.192   -8.735  3.563   0.69 31.08 ?  1926 LEU A C   1 
ATOM   561  O O   A LEU A 1 74  ? 3.809   -7.746  3.074   0.31 28.77 ?  1926 LEU A O   1 
ATOM   562  O O   B LEU A 1 74  ? 3.513   -7.995  2.855   0.69 28.81 ?  1926 LEU A O   1 
ATOM   563  C CB  A LEU A 1 74  ? 5.460   -10.595 2.558   0.31 34.73 ?  1926 LEU A CB  1 
ATOM   564  C CB  B LEU A 1 74  ? 5.929   -9.726  2.024   0.69 32.96 ?  1926 LEU A CB  1 
ATOM   565  C CG  A LEU A 1 74  ? 6.457   -11.063 1.506   0.31 35.13 ?  1926 LEU A CG  1 
ATOM   566  C CG  B LEU A 1 74  ? 6.019   -11.249 2.028   0.69 36.00 ?  1926 LEU A CG  1 
ATOM   567  C CD1 A LEU A 1 74  ? 5.838   -12.169 0.664   0.31 37.02 ?  1926 LEU A CD1 1 
ATOM   568  C CD1 B LEU A 1 74  ? 5.060   -11.876 3.000   0.69 33.53 ?  1926 LEU A CD1 1 
ATOM   569  C CD2 A LEU A 1 74  ? 6.865   -9.904  0.644   0.31 33.41 ?  1926 LEU A CD2 1 
ATOM   570  C CD2 B LEU A 1 74  ? 5.739   -11.759 0.623   0.69 36.73 ?  1926 LEU A CD2 1 
ATOM   571  N N   . GLU A 1 75  ? 3.664   -9.413  4.582   1.00 31.45 ?  1927 GLU A N   1 
ATOM   572  C CA  . GLU A 1 75  ? 2.268   -9.193  4.950   1.00 32.28 ?  1927 GLU A CA  1 
ATOM   573  C C   . GLU A 1 75  ? 2.029   -7.792  5.492   1.00 33.08 ?  1927 GLU A C   1 
ATOM   574  O O   . GLU A 1 75  ? 1.001   -7.178  5.198   1.00 27.86 ?  1927 GLU A O   1 
ATOM   575  C CB  . GLU A 1 75  ? 1.811   -10.226 5.989   1.00 35.28 ?  1927 GLU A CB  1 
ATOM   576  C CG  . GLU A 1 75  ? 1.720   -11.656 5.448   1.00 43.77 ?  1927 GLU A CG  1 
ATOM   577  C CD  . GLU A 1 75  ? 3.015   -12.469 5.634   1.00 54.05 ?  1927 GLU A CD  1 
ATOM   578  O OE1 . GLU A 1 75  ? 3.996   -11.938 6.208   1.00 46.12 ?  1927 GLU A OE1 1 
ATOM   579  O OE2 . GLU A 1 75  ? 3.055   -13.648 5.197   1.00 60.78 ?  1927 GLU A OE2 1 
ATOM   580  N N   . THR A 1 76  ? 2.965   -7.287  6.293   1.00 28.67 ?  1928 THR A N   1 
ATOM   581  C CA  . THR A 1 76  ? 2.779   -5.960  6.870   1.00 24.66 ?  1928 THR A CA  1 
ATOM   582  C C   . THR A 1 76  ? 2.915   -4.906  5.769   1.00 23.52 ?  1928 THR A C   1 
ATOM   583  O O   . THR A 1 76  ? 2.297   -3.848  5.864   1.00 23.67 ?  1928 THR A O   1 
ATOM   584  C CB  . THR A 1 76  ? 3.781   -5.658  8.020   1.00 26.71 ?  1928 THR A CB  1 
ATOM   585  O OG1 . THR A 1 76  ? 5.128   -5.744  7.533   1.00 29.60 ?  1928 THR A OG1 1 
ATOM   586  C CG2 . THR A 1 76  ? 3.587   -6.636  9.193   1.00 25.14 ?  1928 THR A CG2 1 
ATOM   587  N N   . PHE A 1 77  ? 3.715   -5.196  4.736   1.00 20.90 ?  1929 PHE A N   1 
ATOM   588  C CA  . PHE A 1 77  ? 3.790   -4.317  3.559   1.00 23.60 ?  1929 PHE A CA  1 
ATOM   589  C C   . PHE A 1 77  ? 2.439   -4.271  2.841   1.00 23.20 ?  1929 PHE A C   1 
ATOM   590  O O   . PHE A 1 77  ? 1.925   -3.193  2.556   1.00 24.67 ?  1929 PHE A O   1 
ATOM   591  C CB  . PHE A 1 77  ? 4.890   -4.773  2.596   1.00 22.58 ?  1929 PHE A CB  1 
ATOM   592  C CG  . PHE A 1 77  ? 4.898   -4.036  1.263   1.00 21.41 ?  1929 PHE A CG  1 
ATOM   593  C CD1 . PHE A 1 77  ? 5.464   -2.769  1.153   1.00 22.06 ?  1929 PHE A CD1 1 
ATOM   594  C CD2 . PHE A 1 77  ? 4.362   -4.629  0.126   1.00 22.47 ?  1929 PHE A CD2 1 
ATOM   595  C CE1 . PHE A 1 77  ? 5.471   -2.102  -0.071  1.00 23.15 ?  1929 PHE A CE1 1 
ATOM   596  C CE2 . PHE A 1 77  ? 4.370   -3.971  -1.101  1.00 26.85 ?  1929 PHE A CE2 1 
ATOM   597  C CZ  . PHE A 1 77  ? 4.919   -2.707  -1.198  1.00 22.27 ?  1929 PHE A CZ  1 
ATOM   598  N N   . ALA A 1 78  ? 1.851   -5.432  2.564   1.00 24.86 ?  1930 ALA A N   1 
ATOM   599  C CA  . ALA A 1 78  ? 0.561   -5.471  1.869   1.00 23.43 ?  1930 ALA A CA  1 
ATOM   600  C C   . ALA A 1 78  ? -0.550  -4.759  2.661   1.00 23.65 ?  1930 ALA A C   1 
ATOM   601  O O   . ALA A 1 78  ? -1.398  -4.074  2.077   1.00 24.69 ?  1930 ALA A O   1 
ATOM   602  C CB  . ALA A 1 78  ? 0.163   -6.918  1.565   1.00 27.82 ?  1930 ALA A CB  1 
ATOM   603  N N   . LEU A 1 79  ? -0.536  -4.881  3.983   1.00 25.07 ?  1931 LEU A N   1 
ATOM   604  C CA  . LEU A 1 79  ? -1.539  -4.210  4.815   1.00 25.04 ?  1931 LEU A CA  1 
ATOM   605  C C   . LEU A 1 79  ? -1.522  -2.680  4.644   1.00 26.13 ?  1931 LEU A C   1 
ATOM   606  O O   . LEU A 1 79  ? -2.581  -2.037  4.548   1.00 24.30 ?  1931 LEU A O   1 
ATOM   607  C CB  . LEU A 1 79  ? -1.334  -4.573  6.289   1.00 26.26 ?  1931 LEU A CB  1 
ATOM   608  C CG  . LEU A 1 79  ? -1.760  -5.988  6.688   1.00 32.44 ?  1931 LEU A CG  1 
ATOM   609  C CD1 . LEU A 1 79  ? -1.265  -6.312  8.086   1.00 30.22 ?  1931 LEU A CD1 1 
ATOM   610  C CD2 . LEU A 1 79  ? -3.269  -6.133  6.612   1.00 35.18 ?  1931 LEU A CD2 1 
ATOM   611  N N   . ASP A 1 80  ? -0.327  -2.097  4.613   1.00 22.70 ?  1932 ASP A N   1 
ATOM   612  C CA  . ASP A 1 80  ? -0.208  -0.647  4.408   1.00 22.31 ?  1932 ASP A CA  1 
ATOM   613  C C   . ASP A 1 80  ? -0.686  -0.256  3.011   1.00 19.21 ?  1932 ASP A C   1 
ATOM   614  O O   . ASP A 1 80  ? -1.344  0.766   2.853   1.00 21.85 ?  1932 ASP A O   1 
ATOM   615  C CB  . ASP A 1 80  ? 1.236   -0.179  4.627   1.00 19.58 ?  1932 ASP A CB  1 
ATOM   616  C CG  . ASP A 1 80  ? 1.454   0.443   6.000   1.00 26.18 ?  1932 ASP A CG  1 
ATOM   617  O OD1 . ASP A 1 80  ? 0.494   0.469   6.818   1.00 29.63 ?  1932 ASP A OD1 1 
ATOM   618  O OD2 . ASP A 1 80  ? 2.592   0.907   6.266   1.00 24.01 ?  1932 ASP A OD2 1 
ATOM   619  N N   . VAL A 1 81  ? -0.356  -1.061  2.001   1.00 20.42 ?  1933 VAL A N   1 
ATOM   620  C CA  . VAL A 1 81  ? -0.820  -0.765  0.648   1.00 23.21 ?  1933 VAL A CA  1 
ATOM   621  C C   . VAL A 1 81  ? -2.349  -0.782  0.609   1.00 23.02 ?  1933 VAL A C   1 
ATOM   622  O O   . VAL A 1 81  ? -2.986  0.102   0.037   1.00 23.71 ?  1933 VAL A O   1 
ATOM   623  C CB  . VAL A 1 81  ? -0.266  -1.764  -0.384  1.00 21.69 ?  1933 VAL A CB  1 
ATOM   624  C CG1 . VAL A 1 81  ? -0.899  -1.532  -1.762  1.00 18.89 ?  1933 VAL A CG1 1 
ATOM   625  C CG2 . VAL A 1 81  ? 1.267   -1.655  -0.480  1.00 25.75 ?  1933 VAL A CG2 1 
ATOM   626  N N   . ARG A 1 82  ? -2.940  -1.798  1.226   1.00 23.33 ?  1934 ARG A N   1 
ATOM   627  C CA  . ARG A 1 82  ? -4.388  -1.943  1.202   1.00 22.54 ?  1934 ARG A CA  1 
ATOM   628  C C   . ARG A 1 82  ? -5.033  -0.804  1.993   1.00 22.67 ?  1934 ARG A C   1 
ATOM   629  O O   . ARG A 1 82  ? -6.067  -0.259  1.588   1.00 20.41 ?  1934 ARG A O   1 
ATOM   630  C CB  . ARG A 1 82  ? -4.786  -3.317  1.743   1.00 23.22 ?  1934 ARG A CB  1 
ATOM   631  C CG  . ARG A 1 82  ? -4.500  -4.412  0.726   1.00 24.71 ?  1934 ARG A CG  1 
ATOM   632  C CD  . ARG A 1 82  ? -4.545  -5.816  1.303   1.00 24.92 ?  1934 ARG A CD  1 
ATOM   633  N NE  . ARG A 1 82  ? -4.122  -6.767  0.281   1.00 25.80 ?  1934 ARG A NE  1 
ATOM   634  C CZ  . ARG A 1 82  ? -3.565  -7.944  0.536   1.00 29.82 ?  1934 ARG A CZ  1 
ATOM   635  N NH1 . ARG A 1 82  ? -3.376  -8.332  1.796   1.00 26.30 ?  1934 ARG A NH1 1 
ATOM   636  N NH2 . ARG A 1 82  ? -3.208  -8.730  -0.467  1.00 30.57 ?  1934 ARG A NH2 1 
ATOM   637  N N   . LEU A 1 83  ? -4.375  -0.408  3.076   1.00 22.44 ?  1935 LEU A N   1 
ATOM   638  C CA  . LEU A 1 83  ? -4.815  0.720   3.888   1.00 22.61 ?  1935 LEU A CA  1 
ATOM   639  C C   . LEU A 1 83  ? -4.976  1.985   3.049   1.00 23.00 ?  1935 LEU A C   1 
ATOM   640  O O   . LEU A 1 83  ? -5.926  2.740   3.256   1.00 21.69 ?  1935 LEU A O   1 
ATOM   641  C CB  . LEU A 1 83  ? -3.838  0.964   5.035   1.00 24.74 ?  1935 LEU A CB  1 
ATOM   642  C CG  . LEU A 1 83  ? -4.063  2.176   5.949   1.00 25.28 ?  1935 LEU A CG  1 
ATOM   643  C CD1 . LEU A 1 83  ? -5.474  2.190   6.538   1.00 23.04 ?  1935 LEU A CD1 1 
ATOM   644  C CD2 . LEU A 1 83  ? -3.001  2.200   7.066   1.00 20.32 ?  1935 LEU A CD2 1 
ATOM   645  N N   . VAL A 1 84  ? -4.063  2.210   2.099   1.00 22.32 ?  1936 VAL A N   1 
ATOM   646  C CA  . VAL A 1 84  ? -4.186  3.359   1.195   1.00 19.70 ?  1936 VAL A CA  1 
ATOM   647  C C   . VAL A 1 84  ? -5.514  3.307   0.436   1.00 26.57 ?  1936 VAL A C   1 
ATOM   648  O O   . VAL A 1 84  ? -6.180  4.331   0.253   1.00 21.64 ?  1936 VAL A O   1 
ATOM   649  C CB  . VAL A 1 84  ? -3.007  3.422   0.172   1.00 24.70 ?  1936 VAL A CB  1 
ATOM   650  C CG1 . VAL A 1 84  ? -3.237  4.516   -0.894  1.00 23.03 ?  1936 VAL A CG1 1 
ATOM   651  C CG2 . VAL A 1 84  ? -1.695  3.660   0.880   1.00 17.77 ?  1936 VAL A CG2 1 
ATOM   652  N N   . PHE A 1 85  ? -5.932  2.114   0.017   1.00 17.00 ?  1937 PHE A N   1 
ATOM   653  C CA  . PHE A 1 85  ? -7.125  2.043   -0.837  1.00 24.72 ?  1937 PHE A CA  1 
ATOM   654  C C   . PHE A 1 85  ? -8.407  1.984   0.000   1.00 24.14 ?  1937 PHE A C   1 
ATOM   655  O O   . PHE A 1 85  ? -9.446  2.538   -0.393  1.00 24.32 ?  1937 PHE A O   1 
ATOM   656  C CB  . PHE A 1 85  ? -6.992  0.863   -1.822  1.00 24.77 ?  1937 PHE A CB  1 
ATOM   657  C CG  . PHE A 1 85  ? -5.745  0.955   -2.681  1.00 20.70 ?  1937 PHE A CG  1 
ATOM   658  C CD1 . PHE A 1 85  ? -5.401  2.163   -3.291  1.00 22.37 ?  1937 PHE A CD1 1 
ATOM   659  C CD2 . PHE A 1 85  ? -4.889  -0.123  -2.815  1.00 19.68 ?  1937 PHE A CD2 1 
ATOM   660  C CE1 . PHE A 1 85  ? -4.237  2.276   -4.026  1.00 22.26 ?  1937 PHE A CE1 1 
ATOM   661  C CE2 . PHE A 1 85  ? -3.723  -0.027  -3.570  1.00 23.76 ?  1937 PHE A CE2 1 
ATOM   662  C CZ  . PHE A 1 85  ? -3.393  1.174   -4.176  1.00 22.37 ?  1937 PHE A CZ  1 
ATOM   663  N N   . ASP A 1 86  ? -8.316  1.371   1.178   1.00 22.21 ?  1938 ASP A N   1 
ATOM   664  C CA  . ASP A 1 86  ? -9.402  1.392   2.151   1.00 25.06 ?  1938 ASP A CA  1 
ATOM   665  C C   . ASP A 1 86  ? -9.691  2.807   2.617   1.00 26.14 ?  1938 ASP A C   1 
ATOM   666  O O   . ASP A 1 86  ? -10.848 3.230   2.672   1.00 25.38 ?  1938 ASP A O   1 
ATOM   667  C CB  . ASP A 1 86  ? -9.064  0.497   3.342   1.00 24.12 ?  1938 ASP A CB  1 
ATOM   668  C CG  . ASP A 1 86  ? -9.066  -0.969  2.968   1.00 30.31 ?  1938 ASP A CG  1 
ATOM   669  O OD1 . ASP A 1 86  ? -9.544  -1.273  1.854   1.00 28.26 ?  1938 ASP A OD1 1 
ATOM   670  O OD2 . ASP A 1 86  ? -8.604  -1.816  3.774   1.00 31.04 ?  1938 ASP A OD2 1 
ATOM   671  N N   . ASN A 1 87  ? -8.637  3.552   2.935   1.00 23.81 ?  1939 ASN A N   1 
ATOM   672  C CA  . ASN A 1 87  ? -8.809  4.962   3.245   1.00 25.55 ?  1939 ASN A CA  1 
ATOM   673  C C   . ASN A 1 87  ? -9.514  5.693   2.122   1.00 25.41 ?  1939 ASN A C   1 
ATOM   674  O O   . ASN A 1 87  ? -10.416 6.490   2.375   1.00 25.27 ?  1939 ASN A O   1 
ATOM   675  C CB  . ASN A 1 87  ? -7.469  5.628   3.536   1.00 22.04 ?  1939 ASN A CB  1 
ATOM   676  C CG  . ASN A 1 87  ? -6.929  5.262   4.909   1.00 26.56 ?  1939 ASN A CG  1 
ATOM   677  O OD1 . ASN A 1 87  ? -7.624  4.627   5.715   1.00 22.53 ?  1939 ASN A OD1 1 
ATOM   678  N ND2 . ASN A 1 87  ? -5.694  5.662   5.185   1.00 22.13 ?  1939 ASN A ND2 1 
ATOM   679  N N   . CYS A 1 88  ? -9.107  5.408   0.889   1.00 25.50 ?  1940 CYS A N   1 
ATOM   680  C CA  . CYS A 1 88  ? -9.656  6.091   -0.279  1.00 25.36 ?  1940 CYS A CA  1 
ATOM   681  C C   . CYS A 1 88  ? -11.168 5.859   -0.388  1.00 29.03 ?  1940 CYS A C   1 
ATOM   682  O O   . CYS A 1 88  ? -11.933 6.800   -0.626  1.00 25.88 ?  1940 CYS A O   1 
ATOM   683  C CB  . CYS A 1 88  ? -8.960  5.620   -1.554  1.00 25.18 ?  1940 CYS A CB  1 
ATOM   684  S SG  . CYS A 1 88  ? -9.462  6.518   -3.087  1.00 22.84 ?  1940 CYS A SG  1 
ATOM   685  N N   . GLU A 1 89  ? -11.592 4.613   -0.192  1.00 24.43 ?  1941 GLU A N   1 
ATOM   686  C CA  . GLU A 1 89  ? -13.014 4.271   -0.269  1.00 26.84 ?  1941 GLU A CA  1 
ATOM   687  C C   . GLU A 1 89  ? -13.820 4.940   0.829   1.00 29.71 ?  1941 GLU A C   1 
ATOM   688  O O   . GLU A 1 89  ? -14.939 5.399   0.587   1.00 29.96 ?  1941 GLU A O   1 
ATOM   689  C CB  . GLU A 1 89  ? -13.223 2.762   -0.197  1.00 26.23 ?  1941 GLU A CB  1 
ATOM   690  C CG  . GLU A 1 89  ? -12.698 2.021   -1.392  1.00 36.72 ?  1941 GLU A CG  1 
ATOM   691  C CD  . GLU A 1 89  ? -13.414 0.709   -1.605  1.00 43.77 ?  1941 GLU A CD  1 
ATOM   692  O OE1 . GLU A 1 89  ? -14.662 0.706   -1.472  1.00 41.43 ?  1941 GLU A OE1 1 
ATOM   693  O OE2 . GLU A 1 89  ? -12.728 -0.311  -1.895  1.00 35.79 ?  1941 GLU A OE2 1 
ATOM   694  N N   . THR A 1 90  ? -13.252 4.993   2.031   1.00 24.80 ?  1942 THR A N   1 
ATOM   695  C CA  . THR A 1 90  ? -13.910 5.651   3.152   1.00 22.98 ?  1942 THR A CA  1 
ATOM   696  C C   . THR A 1 90  ? -14.231 7.131   2.865   1.00 27.89 ?  1942 THR A C   1 
ATOM   697  O O   . THR A 1 90  ? -15.307 7.620   3.220   1.00 30.23 ?  1942 THR A O   1 
ATOM   698  C CB  . THR A 1 90  ? -13.058 5.564   4.437   1.00 27.13 ?  1942 THR A CB  1 
ATOM   699  O OG1 . THR A 1 90  ? -13.092 4.223   4.942   1.00 30.28 ?  1942 THR A OG1 1 
ATOM   700  C CG2 . THR A 1 90  ? -13.611 6.501   5.518   1.00 27.63 ?  1942 THR A CG2 1 
ATOM   701  N N   . PHE A 1 91  ? -13.314 7.837   2.208   1.00 26.80 ?  1943 PHE A N   1 
ATOM   702  C CA  . PHE A 1 91  ? -13.436 9.290   2.069   1.00 27.41 ?  1943 PHE A CA  1 
ATOM   703  C C   . PHE A 1 91  ? -13.941 9.768   0.701   1.00 31.10 ?  1943 PHE A C   1 
ATOM   704  O O   . PHE A 1 91  ? -14.290 10.944  0.548   1.00 27.95 ?  1943 PHE A O   1 
ATOM   705  C CB  . PHE A 1 91  ? -12.085 9.952   2.361   1.00 27.17 ?  1943 PHE A CB  1 
ATOM   706  C CG  . PHE A 1 91  ? -12.188 11.390  2.825   1.00 25.97 ?  1943 PHE A CG  1 
ATOM   707  C CD1 . PHE A 1 91  ? -12.450 11.686  4.160   1.00 25.05 ?  1943 PHE A CD1 1 
ATOM   708  C CD2 . PHE A 1 91  ? -11.998 12.438  1.937   1.00 26.68 ?  1943 PHE A CD2 1 
ATOM   709  C CE1 . PHE A 1 91  ? -12.529 13.002  4.606   1.00 26.48 ?  1943 PHE A CE1 1 
ATOM   710  C CE2 . PHE A 1 91  ? -12.079 13.759  2.368   1.00 28.18 ?  1943 PHE A CE2 1 
ATOM   711  C CZ  . PHE A 1 91  ? -12.346 14.043  3.708   1.00 26.05 ?  1943 PHE A CZ  1 
ATOM   712  N N   . ASN A 1 92  ? -13.980 8.875   -0.285  1.00 27.30 ?  1944 ASN A N   1 
ATOM   713  C CA  . ASN A 1 92  ? -14.330 9.267   -1.650  1.00 27.65 ?  1944 ASN A CA  1 
ATOM   714  C C   . ASN A 1 92  ? -15.524 8.495   -2.202  1.00 31.84 ?  1944 ASN A C   1 
ATOM   715  O O   . ASN A 1 92  ? -15.672 7.305   -1.936  1.00 28.00 ?  1944 ASN A O   1 
ATOM   716  C CB  . ASN A 1 92  ? -13.135 9.063   -2.578  1.00 29.67 ?  1944 ASN A CB  1 
ATOM   717  C CG  . ASN A 1 92  ? -11.963 9.974   -2.239  1.00 31.76 ?  1944 ASN A CG  1 
ATOM   718  O OD1 . ASN A 1 92  ? -11.857 11.077  -2.762  1.00 28.96 ?  1944 ASN A OD1 1 
ATOM   719  N ND2 . ASN A 1 92  ? -11.061 9.498   -1.379  1.00 25.51 ?  1944 ASN A ND2 1 
ATOM   720  N N   . GLU A 1 93  ? -16.377 9.175   -2.963  1.00 28.68 ?  1945 GLU A N   1 
ATOM   721  C CA  . GLU A 1 93  ? -17.453 8.507   -3.687  1.00 32.35 ?  1945 GLU A CA  1 
ATOM   722  C C   . GLU A 1 93  ? -16.864 7.581   -4.732  1.00 30.97 ?  1945 GLU A C   1 
ATOM   723  O O   . GLU A 1 93  ? -15.900 7.955   -5.411  1.00 26.91 ?  1945 GLU A O   1 
ATOM   724  C CB  A GLU A 1 93  ? -18.394 9.533   -4.344  0.54 34.93 ?  1945 GLU A CB  1 
ATOM   725  C CB  B GLU A 1 93  ? -18.377 9.527   -4.366  0.46 34.90 ?  1945 GLU A CB  1 
ATOM   726  C CG  A GLU A 1 93  ? -19.122 10.443  -3.353  0.54 35.72 ?  1945 GLU A CG  1 
ATOM   727  C CG  B GLU A 1 93  ? -19.302 10.275  -3.426  0.46 35.75 ?  1945 GLU A CG  1 
ATOM   728  C CD  A GLU A 1 93  ? -19.889 11.567  -4.028  0.54 36.92 ?  1945 GLU A CD  1 
ATOM   729  C CD  B GLU A 1 93  ? -20.525 9.467   -3.043  0.46 36.80 ?  1945 GLU A CD  1 
ATOM   730  O OE1 A GLU A 1 93  ? -20.862 11.279  -4.756  0.54 43.23 ?  1945 GLU A OE1 1 
ATOM   731  O OE1 B GLU A 1 93  ? -20.568 8.254   -3.339  0.46 39.06 ?  1945 GLU A OE1 1 
ATOM   732  O OE2 A GLU A 1 93  ? -19.514 12.742  -3.835  0.54 39.52 ?  1945 GLU A OE2 1 
ATOM   733  O OE2 B GLU A 1 93  ? -21.454 10.055  -2.459  0.46 41.77 ?  1945 GLU A OE2 1 
ATOM   734  N N   . ASP A 1 94  ? -17.437 6.384   -4.868  1.00 30.46 ?  1946 ASP A N   1 
ATOM   735  C CA  . ASP A 1 94  ? -17.049 5.467   -5.944  1.00 32.80 ?  1946 ASP A CA  1 
ATOM   736  C C   . ASP A 1 94  ? -17.117 6.178   -7.294  1.00 32.43 ?  1946 ASP A C   1 
ATOM   737  O O   . ASP A 1 94  ? -16.264 5.973   -8.155  1.00 35.42 ?  1946 ASP A O   1 
ATOM   738  C CB  . ASP A 1 94  ? -17.939 4.218   -5.967  1.00 30.72 ?  1946 ASP A CB  1 
ATOM   739  C CG  . ASP A 1 94  ? -17.661 3.273   -4.805  1.00 42.50 ?  1946 ASP A CG  1 
ATOM   740  O OD1 . ASP A 1 94  ? -16.554 3.337   -4.225  1.00 41.66 ?  1946 ASP A OD1 1 
ATOM   741  O OD2 . ASP A 1 94  ? -18.550 2.452   -4.473  1.00 37.33 ?  1946 ASP A OD2 1 
ATOM   742  N N   . ASP A 1 95  ? -18.114 7.040   -7.460  1.00 34.89 ?  1947 ASP A N   1 
ATOM   743  C CA  . ASP A 1 95  ? -18.310 7.759   -8.719  1.00 36.81 ?  1947 ASP A CA  1 
ATOM   744  C C   . ASP A 1 95  ? -17.582 9.116   -8.725  1.00 37.96 ?  1947 ASP A C   1 
ATOM   745  O O   . ASP A 1 95  ? -18.202 10.180  -8.745  1.00 43.05 ?  1947 ASP A O   1 
ATOM   746  C CB  . ASP A 1 95  ? -19.814 7.938   -8.977  1.00 39.28 ?  1947 ASP A CB  1 
ATOM   747  C CG  . ASP A 1 95  ? -20.113 8.596   -10.315 1.00 44.51 ?  1947 ASP A CG  1 
ATOM   748  O OD1 . ASP A 1 95  ? -19.281 8.506   -11.241 1.00 43.28 ?  1947 ASP A OD1 1 
ATOM   749  O OD2 . ASP A 1 95  ? -21.186 9.224   -10.434 1.00 48.85 ?  1947 ASP A OD2 1 
ATOM   750  N N   . SER A 1 96  ? -16.259 9.064   -8.703  1.00 37.90 ?  1948 SER A N   1 
ATOM   751  C CA  . SER A 1 96  ? -15.412 10.253  -8.737  1.00 32.18 ?  1948 SER A CA  1 
ATOM   752  C C   . SER A 1 96  ? -14.069 9.837   -9.294  1.00 29.61 ?  1948 SER A C   1 
ATOM   753  O O   . SER A 1 96  ? -13.763 8.647   -9.330  1.00 29.49 ?  1948 SER A O   1 
ATOM   754  C CB  . SER A 1 96  ? -15.255 10.870  -7.342  1.00 33.46 ?  1948 SER A CB  1 
ATOM   755  O OG  . SER A 1 96  ? -14.579 9.979   -6.469  1.00 28.07 ?  1948 SER A OG  1 
ATOM   756  N N   . ASP A 1 97  ? -13.257 10.800  -9.720  1.00 32.05 ?  1949 ASP A N   1 
ATOM   757  C CA  . ASP A 1 97  ? -11.959 10.461  -10.291 1.00 30.64 ?  1949 ASP A CA  1 
ATOM   758  C C   . ASP A 1 97  ? -11.071 9.755   -9.266  1.00 30.06 ?  1949 ASP A C   1 
ATOM   759  O O   . ASP A 1 97  ? -10.490 8.710   -9.562  1.00 26.94 ?  1949 ASP A O   1 
ATOM   760  C CB  . ASP A 1 97  ? -11.268 11.702  -10.837 1.00 34.66 ?  1949 ASP A CB  1 
ATOM   761  C CG  . ASP A 1 97  ? -11.997 12.285  -12.031 1.00 41.59 ?  1949 ASP A CG  1 
ATOM   762  O OD1 . ASP A 1 97  ? -11.706 11.859  -13.171 1.00 33.88 ?  1949 ASP A OD1 1 
ATOM   763  O OD2 . ASP A 1 97  ? -12.861 13.168  -11.818 1.00 46.09 ?  1949 ASP A OD2 1 
ATOM   764  N N   . ILE A 1 98  ? -10.986 10.317  -8.062  1.00 27.57 ?  1950 ILE A N   1 
ATOM   765  C CA  . ILE A 1 98  ? -10.175 9.715   -7.008  1.00 26.39 ?  1950 ILE A CA  1 
ATOM   766  C C   . ILE A 1 98  ? -10.753 8.346   -6.622  1.00 25.03 ?  1950 ILE A C   1 
ATOM   767  O O   . ILE A 1 98  ? -10.009 7.364   -6.537  1.00 29.43 ?  1950 ILE A O   1 
ATOM   768  C CB  . ILE A 1 98  ? -10.071 10.647  -5.778  1.00 28.22 ?  1950 ILE A CB  1 
ATOM   769  C CG1 . ILE A 1 98  ? -9.254  11.889  -6.155  1.00 25.80 ?  1950 ILE A CG1 1 
ATOM   770  C CG2 . ILE A 1 98  ? -9.433  9.932   -4.585  1.00 25.01 ?  1950 ILE A CG2 1 
ATOM   771  C CD1 . ILE A 1 98  ? -9.056  12.879  -5.028  1.00 28.65 ?  1950 ILE A CD1 1 
ATOM   772  N N   . GLY A 1 99  ? -12.070 8.264   -6.437  1.00 23.30 ?  1951 GLY A N   1 
ATOM   773  C CA  . GLY A 1 99  ? -12.714 6.992   -6.130  1.00 25.94 ?  1951 GLY A CA  1 
ATOM   774  C C   . GLY A 1 99  ? -12.417 5.904   -7.167  1.00 29.01 ?  1951 GLY A C   1 
ATOM   775  O O   . GLY A 1 99  ? -12.168 4.742   -6.822  1.00 24.50 ?  1951 GLY A O   1 
ATOM   776  N N   . ARG A 1 100 ? -12.421 6.281   -8.442  1.00 24.78 ?  1952 ARG A N   1 
ATOM   777  C CA  . ARG A 1 100 ? -12.107 5.331   -9.511  1.00 28.67 ?  1952 ARG A CA  1 
ATOM   778  C C   . ARG A 1 100 ? -10.615 5.016   -9.546  1.00 26.50 ?  1952 ARG A C   1 
ATOM   779  O O   . ARG A 1 100 ? -10.215 3.890   -9.849  1.00 27.62 ?  1952 ARG A O   1 
ATOM   780  C CB  . ARG A 1 100 ? -12.561 5.870   -10.875 1.00 29.48 ?  1952 ARG A CB  1 
ATOM   781  C CG  . ARG A 1 100 ? -14.040 5.723   -11.158 1.00 28.17 ?  1952 ARG A CG  1 
ATOM   782  C CD  . ARG A 1 100 ? -14.376 6.160   -12.588 1.00 32.78 ?  1952 ARG A CD  1 
ATOM   783  N NE  . ARG A 1 100 ? -14.298 7.608   -12.765 1.00 34.53 ?  1952 ARG A NE  1 
ATOM   784  C CZ  . ARG A 1 100 ? -15.294 8.449   -12.489 1.00 31.74 ?  1952 ARG A CZ  1 
ATOM   785  N NH1 . ARG A 1 100 ? -15.141 9.756   -12.679 1.00 37.68 ?  1952 ARG A NH1 1 
ATOM   786  N NH2 . ARG A 1 100 ? -16.443 7.985   -12.019 1.00 32.17 ?  1952 ARG A NH2 1 
ATOM   787  N N   . ALA A 1 101 ? -9.789  6.013   -9.241  1.00 21.81 ?  1953 ALA A N   1 
ATOM   788  C CA  . ALA A 1 101 ? -8.351  5.793   -9.175  1.00 26.84 ?  1953 ALA A CA  1 
ATOM   789  C C   . ALA A 1 101 ? -8.026  4.721   -8.139  1.00 25.27 ?  1953 ALA A C   1 
ATOM   790  O O   . ALA A 1 101 ? -7.197  3.831   -8.387  1.00 27.50 ?  1953 ALA A O   1 
ATOM   791  C CB  . ALA A 1 101 ? -7.617  7.094   -8.852  1.00 24.90 ?  1953 ALA A CB  1 
ATOM   792  N N   . GLY A 1 102 ? -8.700  4.792   -6.995  1.00 22.49 ?  1954 GLY A N   1 
ATOM   793  C CA  . GLY A 1 102 ? -8.445  3.859   -5.909  1.00 27.35 ?  1954 GLY A CA  1 
ATOM   794  C C   . GLY A 1 102 ? -8.799  2.434   -6.281  1.00 23.49 ?  1954 GLY A C   1 
ATOM   795  O O   . GLY A 1 102 ? -8.010  1.514   -6.055  1.00 24.71 ?  1954 GLY A O   1 
ATOM   796  N N   . HIS A 1 103 ? -9.991  2.255   -6.842  1.00 25.00 ?  1955 HIS A N   1 
ATOM   797  C CA  . HIS A 1 103 ? -10.431 0.950   -7.320  1.00 26.25 ?  1955 HIS A CA  1 
ATOM   798  C C   . HIS A 1 103 ? -9.472  0.372   -8.355  1.00 24.94 ?  1955 HIS A C   1 
ATOM   799  O O   . HIS A 1 103 ? -9.114  -0.805  -8.262  1.00 25.74 ?  1955 HIS A O   1 
ATOM   800  C CB  . HIS A 1 103 ? -11.850 1.037   -7.891  1.00 30.47 ?  1955 HIS A CB  1 
ATOM   801  C CG  . HIS A 1 103 ? -12.910 1.154   -6.841  1.00 32.37 ?  1955 HIS A CG  1 
ATOM   802  N ND1 . HIS A 1 103 ? -13.181 0.140   -5.948  1.00 39.48 ?  1955 HIS A ND1 1 
ATOM   803  C CD2 . HIS A 1 103 ? -13.748 2.167   -6.522  1.00 32.77 ?  1955 HIS A CD2 1 
ATOM   804  C CE1 . HIS A 1 103 ? -14.144 0.521   -5.127  1.00 40.82 ?  1955 HIS A CE1 1 
ATOM   805  N NE2 . HIS A 1 103 ? -14.505 1.750   -5.452  1.00 34.69 ?  1955 HIS A NE2 1 
ATOM   806  N N   . ASN A 1 104 ? -9.043  1.191   -9.322  1.00 22.18 ?  1956 ASN A N   1 
ATOM   807  C CA  . ASN A 1 104 ? -8.061  0.756   -10.321 1.00 23.64 ?  1956 ASN A CA  1 
ATOM   808  C C   . ASN A 1 104 ? -6.727  0.289   -9.714  1.00 27.28 ?  1956 ASN A C   1 
ATOM   809  O O   . ASN A 1 104 ? -6.231  -0.795  -10.039 1.00 27.44 ?  1956 ASN A O   1 
ATOM   810  C CB  . ASN A 1 104 ? -7.786  1.887   -11.320 1.00 25.36 ?  1956 ASN A CB  1 
ATOM   811  C CG  . ASN A 1 104 ? -8.920  2.076   -12.319 1.00 28.37 ?  1956 ASN A CG  1 
ATOM   812  O OD1 . ASN A 1 104 ? -9.922  1.363   -12.282 1.00 28.02 ?  1956 ASN A OD1 1 
ATOM   813  N ND2 . ASN A 1 104 ? -8.777  3.064   -13.193 1.00 26.01 ?  1956 ASN A ND2 1 
ATOM   814  N N   . MET A 1 105 ? -6.155  1.113   -8.832  1.00 26.12 ?  1957 MET A N   1 
ATOM   815  C CA  . MET A 1 105 ? -4.865  0.821   -8.203  1.00 22.91 ?  1957 MET A CA  1 
ATOM   816  C C   . MET A 1 105 ? -4.924  -0.430  -7.311  1.00 24.18 ?  1957 MET A C   1 
ATOM   817  O O   . MET A 1 105 ? -3.964  -1.204  -7.253  1.00 23.52 ?  1957 MET A O   1 
ATOM   818  C CB  . MET A 1 105 ? -4.395  2.025   -7.385  1.00 28.08 ?  1957 MET A CB  1 
ATOM   819  C CG  . MET A 1 105 ? -4.092  3.287   -8.192  1.00 27.10 ?  1957 MET A CG  1 
ATOM   820  S SD  . MET A 1 105 ? -2.810  3.044   -9.444  1.00 35.97 ?  1957 MET A SD  1 
ATOM   821  C CE  . MET A 1 105 ? -1.415  2.508   -8.456  1.00 27.57 ?  1957 MET A CE  1 
ATOM   822  N N   . ARG A 1 106 ? -6.039  -0.630  -6.623  1.00 20.63 ?  1958 ARG A N   1 
ATOM   823  C CA  . ARG A 1 106 ? -6.175  -1.820  -5.788  1.00 25.13 ?  1958 ARG A CA  1 
ATOM   824  C C   . ARG A 1 106 ? -6.099  -3.068  -6.667  1.00 28.44 ?  1958 ARG A C   1 
ATOM   825  O O   . ARG A 1 106 ? -5.354  -3.998  -6.360  1.00 25.09 ?  1958 ARG A O   1 
ATOM   826  C CB  . ARG A 1 106 ? -7.482  -1.809  -4.992  1.00 21.89 ?  1958 ARG A CB  1 
ATOM   827  C CG  . ARG A 1 106 ? -7.605  -2.995  -4.037  1.00 26.24 ?  1958 ARG A CG  1 
ATOM   828  C CD  . ARG A 1 106 ? -9.037  -3.205  -3.566  1.00 25.17 ?  1958 ARG A CD  1 
ATOM   829  N NE  . ARG A 1 106 ? -9.539  -2.084  -2.773  1.00 28.00 ?  1958 ARG A NE  1 
ATOM   830  C CZ  . ARG A 1 106 ? -9.305  -1.902  -1.473  1.00 27.64 ?  1958 ARG A CZ  1 
ATOM   831  N NH1 . ARG A 1 106 ? -8.551  -2.766  -0.787  1.00 30.46 ?  1958 ARG A NH1 1 
ATOM   832  N NH2 . ARG A 1 106 ? -9.829  -0.852  -0.854  1.00 26.92 ?  1958 ARG A NH2 1 
ATOM   833  N N   . LYS A 1 107 ? -6.848  -3.064  -7.772  1.00 25.29 ?  1959 LYS A N   1 
ATOM   834  C CA  . LYS A 1 107 ? -6.855  -4.178  -8.724  1.00 30.33 ?  1959 LYS A CA  1 
ATOM   835  C C   . LYS A 1 107 ? -5.455  -4.445  -9.267  1.00 29.11 ?  1959 LYS A C   1 
ATOM   836  O O   . LYS A 1 107 ? -4.968  -5.572  -9.274  1.00 30.07 ?  1959 LYS A O   1 
ATOM   837  C CB  . LYS A 1 107 ? -7.812  -3.882  -9.888  1.00 29.78 ?  1959 LYS A CB  1 
ATOM   838  C CG  . LYS A 1 107 ? -8.155  -5.105  -10.700 1.00 35.96 ?  1959 LYS A CG  1 
ATOM   839  C CD  . LYS A 1 107 ? -9.132  -5.958  -9.905  1.00 46.24 ?  1959 LYS A CD  1 
ATOM   840  C CE  . LYS A 1 107 ? -9.594  -7.190  -10.672 1.00 56.08 ?  1959 LYS A CE  1 
ATOM   841  N NZ  . LYS A 1 107 ? -10.770 -7.839  -10.001 1.00 64.13 ?  1959 LYS A NZ  1 
ATOM   842  N N   . TYR A 1 108 ? -4.815  -3.377  -9.724  1.00 26.36 ?  1960 TYR A N   1 
ATOM   843  C CA  . TYR A 1 108 ? -3.452  -3.416  -10.216 1.00 27.35 ?  1960 TYR A CA  1 
ATOM   844  C C   . TYR A 1 108 ? -2.505  -4.034  -9.179  1.00 29.72 ?  1960 TYR A C   1 
ATOM   845  O O   . TYR A 1 108 ? -1.709  -4.926  -9.509  1.00 28.12 ?  1960 TYR A O   1 
ATOM   846  C CB  . TYR A 1 108 ? -3.015  -1.994  -10.579 1.00 22.39 ?  1960 TYR A CB  1 
ATOM   847  C CG  . TYR A 1 108 ? -1.702  -1.873  -11.308 1.00 27.65 ?  1960 TYR A CG  1 
ATOM   848  C CD1 . TYR A 1 108 ? -1.580  -2.263  -12.646 1.00 33.90 ?  1960 TYR A CD1 1 
ATOM   849  C CD2 . TYR A 1 108 ? -0.590  -1.328  -10.679 1.00 30.97 ?  1960 TYR A CD2 1 
ATOM   850  C CE1 . TYR A 1 108 ? -0.379  -2.134  -13.320 1.00 28.51 ?  1960 TYR A CE1 1 
ATOM   851  C CE2 . TYR A 1 108 ? 0.613   -1.193  -11.346 1.00 30.05 ?  1960 TYR A CE2 1 
ATOM   852  C CZ  . TYR A 1 108 ? 0.714   -1.600  -12.668 1.00 38.31 ?  1960 TYR A CZ  1 
ATOM   853  O OH  . TYR A 1 108 ? 1.917   -1.465  -13.330 1.00 39.55 ?  1960 TYR A OH  1 
ATOM   854  N N   . PHE A 1 109 ? -2.591  -3.566  -7.932  1.00 26.10 ?  1961 PHE A N   1 
ATOM   855  C CA  . PHE A 1 109 ? -1.736  -4.092  -6.859  1.00 25.73 ?  1961 PHE A CA  1 
ATOM   856  C C   . PHE A 1 109 ? -1.931  -5.571  -6.628  1.00 26.02 ?  1961 PHE A C   1 
ATOM   857  O O   . PHE A 1 109 ? -0.963  -6.325  -6.588  1.00 27.79 ?  1961 PHE A O   1 
ATOM   858  C CB  . PHE A 1 109 ? -1.980  -3.391  -5.523  1.00 24.07 ?  1961 PHE A CB  1 
ATOM   859  C CG  . PHE A 1 109 ? -1.314  -4.087  -4.347  1.00 25.35 ?  1961 PHE A CG  1 
ATOM   860  C CD1 . PHE A 1 109 ? 0.078   -4.124  -4.233  1.00 23.86 ?  1961 PHE A CD1 1 
ATOM   861  C CD2 . PHE A 1 109 ? -2.076  -4.722  -3.368  1.00 25.48 ?  1961 PHE A CD2 1 
ATOM   862  C CE1 . PHE A 1 109 ? 0.701   -4.773  -3.136  1.00 21.71 ?  1961 PHE A CE1 1 
ATOM   863  C CE2 . PHE A 1 109 ? -1.466  -5.367  -2.282  1.00 25.20 ?  1961 PHE A CE2 1 
ATOM   864  C CZ  . PHE A 1 109 ? -0.081  -5.386  -2.166  1.00 23.04 ?  1961 PHE A CZ  1 
ATOM   865  N N   . GLU A 1 110 ? -3.184  -5.978  -6.447  1.00 25.95 ?  1962 GLU A N   1 
ATOM   866  C CA  . GLU A 1 110 ? -3.484  -7.350  -6.074  1.00 30.52 ?  1962 GLU A CA  1 
ATOM   867  C C   . GLU A 1 110 ? -3.056  -8.366  -7.141  1.00 32.98 ?  1962 GLU A C   1 
ATOM   868  O O   . GLU A 1 110 ? -2.680  -9.495  -6.814  1.00 32.45 ?  1962 GLU A O   1 
ATOM   869  C CB  . GLU A 1 110 ? -4.973  -7.492  -5.765  1.00 28.11 ?  1962 GLU A CB  1 
ATOM   870  C CG  . GLU A 1 110 ? -5.469  -6.624  -4.593  1.00 28.10 ?  1962 GLU A CG  1 
ATOM   871  C CD  . GLU A 1 110 ? -4.907  -7.023  -3.220  1.00 31.99 ?  1962 GLU A CD  1 
ATOM   872  O OE1 . GLU A 1 110 ? -4.190  -8.037  -3.112  1.00 28.86 ?  1962 GLU A OE1 1 
ATOM   873  O OE2 . GLU A 1 110 ? -5.184  -6.306  -2.230  1.00 31.10 ?  1962 GLU A OE2 1 
ATOM   874  N N   . LYS A 1 111 ? -3.105  -7.972  -8.409  1.00 28.69 ?  1963 LYS A N   1 
ATOM   875  C CA  . LYS A 1 111 ? -2.615  -8.833  -9.480  1.00 34.19 ?  1963 LYS A CA  1 
ATOM   876  C C   . LYS A 1 111 ? -1.094  -8.983  -9.363  1.00 34.38 ?  1963 LYS A C   1 
ATOM   877  O O   . LYS A 1 111 ? -0.589  -10.104 -9.342  1.00 35.23 ?  1963 LYS A O   1 
ATOM   878  C CB  . LYS A 1 111 ? -3.012  -8.275  -10.861 1.00 39.24 ?  1963 LYS A CB  1 
ATOM   879  C CG  . LYS A 1 111 ? -2.411  -8.997  -12.089 1.00 36.65 ?  1963 LYS A CG  1 
ATOM   880  C CD  . LYS A 1 111 ? -3.055  -10.355 -12.341 1.00 52.15 ?  1963 LYS A CD  1 
ATOM   881  C CE  . LYS A 1 111 ? -2.967  -10.772 -13.823 1.00 55.81 ?  1963 LYS A CE  1 
ATOM   882  N NZ  . LYS A 1 111 ? -1.577  -10.734 -14.385 1.00 41.64 ?  1963 LYS A NZ  1 
ATOM   883  N N   . LYS A 1 112 ? -0.373  -7.860  -9.277  1.00 28.68 ?  1964 LYS A N   1 
ATOM   884  C CA  . LYS A 1 112 ? 1.075   -7.888  -9.079  1.00 31.44 ?  1964 LYS A CA  1 
ATOM   885  C C   . LYS A 1 112 ? 1.426   -8.753  -7.881  1.00 33.81 ?  1964 LYS A C   1 
ATOM   886  O O   . LYS A 1 112 ? 2.391   -9.509  -7.908  1.00 34.24 ?  1964 LYS A O   1 
ATOM   887  C CB  . LYS A 1 112 ? 1.653   -6.482  -8.852  1.00 34.64 ?  1964 LYS A CB  1 
ATOM   888  C CG  . LYS A 1 112 ? 1.465   -5.502  -9.981  1.00 32.30 ?  1964 LYS A CG  1 
ATOM   889  C CD  . LYS A 1 112 ? 2.370   -5.838  -11.135 1.00 47.30 ?  1964 LYS A CD  1 
ATOM   890  C CE  . LYS A 1 112 ? 2.233   -4.821  -12.257 1.00 44.43 ?  1964 LYS A CE  1 
ATOM   891  N NZ  . LYS A 1 112 ? 3.011   -5.246  -13.460 1.00 53.72 ?  1964 LYS A NZ  1 
ATOM   892  N N   . TRP A 1 113 ? 0.632   -8.630  -6.826  1.00 31.07 ?  1965 TRP A N   1 
ATOM   893  C CA  . TRP A 1 113 ? 0.903   -9.345  -5.582  1.00 32.09 ?  1965 TRP A CA  1 
ATOM   894  C C   . TRP A 1 113 ? 0.815   -10.864 -5.803  1.00 36.82 ?  1965 TRP A C   1 
ATOM   895  O O   . TRP A 1 113 ? 1.705   -11.608 -5.405  1.00 36.75 ?  1965 TRP A O   1 
ATOM   896  C CB  . TRP A 1 113 ? -0.071  -8.895  -4.487  1.00 28.77 ?  1965 TRP A CB  1 
ATOM   897  C CG  . TRP A 1 113 ? 0.297   -9.362  -3.102  1.00 29.47 ?  1965 TRP A CG  1 
ATOM   898  C CD1 . TRP A 1 113 ? -0.353  -10.300 -2.357  1.00 32.86 ?  1965 TRP A CD1 1 
ATOM   899  C CD2 . TRP A 1 113 ? 1.401   -8.908  -2.297  1.00 30.44 ?  1965 TRP A CD2 1 
ATOM   900  N NE1 . TRP A 1 113 ? 0.269   -10.459 -1.142  1.00 37.24 ?  1965 TRP A NE1 1 
ATOM   901  C CE2 . TRP A 1 113 ? 1.351   -9.619  -1.081  1.00 34.49 ?  1965 TRP A CE2 1 
ATOM   902  C CE3 . TRP A 1 113 ? 2.422   -7.974  -2.488  1.00 28.41 ?  1965 TRP A CE3 1 
ATOM   903  C CZ2 . TRP A 1 113 ? 2.287   -9.422  -0.058  1.00 32.96 ?  1965 TRP A CZ2 1 
ATOM   904  C CZ3 . TRP A 1 113 ? 3.350   -7.775  -1.464  1.00 29.57 ?  1965 TRP A CZ3 1 
ATOM   905  C CH2 . TRP A 1 113 ? 3.279   -8.502  -0.270  1.00 25.46 ?  1965 TRP A CH2 1 
ATOM   906  N N   . THR A 1 114 ? -0.250  -11.309 -6.456  1.00 36.66 ?  1966 THR A N   1 
ATOM   907  C CA  . THR A 1 114 ? -0.438  -12.729 -6.726  1.00 38.61 ?  1966 THR A CA  1 
ATOM   908  C C   . THR A 1 114 ? 0.615   -13.257 -7.696  1.00 42.25 ?  1966 THR A C   1 
ATOM   909  O O   . THR A 1 114 ? 1.204   -14.312 -7.467  1.00 47.13 ?  1966 THR A O   1 
ATOM   910  C CB  . THR A 1 114 ? -1.836  -12.998 -7.288  1.00 39.96 ?  1966 THR A CB  1 
ATOM   911  O OG1 . THR A 1 114 ? -2.801  -12.712 -6.275  1.00 40.24 ?  1966 THR A OG1 1 
ATOM   912  C CG2 . THR A 1 114 ? -1.982  -14.455 -7.699  1.00 44.91 ?  1966 THR A CG2 1 
ATOM   913  N N   . ASP A 1 115 ? 0.865   -12.513 -8.769  1.00 39.50 ?  1967 ASP A N   1 
ATOM   914  C CA  . ASP A 1 115 ? 1.867   -12.918 -9.746  1.00 39.15 ?  1967 ASP A CA  1 
ATOM   915  C C   . ASP A 1 115 ? 3.278   -12.988 -9.167  1.00 46.59 ?  1967 ASP A C   1 
ATOM   916  O O   . ASP A 1 115 ? 4.125   -13.725 -9.676  1.00 46.38 ?  1967 ASP A O   1 
ATOM   917  C CB  . ASP A 1 115 ? 1.873   -11.962 -10.945 1.00 38.43 ?  1967 ASP A CB  1 
ATOM   918  C CG  . ASP A 1 115 ? 0.579   -12.000 -11.729 1.00 45.14 ?  1967 ASP A CG  1 
ATOM   919  O OD1 . ASP A 1 115 ? -0.274  -12.865 -11.421 1.00 43.15 ?  1967 ASP A OD1 1 
ATOM   920  O OD2 . ASP A 1 115 ? 0.421   -11.163 -12.652 1.00 38.49 ?  1967 ASP A OD2 1 
ATOM   921  N N   . THR A 1 116 ? 3.548   -12.217 -8.119  1.00 38.07 ?  1968 THR A N   1 
ATOM   922  C CA  . THR A 1 116 ? 4.917   -12.110 -7.642  1.00 40.82 ?  1968 THR A CA  1 
ATOM   923  C C   . THR A 1 116 ? 5.227   -13.138 -6.566  1.00 37.99 ?  1968 THR A C   1 
ATOM   924  O O   . THR A 1 116 ? 6.353   -13.608 -6.471  1.00 43.30 ?  1968 THR A O   1 
ATOM   925  C CB  . THR A 1 116 ? 5.215   -10.701 -7.104  1.00 38.69 ?  1968 THR A CB  1 
ATOM   926  O OG1 . THR A 1 116 ? 5.034   -9.742  -8.156  1.00 40.92 ?  1968 THR A OG1 1 
ATOM   927  C CG2 . THR A 1 116 ? 6.643   -10.604 -6.578  1.00 37.54 ?  1968 THR A CG2 1 
ATOM   928  N N   . PHE A 1 117 ? 4.231   -13.505 -5.769  1.00 41.30 ?  1969 PHE A N   1 
ATOM   929  C CA  . PHE A 1 117 ? 4.495   -14.331 -4.598  1.00 41.80 ?  1969 PHE A CA  1 
ATOM   930  C C   . PHE A 1 117 ? 3.687   -15.632 -4.575  1.00 49.18 ?  1969 PHE A C   1 
ATOM   931  O O   . PHE A 1 117 ? 2.458   -15.620 -4.632  1.00 53.60 ?  1969 PHE A O   1 
ATOM   932  C CB  . PHE A 1 117 ? 4.235   -13.513 -3.325  1.00 43.94 ?  1969 PHE A CB  1 
ATOM   933  C CG  . PHE A 1 117 ? 5.172   -12.334 -3.153  1.00 41.64 ?  1969 PHE A CG  1 
ATOM   934  C CD1 . PHE A 1 117 ? 6.516   -12.536 -2.864  1.00 38.66 ?  1969 PHE A CD1 1 
ATOM   935  C CD2 . PHE A 1 117 ? 4.707   -11.032 -3.269  1.00 33.96 ?  1969 PHE A CD2 1 
ATOM   936  C CE1 . PHE A 1 117 ? 7.386   -11.461 -2.702  1.00 34.91 ?  1969 PHE A CE1 1 
ATOM   937  C CE2 . PHE A 1 117 ? 5.565   -9.945  -3.111  1.00 32.87 ?  1969 PHE A CE2 1 
ATOM   938  C CZ  . PHE A 1 117 ? 6.909   -10.158 -2.830  1.00 37.99 ?  1969 PHE A CZ  1 
HETATM 939  C C1  . EDO B 2 .   ? 6.316   -6.948  -10.460 1.00 58.68 ?  2001 EDO A C1  1 
HETATM 940  O O1  . EDO B 2 .   ? 5.597   -7.185  -11.683 1.00 60.15 ?  2001 EDO A O1  1 
HETATM 941  C C2  . EDO B 2 .   ? 7.409   -7.998  -10.282 1.00 57.52 ?  2001 EDO A C2  1 
HETATM 942  O O2  . EDO B 2 .   ? 8.156   -7.705  -9.093  1.00 51.32 ?  2001 EDO A O2  1 
HETATM 943  C C1  . EDO C 2 .   ? -8.462  13.363  -0.648  1.00 45.05 ?  2002 EDO A C1  1 
HETATM 944  O O1  . EDO C 2 .   ? -9.799  13.393  -1.185  1.00 47.00 ?  2002 EDO A O1  1 
HETATM 945  C C2  . EDO C 2 .   ? -7.740  12.140  -1.191  1.00 35.63 ?  2002 EDO A C2  1 
HETATM 946  O O2  . EDO C 2 .   ? -8.556  11.025  -0.870  1.00 25.51 ?  2002 EDO A O2  1 
HETATM 947  C C01 . 53E D 3 .   ? -22.844 7.833   0.950   0.65 38.59 ?  2003 53E A C01 1 
HETATM 948  C C02 . 53E D 3 .   ? -22.800 7.996   -0.556  0.65 39.98 ?  2003 53E A C02 1 
HETATM 949  O O03 . 53E D 3 .   ? -21.996 7.045   -1.215  0.65 42.80 ?  2003 53E A O03 1 
HETATM 950  C C04 . 53E D 3 .   ? -21.908 5.781   -0.552  0.65 39.95 ?  2003 53E A C04 1 
HETATM 951  C C05 . 53E D 3 .   ? -21.175 4.686   -1.174  0.65 42.98 ?  2003 53E A C05 1 
HETATM 952  C C06 . 53E D 3 .   ? -21.095 3.499   -0.542  0.65 42.23 ?  2003 53E A C06 1 
HETATM 953  C C07 . 53E D 3 .   ? -21.706 3.317   0.717   0.65 41.93 ?  2003 53E A C07 1 
HETATM 954  C C08 . 53E D 3 .   ? -22.412 4.380   1.317   0.65 43.04 ?  2003 53E A C08 1 
HETATM 955  C C09 . 53E D 3 .   ? -22.500 5.588   0.683   0.65 41.67 ?  2003 53E A C09 1 
HETATM 956  O O10 . 53E D 3 .   ? -23.191 6.572   1.323   0.65 48.15 ?  2003 53E A O10 1 
HETATM 957  C C11 . 53E D 3 .   ? -20.475 4.813   -2.559  0.65 38.90 ?  2003 53E A C11 1 
HETATM 958  O O12 . 53E D 3 .   ? -20.792 4.048   -3.450  0.65 43.74 -1 2003 53E A O12 1 
HETATM 959  O O13 . 53E D 3 .   ? -19.497 5.737   -2.808  0.65 33.62 ?  2003 53E A O13 1 
HETATM 960  C C01 . 53E E 3 .   ? 0.648   -14.580 -2.294  0.68 47.20 ?  2004 53E A C01 1 
HETATM 961  C C02 . 53E E 3 .   ? -0.657  -14.096 -1.708  0.68 46.37 ?  2004 53E A C02 1 
HETATM 962  O O03 . 53E E 3 .   ? -0.469  -13.160 -0.680  0.68 50.49 ?  2004 53E A O03 1 
HETATM 963  C C04 . 53E E 3 .   ? 0.595   -13.486 0.202   0.68 47.12 ?  2004 53E A C04 1 
HETATM 964  C C05 . 53E E 3 .   ? 0.653   -12.837 1.498   0.68 44.74 ?  2004 53E A C05 1 
HETATM 965  C C06 . 53E E 3 .   ? 1.659   -13.148 2.335   0.68 46.43 ?  2004 53E A C06 1 
HETATM 966  C C07 . 53E E 3 .   ? 2.635   -14.100 1.955   0.68 49.24 ?  2004 53E A C07 1 
HETATM 967  C C08 . 53E E 3 .   ? 2.570   -14.729 0.688   0.68 49.17 ?  2004 53E A C08 1 
HETATM 968  C C09 . 53E E 3 .   ? 1.553   -14.411 -0.167  0.68 50.77 ?  2004 53E A C09 1 
HETATM 969  O O10 . 53E E 3 .   ? 1.535   -15.050 -1.373  0.68 55.33 ?  2004 53E A O10 1 
HETATM 970  C C11 . 53E E 3 .   ? -0.401  -11.779 1.943   0.68 47.94 ?  2004 53E A C11 1 
HETATM 971  O O12 . 53E E 3 .   ? -1.502  -11.498 1.185   0.68 45.01 ?  2004 53E A O12 1 
HETATM 972  O O13 . 53E E 3 .   ? -0.238  -11.161 2.984   0.68 49.72 -1 2004 53E A O13 1 
HETATM 973  O O   . HOH F 4 .   ? 7.088   6.960   -3.241  1.00 40.00 ?  2101 HOH A O   1 
HETATM 974  O O   . HOH F 4 .   ? -10.429 15.508  -2.076  1.00 47.52 ?  2102 HOH A O   1 
HETATM 975  O O   . HOH F 4 .   ? 4.628   -9.415  -11.281 1.00 49.97 ?  2103 HOH A O   1 
HETATM 976  O O   . HOH F 4 .   ? -7.383  -5.402  -1.567  1.00 31.92 ?  2104 HOH A O   1 
HETATM 977  O O   . HOH F 4 .   ? -18.943 15.144  -3.921  1.00 50.45 ?  2105 HOH A O   1 
HETATM 978  O O   . HOH F 4 .   ? 12.781  -15.514 7.595   1.00 53.98 ?  2106 HOH A O   1 
HETATM 979  O O   . HOH F 4 .   ? 1.766   -8.995  -12.834 1.00 46.73 ?  2107 HOH A O   1 
HETATM 980  O O   . HOH F 4 .   ? -8.161  -4.284  3.249   1.00 32.95 ?  2108 HOH A O   1 
HETATM 981  O O   . HOH F 4 .   ? 12.590  6.503   8.059   1.00 35.00 ?  2109 HOH A O   1 
HETATM 982  O O   . HOH F 4 .   ? -19.338 8.800   -13.793 1.00 45.87 ?  2110 HOH A O   1 
HETATM 983  O O   . HOH F 4 .   ? -4.539  8.187   3.579   1.00 22.32 ?  2111 HOH A O   1 
HETATM 984  O O   . HOH F 4 .   ? -10.475 -2.814  -7.346  1.00 31.78 ?  2112 HOH A O   1 
HETATM 985  O O   . HOH F 4 .   ? -1.276  5.919   9.714   1.00 37.90 ?  2113 HOH A O   1 
HETATM 986  O O   . HOH F 4 .   ? -13.388 7.073   11.409  1.00 46.01 ?  2114 HOH A O   1 
HETATM 987  O O   . HOH F 4 .   ? -14.228 13.596  -9.631  1.00 39.90 ?  2115 HOH A O   1 
HETATM 988  O O   . HOH F 4 .   ? -3.936  3.866   -18.743 1.00 39.28 ?  2116 HOH A O   1 
HETATM 989  O O   . HOH F 4 .   ? 1.270   16.369  1.852   1.00 42.73 ?  2117 HOH A O   1 
HETATM 990  O O   . HOH F 4 .   ? 6.160   -29.315 19.794  1.00 28.68 ?  2118 HOH A O   1 
HETATM 991  O O   . HOH F 4 .   ? 0.391   -24.671 10.489  1.00 39.04 ?  2119 HOH A O   1 
HETATM 992  O O   . HOH F 4 .   ? 2.486   8.143   -11.403 1.00 34.16 ?  2120 HOH A O   1 
HETATM 993  O O   . HOH F 4 .   ? 5.784   -22.224 16.413  1.00 44.69 ?  2121 HOH A O   1 
HETATM 994  O O   . HOH F 4 .   ? -0.155  9.294   4.645   1.00 22.35 ?  2122 HOH A O   1 
HETATM 995  O O   . HOH F 4 .   ? 7.165   1.603   12.058  1.00 44.68 ?  2123 HOH A O   1 
HETATM 996  O O   . HOH F 4 .   ? -5.829  11.299  11.289  1.00 35.37 ?  2124 HOH A O   1 
HETATM 997  O O   . HOH F 4 .   ? 12.227  7.162   1.186   1.00 38.04 ?  2125 HOH A O   1 
HETATM 998  O O   . HOH F 4 .   ? 12.621  0.944   -0.931  1.00 36.52 ?  2126 HOH A O   1 
HETATM 999  O O   . HOH F 4 .   ? -3.809  -10.467 -4.197  1.00 36.64 ?  2127 HOH A O   1 
HETATM 1000 O O   . HOH F 4 .   ? -17.181 6.287   4.622   1.00 31.30 ?  2128 HOH A O   1 
HETATM 1001 O O   . HOH F 4 .   ? -9.710  2.926   5.954   1.00 38.38 ?  2129 HOH A O   1 
HETATM 1002 O O   . HOH F 4 .   ? -7.088  -1.108  5.897   1.00 28.73 ?  2130 HOH A O   1 
HETATM 1003 O O   . HOH F 4 .   ? -2.365  12.484  5.697   1.00 28.14 ?  2131 HOH A O   1 
HETATM 1004 O O   . HOH F 4 .   ? -3.329  8.188   0.430   1.00 19.39 ?  2132 HOH A O   1 
HETATM 1005 O O   . HOH F 4 .   ? 0.710   1.512   9.306   1.00 35.43 ?  2133 HOH A O   1 
HETATM 1006 O O   . HOH F 4 .   ? 3.317   1.259   -13.665 1.00 36.99 ?  2134 HOH A O   1 
HETATM 1007 O O   . HOH F 4 .   ? 10.123  -29.307 7.788   1.00 33.80 ?  2135 HOH A O   1 
HETATM 1008 O O   . HOH F 4 .   ? -15.496 14.090  18.825  1.00 44.90 ?  2136 HOH A O   1 
HETATM 1009 O O   . HOH F 4 .   ? -10.837 0.147   -3.789  1.00 29.33 ?  2137 HOH A O   1 
HETATM 1010 O O   . HOH F 4 .   ? -3.819  16.847  0.312   1.00 32.95 ?  2138 HOH A O   1 
HETATM 1011 O O   . HOH F 4 .   ? -2.627  10.417  -0.496  1.00 21.19 ?  2139 HOH A O   1 
HETATM 1012 O O   . HOH F 4 .   ? -7.979  8.923   0.855   1.00 30.10 ?  2140 HOH A O   1 
HETATM 1013 O O   . HOH F 4 .   ? 8.838   -11.448 4.237   1.00 32.77 ?  2141 HOH A O   1 
HETATM 1014 O O   . HOH F 4 .   ? 9.460   8.401   0.412   1.00 30.52 ?  2142 HOH A O   1 
HETATM 1015 O O   . HOH F 4 .   ? -0.558  12.723  -3.852  1.00 24.24 ?  2143 HOH A O   1 
HETATM 1016 O O   . HOH F 4 .   ? -8.184  17.218  8.146   1.00 34.39 ?  2144 HOH A O   1 
HETATM 1017 O O   . HOH F 4 .   ? 1.299   -2.711  8.161   1.00 28.12 ?  2145 HOH A O   1 
HETATM 1018 O O   . HOH F 4 .   ? 9.351   5.225   -8.566  1.00 48.14 ?  2146 HOH A O   1 
HETATM 1019 O O   . HOH F 4 .   ? -13.233 12.301  -4.810  1.00 33.38 ?  2147 HOH A O   1 
HETATM 1020 O O   . HOH F 4 .   ? -20.516 7.066   -5.824  1.00 35.14 ?  2148 HOH A O   1 
HETATM 1021 O O   . HOH F 4 .   ? -1.251  -1.337  8.006   1.00 33.62 ?  2149 HOH A O   1 
HETATM 1022 O O   . HOH F 4 .   ? -1.422  -5.757  -12.145 1.00 31.83 ?  2150 HOH A O   1 
HETATM 1023 O O   . HOH F 4 .   ? -2.493  15.871  16.199  1.00 54.21 ?  2151 HOH A O   1 
HETATM 1024 O O   . HOH F 4 .   ? -5.101  9.688   -13.931 1.00 33.03 ?  2152 HOH A O   1 
HETATM 1025 O O   . HOH F 4 .   ? -13.006 19.030  9.603   1.00 40.59 ?  2153 HOH A O   1 
HETATM 1026 O O   . HOH F 4 .   ? 13.768  5.509   0.017   1.00 42.20 ?  2154 HOH A O   1 
HETATM 1027 O O   . HOH F 4 .   ? -6.504  -7.773  -10.037 1.00 36.17 ?  2155 HOH A O   1 
HETATM 1028 O O   . HOH F 4 .   ? -4.827  -3.036  5.874   1.00 26.72 ?  2156 HOH A O   1 
HETATM 1029 O O   . HOH F 4 .   ? 12.047  -14.141 -1.304  1.00 36.20 ?  2157 HOH A O   1 
HETATM 1030 O O   . HOH F 4 .   ? 11.102  -20.486 -1.485  1.00 50.69 ?  2158 HOH A O   1 
HETATM 1031 O O   . HOH F 4 .   ? -5.953  7.126   0.121   1.00 28.51 ?  2159 HOH A O   1 
HETATM 1032 O O   . HOH F 4 .   ? -17.357 5.324   -11.988 1.00 50.73 ?  2160 HOH A O   1 
HETATM 1033 O O   . HOH F 4 .   ? 15.548  -8.502  -1.011  1.00 31.44 ?  2161 HOH A O   1 
HETATM 1034 O O   . HOH F 4 .   ? -11.973 4.245   -4.040  1.00 22.70 ?  2162 HOH A O   1 
HETATM 1035 O O   . HOH F 4 .   ? 10.414  -11.658 8.143   1.00 49.23 ?  2163 HOH A O   1 
HETATM 1036 O O   . HOH F 4 .   ? -14.481 5.085   -3.389  1.00 29.11 ?  2164 HOH A O   1 
HETATM 1037 O O   . HOH F 4 .   ? -7.665  4.662   8.554   1.00 29.13 ?  2165 HOH A O   1 
HETATM 1038 O O   . HOH F 4 .   ? 12.453  -0.518  -7.701  1.00 44.68 ?  2166 HOH A O   1 
HETATM 1039 O O   . HOH F 4 .   ? 5.247   8.718   -4.023  1.00 31.21 ?  2167 HOH A O   1 
HETATM 1040 O O   . HOH F 4 .   ? -21.021 2.471   -5.888  1.00 46.13 ?  2168 HOH A O   1 
HETATM 1041 O O   . HOH F 4 .   ? -0.434  20.548  0.189   1.00 48.69 ?  2169 HOH A O   1 
HETATM 1042 O O   . HOH F 4 .   ? -9.902  2.609   -3.206  1.00 23.38 ?  2170 HOH A O   1 
HETATM 1043 O O   . HOH F 4 .   ? 0.718   -6.885  -13.891 1.00 45.38 ?  2171 HOH A O   1 
HETATM 1044 O O   . HOH F 4 .   ? 5.210   -2.133  10.121  1.00 41.23 ?  2172 HOH A O   1 
HETATM 1045 O O   . HOH F 4 .   ? -17.131 13.364  -5.291  1.00 49.56 ?  2173 HOH A O   1 
HETATM 1046 O O   . HOH F 4 .   ? -15.984 -1.248  -3.106  1.00 44.77 ?  2174 HOH A O   1 
HETATM 1047 O O   . HOH F 4 .   ? -12.091 12.902  -7.459  1.00 29.79 ?  2175 HOH A O   1 
HETATM 1048 O O   . HOH F 4 .   ? 11.226  -11.686 5.643   1.00 35.14 ?  2176 HOH A O   1 
HETATM 1049 O O   . HOH F 4 .   ? -6.273  8.836   14.438  1.00 47.66 ?  2177 HOH A O   1 
HETATM 1050 O O   . HOH F 4 .   ? 0.835   8.117   8.363   1.00 35.02 ?  2178 HOH A O   1 
HETATM 1051 O O   . HOH F 4 .   ? 3.544   10.357  6.708   1.00 40.28 ?  2179 HOH A O   1 
HETATM 1052 O O   . HOH F 4 .   ? -5.198  -7.680  3.969   1.00 36.26 ?  2180 HOH A O   1 
HETATM 1053 O O   . HOH F 4 .   ? 17.482  1.168   2.043   1.00 38.59 ?  2181 HOH A O   1 
HETATM 1054 O O   . HOH F 4 .   ? -15.971 12.036  -3.339  1.00 33.26 ?  2182 HOH A O   1 
HETATM 1055 O O   . HOH F 4 .   ? 10.500  10.339  3.804   1.00 54.39 ?  2183 HOH A O   1 
HETATM 1056 O O   . HOH F 4 .   ? -2.410  10.441  3.710   1.00 21.39 ?  2184 HOH A O   1 
HETATM 1057 O O   . HOH F 4 .   ? 18.247  -14.127 -3.120  1.00 48.72 ?  2185 HOH A O   1 
HETATM 1058 O O   . HOH F 4 .   ? 9.716   6.794   8.985   1.00 34.33 ?  2186 HOH A O   1 
HETATM 1059 O O   . HOH F 4 .   ? -12.268 -2.642  -5.485  1.00 46.12 ?  2187 HOH A O   1 
HETATM 1060 O O   . HOH F 4 .   ? 3.018   3.999   9.970   1.00 33.67 ?  2188 HOH A O   1 
HETATM 1061 O O   . HOH F 4 .   ? 14.133  -3.631  -6.333  1.00 39.41 ?  2189 HOH A O   1 
HETATM 1062 O O   . HOH F 4 .   ? -15.704 3.085   -8.646  1.00 44.93 ?  2190 HOH A O   1 
HETATM 1063 O O   . HOH F 4 .   ? 11.522  3.721   -7.207  1.00 47.30 ?  2191 HOH A O   1 
HETATM 1064 O O   . HOH F 4 .   ? -10.109 5.184   9.607   1.00 35.14 ?  2192 HOH A O   1 
HETATM 1065 O O   . HOH F 4 .   ? 7.063   -16.306 -3.172  1.00 44.67 ?  2193 HOH A O   1 
HETATM 1066 O O   . HOH F 4 .   ? 3.032   -1.187  9.702   1.00 31.67 ?  2194 HOH A O   1 
HETATM 1067 O O   . HOH F 4 .   ? 7.377   -12.256 10.703  1.00 46.68 ?  2195 HOH A O   1 
HETATM 1068 O O   . HOH F 4 .   ? 11.236  -2.859  5.451   1.00 28.08 ?  2196 HOH A O   1 
HETATM 1069 O O   . HOH F 4 .   ? -1.308  16.158  -0.861  1.00 44.07 ?  2197 HOH A O   1 
HETATM 1070 O O   . HOH F 4 .   ? 4.074   8.421   -14.041 1.00 49.80 ?  2198 HOH A O   1 
HETATM 1071 O O   . HOH F 4 .   ? -9.313  21.943  6.802   1.00 48.29 ?  2199 HOH A O   1 
HETATM 1072 O O   . HOH F 4 .   ? -0.223  3.689   -16.240 1.00 30.31 ?  2200 HOH A O   1 
HETATM 1073 O O   . HOH F 4 .   ? -0.469  16.855  6.777   1.00 40.96 ?  2201 HOH A O   1 
HETATM 1074 O O   . HOH F 4 .   ? -10.469 16.704  10.183  1.00 40.86 ?  2202 HOH A O   1 
HETATM 1075 O O   . HOH F 4 .   ? 7.279   -15.561 4.407   1.00 47.51 ?  2203 HOH A O   1 
HETATM 1076 O O   . HOH F 4 .   ? -17.087 12.152  -11.956 1.00 41.45 ?  2204 HOH A O   1 
HETATM 1077 O O   . HOH F 4 .   ? 6.009   9.162   -9.410  1.00 44.20 ?  2205 HOH A O   1 
HETATM 1078 O O   . HOH F 4 .   ? -1.823  13.944  -1.797  1.00 36.11 ?  2206 HOH A O   1 
HETATM 1079 O O   . HOH F 4 .   ? -5.204  -0.463  9.994   1.00 38.70 ?  2207 HOH A O   1 
HETATM 1080 O O   . HOH F 4 .   ? -12.981 -3.379  -3.140  1.00 44.70 ?  2208 HOH A O   1 
HETATM 1081 O O   . HOH F 4 .   ? 3.995   -24.297 11.595  1.00 52.17 ?  2209 HOH A O   1 
HETATM 1082 O O   . HOH F 4 .   ? -13.053 0.778   3.394   1.00 39.58 ?  2210 HOH A O   1 
HETATM 1083 O O   . HOH F 4 .   ? -4.595  13.676  -2.584  1.00 41.31 ?  2211 HOH A O   1 
HETATM 1084 O O   . HOH F 4 .   ? 15.102  -1.351  1.467   1.00 43.07 ?  2212 HOH A O   1 
HETATM 1085 O O   . HOH F 4 .   ? 5.112   -2.802  -14.553 1.00 50.32 ?  2213 HOH A O   1 
HETATM 1086 O O   . HOH F 4 .   ? 5.460   0.196   -14.579 1.00 48.50 ?  2214 HOH A O   1 
HETATM 1087 O O   . HOH F 4 .   ? -8.260  -5.809  1.135   1.00 41.13 ?  2215 HOH A O   1 
HETATM 1088 O O   . HOH F 4 .   ? 0.759   10.416  -11.287 1.00 35.80 ?  2216 HOH A O   1 
HETATM 1089 O O   . HOH F 4 .   ? 0.204   14.448  -7.802  1.00 48.99 ?  2217 HOH A O   1 
HETATM 1090 O O   . HOH F 4 .   ? -3.605  -12.534 -2.534  1.00 43.12 ?  2218 HOH A O   1 
HETATM 1091 O O   . HOH F 4 .   ? -19.229 4.717   -10.113 1.00 49.59 ?  2219 HOH A O   1 
HETATM 1092 O O   . HOH F 4 .   ? -6.102  -10.170 -8.598  1.00 40.32 ?  2220 HOH A O   1 
HETATM 1093 O O   . HOH F 4 .   ? 3.155   -17.412 -8.239  1.00 57.24 ?  2221 HOH A O   1 
HETATM 1094 O O   . HOH F 4 .   ? -6.549  -10.206 0.423   1.00 50.88 ?  2222 HOH A O   1 
HETATM 1095 O O   . HOH F 4 .   ? 1.090   14.321  -5.592  1.00 46.81 ?  2223 HOH A O   1 
HETATM 1096 O O   . HOH F 4 .   ? -2.878  15.559  -5.945  1.00 48.53 ?  2224 HOH A O   1 
HETATM 1097 O O   . HOH F 4 .   ? -11.077 19.166  1.179   1.00 51.17 ?  2225 HOH A O   1 
HETATM 1098 O O   . HOH F 4 .   ? -16.937 -0.135  -7.844  1.00 51.47 ?  2226 HOH A O   1 
HETATM 1099 O O   . HOH F 4 .   ? 7.570   -13.256 5.331   1.00 40.03 ?  2227 HOH A O   1 
HETATM 1100 O O   . HOH F 4 .   ? 1.009   17.665  4.030   1.00 49.33 ?  2228 HOH A O   1 
HETATM 1101 O O   . HOH F 4 .   ? 7.529   6.927   7.579   1.00 43.48 ?  2229 HOH A O   1 
HETATM 1102 O O   . HOH F 4 .   ? -4.602  -10.446 -16.932 1.00 48.42 ?  2230 HOH A O   1 
HETATM 1103 O O   . HOH F 4 .   ? -7.346  -8.420  2.055   1.00 50.44 ?  2231 HOH A O   1 
HETATM 1104 O O   . HOH F 4 .   ? 1.060   10.050  6.965   1.00 27.59 ?  2232 HOH A O   1 
HETATM 1105 O O   . HOH F 4 .   ? 15.785  -3.390  -2.380  1.00 48.62 ?  2233 HOH A O   1 
HETATM 1106 O O   . HOH F 4 .   ? -3.769  -1.879  8.484   1.00 31.04 ?  2234 HOH A O   1 
HETATM 1107 O O   . HOH F 4 .   ? 0.452   1.166   -16.168 1.00 40.31 ?  2235 HOH A O   1 
HETATM 1108 O O   . HOH F 4 .   ? -7.613  -9.544  -1.310  1.00 45.25 ?  2236 HOH A O   1 
HETATM 1109 O O   . HOH F 4 .   ? -9.246  -6.706  -3.164  1.00 46.20 ?  2237 HOH A O   1 
HETATM 1110 O O   . HOH F 4 .   ? -6.302  7.158   16.327  1.00 52.53 ?  2238 HOH A O   1 
HETATM 1111 O O   . HOH F 4 .   ? -6.110  -5.034  4.755   1.00 33.41 ?  2239 HOH A O   1 
HETATM 1112 O O   . HOH F 4 .   ? -1.074  -25.385 6.544   1.00 48.05 ?  2240 HOH A O   1 
HETATM 1113 O O   . HOH F 4 .   ? 13.997  3.334   -5.552  1.00 50.89 ?  2241 HOH A O   1 
HETATM 1114 O O   . HOH F 4 .   ? 14.593  -1.586  -0.726  1.00 50.22 ?  2242 HOH A O   1 
HETATM 1115 O O   . HOH F 4 .   ? 8.975   -21.164 -1.760  1.00 62.14 ?  2243 HOH A O   1 
HETATM 1116 O O   . HOH F 4 .   ? 8.134   7.739   -8.986  1.00 53.04 ?  2244 HOH A O   1 
HETATM 1117 O O   . HOH F 4 .   ? -13.902 1.823   -10.669 1.00 44.31 ?  2245 HOH A O   1 
HETATM 1118 O O   . HOH F 4 .   ? -9.627  21.107  8.871   1.00 41.52 ?  2246 HOH A O   1 
HETATM 1119 O O   . HOH F 4 .   ? 0.721   17.941  -0.701  1.00 46.71 ?  2247 HOH A O   1 
HETATM 1120 O O   . HOH F 4 .   ? 8.677   -13.266 8.791   1.00 53.54 ?  2248 HOH A O   1 
HETATM 1121 O O   . HOH F 4 .   ? -12.519 -0.081  5.349   1.00 45.68 ?  2249 HOH A O   1 
HETATM 1122 O O   . HOH F 4 .   ? -11.284 16.259  -4.118  1.00 43.97 ?  2250 HOH A O   1 
HETATM 1123 O O   . HOH F 4 .   ? -5.009  14.536  -4.858  1.00 43.30 ?  2251 HOH A O   1 
HETATM 1124 O O   . HOH F 4 .   ? 0.552   14.600  7.720   1.00 45.10 ?  2252 HOH A O   1 
HETATM 1125 O O   . HOH F 4 .   ? -13.137 5.306   13.018  1.00 55.00 ?  2253 HOH A O   1 
HETATM 1126 O O   . HOH F 4 .   ? -5.750  15.118  -0.860  1.00 40.29 ?  2254 HOH A O   1 
HETATM 1127 O O   . HOH F 4 .   ? -15.612 -0.354  -9.670  1.00 51.29 ?  2255 HOH A O   1 
HETATM 1128 O O   . HOH F 4 .   ? -7.340  2.043   9.581   1.00 37.82 ?  2256 HOH A O   1 
HETATM 1129 O O   . HOH F 4 .   ? 9.318   8.554   -2.397  1.00 39.00 ?  2257 HOH A O   1 
HETATM 1130 O O   . HOH F 4 .   ? 4.966   -3.753  12.336  1.00 46.02 ?  2258 HOH A O   1 
HETATM 1131 O O   . HOH F 4 .   ? -8.684  0.428   7.737   1.00 36.05 ?  2259 HOH A O   1 
HETATM 1132 O O   . HOH F 4 .   ? -3.407  11.440  11.918  1.00 38.44 ?  2260 HOH A O   1 
HETATM 1133 O O   . HOH F 4 .   ? 0.032   3.496   10.347  1.00 45.41 ?  2261 HOH A O   1 
HETATM 1134 O O   . HOH F 4 .   ? -0.556  12.133  7.766   1.00 28.28 ?  2262 HOH A O   1 
HETATM 1135 O O   . HOH F 4 .   ? -10.756 3.444   11.421  1.00 51.23 ?  2263 HOH A O   1 
HETATM 1136 O O   . HOH F 4 .   ? 2.975   6.049   9.356   1.00 36.07 ?  2264 HOH A O   1 
HETATM 1137 O O   . HOH F 4 .   ? -10.183 14.970  -7.953  1.00 34.34 ?  2265 HOH A O   1 
HETATM 1138 O O   . HOH F 4 .   ? 16.476  -3.636  -5.514  1.00 54.81 ?  2266 HOH A O   1 
HETATM 1139 O O   . HOH F 4 .   ? 8.137   11.359  -2.681  1.00 41.98 ?  2267 HOH A O   1 
HETATM 1140 O O   . HOH F 4 .   ? -9.949  18.261  -1.128  1.00 49.68 ?  2268 HOH A O   1 
HETATM 1141 O O   . HOH F 4 .   ? 8.854   9.141   -6.433  1.00 53.10 ?  2269 HOH A O   1 
HETATM 1142 O O   . HOH F 4 .   ? -8.830  2.397   12.079  1.00 54.18 ?  2270 HOH A O   1 
HETATM 1143 O O   . HOH F 4 .   ? -1.137  11.567  10.493  1.00 35.51 ?  2271 HOH A O   1 
HETATM 1144 O O   . HOH F 4 .   ? 8.763   -31.919 4.150   1.00 40.46 ?  2272 HOH A O   1 
HETATM 1145 O O   . HOH F 4 .   ? 3.134   14.362  6.533   1.00 47.39 ?  2273 HOH A O   1 
HETATM 1146 O O   . HOH F 4 .   ? 0.928   16.989  -4.164  1.00 44.41 ?  2274 HOH A O   1 
HETATM 1147 O O   . HOH F 4 .   ? -6.791  16.376  -5.550  1.00 48.57 ?  2275 HOH A O   1 
HETATM 1148 O O   . HOH F 4 .   ? 0.415   13.827  11.536  1.00 53.96 ?  2276 HOH A O   1 
HETATM 1149 O O   . HOH F 4 .   ? 4.090   13.348  -8.969  1.00 52.26 ?  2277 HOH A O   1 
# 
